data_3OPI
# 
_entry.id   3OPI 
# 
_audit_conform.dict_name       mmcif_pdbx.dic 
_audit_conform.dict_version    5.379 
_audit_conform.dict_location   http://mmcif.pdb.org/dictionaries/ascii/mmcif_pdbx.dic 
# 
loop_
_database_2.database_id 
_database_2.database_code 
_database_2.pdbx_database_accession 
_database_2.pdbx_DOI 
PDB   3OPI         pdb_00003opi 10.2210/pdb3opi/pdb 
NDB   NA0773       ?            ?                   
RCSB  RCSB061410   ?            ?                   
WWPDB D_1000061410 ?            ?                   
# 
_pdbx_database_status.status_code                     REL 
_pdbx_database_status.entry_id                        3OPI 
_pdbx_database_status.recvd_initial_deposition_date   2010-09-01 
_pdbx_database_status.deposit_site                    RCSB 
_pdbx_database_status.process_site                    RCSB 
_pdbx_database_status.status_code_sf                  REL 
_pdbx_database_status.status_code_mr                  ? 
_pdbx_database_status.SG_entry                        ? 
_pdbx_database_status.status_code_cs                  ? 
_pdbx_database_status.pdb_format_compatible           Y 
_pdbx_database_status.methods_development_category    ? 
_pdbx_database_status.status_code_nmr_data            ? 
# 
loop_
_audit_author.name 
_audit_author.pdbx_ordinal 
'Kowal, E.A.'  1 
'Ganguly, M.'  2 
'Pallan, P.S.' 3 
'Marky, L.A.'  4 
'Gold, B.'     5 
'Egli, M.'     6 
'Stone, M.P.'  7 
# 
_citation.id                        primary 
_citation.title                     
;Altering the Electrostatic Potential in the Major Groove: Thermodynamic and Structural Characterization of 7-Deaza-2'-deoxyadenosine:dT Base Pairing in DNA.
;
_citation.journal_abbrev            J.Phys.Chem.B 
_citation.journal_volume            115 
_citation.page_first                13925 
_citation.page_last                 13934 
_citation.year                      2011 
_citation.journal_id_ASTM           JPCBFK 
_citation.country                   US 
_citation.journal_id_ISSN           1089-5647 
_citation.journal_id_CSD            1278 
_citation.book_publisher            ? 
_citation.pdbx_database_id_PubMed   22059929 
_citation.pdbx_database_id_DOI      10.1021/jp207104w 
# 
loop_
_citation_author.citation_id 
_citation_author.name 
_citation_author.ordinal 
_citation_author.identifier_ORCID 
primary 'Kowal, E.A.'  1 ? 
primary 'Ganguly, M.'  2 ? 
primary 'Pallan, P.S.' 3 ? 
primary 'Marky, L.A.'  4 ? 
primary 'Gold, B.'     5 ? 
primary 'Egli, M.'     6 ? 
primary 'Stone, M.P.'  7 ? 
# 
_cell.entry_id           3OPI 
_cell.length_a           25.635 
_cell.length_b           40.310 
_cell.length_c           65.928 
_cell.angle_alpha        90.00 
_cell.angle_beta         90.00 
_cell.angle_gamma        90.00 
_cell.Z_PDB              8 
_cell.pdbx_unique_axis   ? 
_cell.length_a_esd       ? 
_cell.length_b_esd       ? 
_cell.length_c_esd       ? 
_cell.angle_alpha_esd    ? 
_cell.angle_beta_esd     ? 
_cell.angle_gamma_esd    ? 
# 
_symmetry.entry_id                         3OPI 
_symmetry.space_group_name_H-M             'P 21 21 21' 
_symmetry.pdbx_full_space_group_name_H-M   ? 
_symmetry.cell_setting                     ? 
_symmetry.Int_Tables_number                19 
_symmetry.space_group_name_Hall            ? 
# 
loop_
_entity.id 
_entity.type 
_entity.src_method 
_entity.pdbx_description 
_entity.formula_weight 
_entity.pdbx_number_of_molecules 
_entity.pdbx_ec 
_entity.pdbx_mutation 
_entity.pdbx_fragment 
_entity.details 
1 polymer     syn 
;DNA (5'-D(*CP*GP*CP*GP*AP*(7DA)P*TP*TP*CP*GP*CP*G)-3')
;
3662.404 2   ? ? ? ? 
2 non-polymer syn 'MAGNESIUM ION'                                          24.305   1   ? ? ? ? 
3 non-polymer syn 'SODIUM ION'                                             22.990   4   ? ? ? ? 
4 water       nat water                                                    18.015   133 ? ? ? ? 
# 
_entity_poly.entity_id                      1 
_entity_poly.type                           polydeoxyribonucleotide 
_entity_poly.nstd_linkage                   no 
_entity_poly.nstd_monomer                   yes 
_entity_poly.pdbx_seq_one_letter_code       '(DC)(DG)(DC)(DG)(DA)(7DA)(DT)(DT)(DC)(DG)(DC)(DG)' 
_entity_poly.pdbx_seq_one_letter_code_can   CGCGAATTCGCG 
_entity_poly.pdbx_strand_id                 A,B 
_entity_poly.pdbx_target_identifier         ? 
# 
loop_
_entity_poly_seq.entity_id 
_entity_poly_seq.num 
_entity_poly_seq.mon_id 
_entity_poly_seq.hetero 
1 1  DC  n 
1 2  DG  n 
1 3  DC  n 
1 4  DG  n 
1 5  DA  n 
1 6  7DA n 
1 7  DT  n 
1 8  DT  n 
1 9  DC  n 
1 10 DG  n 
1 11 DC  n 
1 12 DG  n 
# 
_struct_ref.id                         1 
_struct_ref.db_name                    PDB 
_struct_ref.db_code                    3OPI 
_struct_ref.pdbx_db_accession          3OPI 
_struct_ref.entity_id                  1 
_struct_ref.pdbx_seq_one_letter_code   CGCGAATTCGCG 
_struct_ref.pdbx_align_begin           ? 
_struct_ref.pdbx_db_isoform            ? 
# 
loop_
_struct_ref_seq.align_id 
_struct_ref_seq.ref_id 
_struct_ref_seq.pdbx_PDB_id_code 
_struct_ref_seq.pdbx_strand_id 
_struct_ref_seq.seq_align_beg 
_struct_ref_seq.pdbx_seq_align_beg_ins_code 
_struct_ref_seq.seq_align_end 
_struct_ref_seq.pdbx_seq_align_end_ins_code 
_struct_ref_seq.pdbx_db_accession 
_struct_ref_seq.db_align_beg 
_struct_ref_seq.pdbx_db_align_beg_ins_code 
_struct_ref_seq.db_align_end 
_struct_ref_seq.pdbx_db_align_end_ins_code 
_struct_ref_seq.pdbx_auth_seq_align_beg 
_struct_ref_seq.pdbx_auth_seq_align_end 
1 1 3OPI A 1 ? 12 ? 3OPI 101 ? 112 ? 101 112 
2 1 3OPI B 1 ? 12 ? 3OPI 213 ? 224 ? 213 224 
# 
loop_
_chem_comp.id 
_chem_comp.type 
_chem_comp.mon_nstd_flag 
_chem_comp.name 
_chem_comp.pdbx_synonyms 
_chem_comp.formula 
_chem_comp.formula_weight 
7DA 'DNA linking' n "7-DEAZA-2'-DEOXYADENOSINE-5'-MONOPHOSPHATE" ? 'C11 H15 N4 O6 P' 330.234 
DA  'DNA linking' y "2'-DEOXYADENOSINE-5'-MONOPHOSPHATE"         ? 'C10 H14 N5 O6 P' 331.222 
DC  'DNA linking' y "2'-DEOXYCYTIDINE-5'-MONOPHOSPHATE"          ? 'C9 H14 N3 O7 P'  307.197 
DG  'DNA linking' y "2'-DEOXYGUANOSINE-5'-MONOPHOSPHATE"         ? 'C10 H14 N5 O7 P' 347.221 
DT  'DNA linking' y "THYMIDINE-5'-MONOPHOSPHATE"                 ? 'C10 H15 N2 O8 P' 322.208 
HOH non-polymer   . WATER                                        ? 'H2 O'            18.015  
MG  non-polymer   . 'MAGNESIUM ION'                              ? 'Mg 2'            24.305  
NA  non-polymer   . 'SODIUM ION'                                 ? 'Na 1'            22.990  
# 
_exptl.entry_id          3OPI 
_exptl.method            'X-RAY DIFFRACTION' 
_exptl.crystals_number   1 
# 
_exptl_crystal.id                    1 
_exptl_crystal.density_meas          ? 
_exptl_crystal.density_Matthews      2.33 
_exptl_crystal.density_percent_sol   47.10 
_exptl_crystal.description           ? 
_exptl_crystal.F_000                 ? 
_exptl_crystal.preparation           ? 
# 
_exptl_crystal_grow.crystal_id      1 
_exptl_crystal_grow.method          'VAPOR DIFFUSION, HANGING DROP' 
_exptl_crystal_grow.temp            291 
_exptl_crystal_grow.temp_details    ? 
_exptl_crystal_grow.pH              6.0 
_exptl_crystal_grow.pdbx_details    
;DROPLETS CONTAINING 0.6 MM OLIGONUCLEOTIDE, 5% 2-METHYL-2,4-PENTANEDIOL (MPD), 20 MM SODIUM CACODYLATE, 6 MM SPERMINE TETRAHYDROCHLORIDE, 40 MM NACL WERE EQUILIBRATED AGAINST A RESERVOIR OF 0.75 ML OF 35% MPD, pH 6.0, VAPOR DIFFUSION, HANGING DROP, temperature 291K
;
_exptl_crystal_grow.pdbx_pH_range   ? 
# 
_diffrn.id                     1 
_diffrn.ambient_temp           100 
_diffrn.ambient_temp_details   ? 
_diffrn.crystal_id             1 
# 
_diffrn_detector.diffrn_id              1 
_diffrn_detector.detector               CCD 
_diffrn_detector.type                   'MARMOSAIC 225 mm CCD' 
_diffrn_detector.pdbx_collection_date   2007-10-20 
_diffrn_detector.details                ? 
# 
_diffrn_radiation.diffrn_id                        1 
_diffrn_radiation.wavelength_id                    1 
_diffrn_radiation.pdbx_monochromatic_or_laue_m_l   M 
_diffrn_radiation.monochromator                    ? 
_diffrn_radiation.pdbx_diffrn_protocol             'SINGLE WAVELENGTH' 
_diffrn_radiation.pdbx_scattering_type             x-ray 
# 
_diffrn_radiation_wavelength.id           1 
_diffrn_radiation_wavelength.wavelength   0.9785 
_diffrn_radiation_wavelength.wt           1.0 
# 
_diffrn_source.diffrn_id                   1 
_diffrn_source.source                      SYNCHROTRON 
_diffrn_source.type                        'APS BEAMLINE 21-ID-F' 
_diffrn_source.pdbx_synchrotron_site       APS 
_diffrn_source.pdbx_synchrotron_beamline   21-ID-F 
_diffrn_source.pdbx_wavelength             ? 
_diffrn_source.pdbx_wavelength_list        0.9785 
# 
_reflns.entry_id                     3OPI 
_reflns.observed_criterion_sigma_I   165.4 
_reflns.observed_criterion_sigma_F   ? 
_reflns.d_resolution_low             50.0 
_reflns.d_resolution_high            1.10 
_reflns.number_obs                   27920 
_reflns.number_all                   28548 
_reflns.percent_possible_obs         97.8 
_reflns.pdbx_Rmerge_I_obs            0.048 
_reflns.pdbx_netI_over_sigmaI        61.3 
_reflns.B_iso_Wilson_estimate        ? 
_reflns.pdbx_redundancy              10.6 
_reflns.R_free_details               ? 
_reflns.limit_h_max                  ? 
_reflns.limit_h_min                  ? 
_reflns.limit_k_max                  ? 
_reflns.limit_k_min                  ? 
_reflns.limit_l_max                  ? 
_reflns.limit_l_min                  ? 
_reflns.observed_criterion_F_max     ? 
_reflns.observed_criterion_F_min     ? 
_reflns.pdbx_chi_squared             ? 
_reflns.pdbx_scaling_rejects         ? 
_reflns.pdbx_Rsym_value              ? 
_reflns.pdbx_ordinal                 1 
_reflns.pdbx_diffrn_id               1 
# 
_reflns_shell.d_res_high             1.10 
_reflns_shell.d_res_low              1.14 
_reflns_shell.percent_possible_all   95.8 
_reflns_shell.Rmerge_I_obs           0.39 
_reflns_shell.pdbx_Rsym_value        ? 
_reflns_shell.meanI_over_sigI_obs    ? 
_reflns_shell.pdbx_redundancy        6.9 
_reflns_shell.percent_possible_obs   ? 
_reflns_shell.number_unique_all      2679 
_reflns_shell.number_measured_all    ? 
_reflns_shell.number_measured_obs    ? 
_reflns_shell.number_unique_obs      ? 
_reflns_shell.pdbx_chi_squared       ? 
_reflns_shell.pdbx_ordinal           1 
_reflns_shell.pdbx_diffrn_id         1 
# 
_refine.entry_id                                 3OPI 
_refine.ls_number_reflns_obs                     27920 
_refine.ls_number_reflns_all                     28548 
_refine.pdbx_ls_sigma_I                          ? 
_refine.pdbx_ls_sigma_F                          ? 
_refine.pdbx_data_cutoff_high_absF               ? 
_refine.pdbx_data_cutoff_low_absF                ? 
_refine.pdbx_data_cutoff_high_rms_absF           ? 
_refine.ls_d_res_low                             34.4 
_refine.ls_d_res_high                            1.10 
_refine.ls_percent_reflns_obs                    ? 
_refine.ls_R_factor_obs                          ? 
_refine.ls_R_factor_all                          0.164 
_refine.ls_R_factor_R_work                       0.161 
_refine.ls_R_factor_R_free                       0.195 
_refine.ls_R_factor_R_free_error                 ? 
_refine.ls_R_factor_R_free_error_details         ? 
_refine.ls_percent_reflns_R_free                 ? 
_refine.ls_number_reflns_R_free                  2162 
_refine.ls_number_parameters                     ? 
_refine.ls_number_restraints                     ? 
_refine.occupancy_min                            ? 
_refine.occupancy_max                            ? 
_refine.correlation_coeff_Fo_to_Fc               ? 
_refine.correlation_coeff_Fo_to_Fc_free          ? 
_refine.B_iso_mean                               ? 
_refine.aniso_B[1][1]                            ? 
_refine.aniso_B[2][2]                            ? 
_refine.aniso_B[3][3]                            ? 
_refine.aniso_B[1][2]                            ? 
_refine.aniso_B[1][3]                            ? 
_refine.aniso_B[2][3]                            ? 
_refine.solvent_model_details                    ? 
_refine.solvent_model_param_ksol                 ? 
_refine.solvent_model_param_bsol                 ? 
_refine.pdbx_solvent_vdw_probe_radii             ? 
_refine.pdbx_solvent_ion_probe_radii             ? 
_refine.pdbx_solvent_shrinkage_radii             ? 
_refine.pdbx_ls_cross_valid_method               ? 
_refine.details                                  ? 
_refine.pdbx_starting_model                      'PDB ENTRY 355D' 
_refine.pdbx_method_to_determine_struct          'MOLECULAR REPLACEMENT' 
_refine.pdbx_isotropic_thermal_model             ? 
_refine.pdbx_stereochemistry_target_values       ? 
_refine.pdbx_stereochem_target_val_spec_case     ? 
_refine.pdbx_R_Free_selection_details            RANDOM 
_refine.pdbx_overall_ESU_R_Free                  ? 
_refine.overall_SU_ML                            ? 
_refine.overall_SU_B                             ? 
_refine.overall_SU_R_Cruickshank_DPI             ? 
_refine.ls_redundancy_reflns_obs                 ? 
_refine.B_iso_min                                ? 
_refine.B_iso_max                                ? 
_refine.overall_SU_R_free                        ? 
_refine.ls_wR_factor_R_free                      ? 
_refine.ls_wR_factor_R_work                      ? 
_refine.overall_FOM_free_R_set                   ? 
_refine.overall_FOM_work_R_set                   ? 
_refine.pdbx_overall_phase_error                 ? 
_refine.pdbx_refine_id                           'X-RAY DIFFRACTION' 
_refine.pdbx_diffrn_id                           1 
_refine.pdbx_overall_ESU_R                       ? 
_refine.pdbx_TLS_residual_ADP_flag               ? 
_refine.pdbx_overall_SU_R_free_Cruickshank_DPI   ? 
_refine.pdbx_overall_SU_R_Blow_DPI               ? 
_refine.pdbx_overall_SU_R_free_Blow_DPI          ? 
# 
_refine_hist.pdbx_refine_id                   'X-RAY DIFFRACTION' 
_refine_hist.cycle_id                         LAST 
_refine_hist.pdbx_number_atoms_protein        0 
_refine_hist.pdbx_number_atoms_nucleic_acid   486 
_refine_hist.pdbx_number_atoms_ligand         5 
_refine_hist.number_atoms_solvent             133 
_refine_hist.number_atoms_total               624 
_refine_hist.d_res_high                       1.10 
_refine_hist.d_res_low                        34.4 
# 
loop_
_refine_ls_restr.type 
_refine_ls_restr.dev_ideal 
_refine_ls_restr.dev_ideal_target 
_refine_ls_restr.weight 
_refine_ls_restr.number 
_refine_ls_restr.pdbx_refine_id 
_refine_ls_restr.pdbx_restraint_function 
p_bond_d    0.0236 ? ? ? 'X-RAY DIFFRACTION' ? 
o_angle_deg 1.95   ? ? ? 'X-RAY DIFFRACTION' ? 
# 
_refine_ls_shell.pdbx_refine_id                   'X-RAY DIFFRACTION' 
_refine_ls_shell.pdbx_total_number_of_bins_used   ? 
_refine_ls_shell.d_res_high                       1.10 
_refine_ls_shell.d_res_low                        1.14 
_refine_ls_shell.number_reflns_R_work             ? 
_refine_ls_shell.R_factor_R_work                  0.161 
_refine_ls_shell.percent_reflns_obs               97.9 
_refine_ls_shell.R_factor_R_free                  0.195 
_refine_ls_shell.R_factor_R_free_error            ? 
_refine_ls_shell.percent_reflns_R_free            ? 
_refine_ls_shell.number_reflns_R_free             2162 
_refine_ls_shell.number_reflns_all                ? 
_refine_ls_shell.R_factor_all                     ? 
_refine_ls_shell.number_reflns_obs                2679 
_refine_ls_shell.redundancy_reflns_obs            ? 
# 
_struct.entry_id                  3OPI 
_struct.title                     
;7-DEAZA-2'-DEOXYADENOSINE modification in B-FORM DNA
;
_struct.pdbx_model_details        ? 
_struct.pdbx_CASP_flag            ? 
_struct.pdbx_model_type_details   ? 
# 
_struct_keywords.entry_id        3OPI 
_struct_keywords.pdbx_keywords   DNA 
_struct_keywords.text            'B-DNA, DODECAMER, 7-DEAZA-DEOXYADENOSINE, 7-DEAZA-DA, DNA' 
# 
loop_
_struct_asym.id 
_struct_asym.pdbx_blank_PDB_chainid_flag 
_struct_asym.pdbx_modified 
_struct_asym.entity_id 
_struct_asym.details 
A N N 1 ? 
B N N 1 ? 
C N N 2 ? 
D N N 3 ? 
E N N 3 ? 
F N N 3 ? 
G N N 3 ? 
H N N 4 ? 
I N N 4 ? 
# 
_struct_biol.id        1 
_struct_biol.details   ? 
# 
loop_
_struct_conn.id 
_struct_conn.conn_type_id 
_struct_conn.pdbx_leaving_atom_flag 
_struct_conn.pdbx_PDB_id 
_struct_conn.ptnr1_label_asym_id 
_struct_conn.ptnr1_label_comp_id 
_struct_conn.ptnr1_label_seq_id 
_struct_conn.ptnr1_label_atom_id 
_struct_conn.pdbx_ptnr1_label_alt_id 
_struct_conn.pdbx_ptnr1_PDB_ins_code 
_struct_conn.pdbx_ptnr1_standard_comp_id 
_struct_conn.ptnr1_symmetry 
_struct_conn.ptnr2_label_asym_id 
_struct_conn.ptnr2_label_comp_id 
_struct_conn.ptnr2_label_seq_id 
_struct_conn.ptnr2_label_atom_id 
_struct_conn.pdbx_ptnr2_label_alt_id 
_struct_conn.pdbx_ptnr2_PDB_ins_code 
_struct_conn.ptnr1_auth_asym_id 
_struct_conn.ptnr1_auth_comp_id 
_struct_conn.ptnr1_auth_seq_id 
_struct_conn.ptnr2_auth_asym_id 
_struct_conn.ptnr2_auth_comp_id 
_struct_conn.ptnr2_auth_seq_id 
_struct_conn.ptnr2_symmetry 
_struct_conn.pdbx_ptnr3_label_atom_id 
_struct_conn.pdbx_ptnr3_label_seq_id 
_struct_conn.pdbx_ptnr3_label_comp_id 
_struct_conn.pdbx_ptnr3_label_asym_id 
_struct_conn.pdbx_ptnr3_label_alt_id 
_struct_conn.pdbx_ptnr3_PDB_ins_code 
_struct_conn.details 
_struct_conn.pdbx_dist_value 
_struct_conn.pdbx_value_order 
_struct_conn.pdbx_role 
covale1  covale both ? A DA  5  "O3'" A ? ? 1_555 A 7DA 6  P  A ? A DA  105 A 7DA 106 1_555 ? ? ? ? ? ? ?            1.723 ? ? 
covale2  covale both ? A DA  5  "O3'" B ? ? 1_555 A 7DA 6  P  B ? A DA  105 A 7DA 106 1_555 ? ? ? ? ? ? ?            1.558 ? ? 
covale3  covale both ? A 7DA 6  "O3'" A ? ? 1_555 A DT  7  P  ? ? A 7DA 106 A DT  107 1_555 ? ? ? ? ? ? ?            1.660 ? ? 
covale4  covale both ? A 7DA 6  "O3'" B ? ? 1_555 A DT  7  P  ? ? A 7DA 106 A DT  107 1_555 ? ? ? ? ? ? ?            1.511 ? ? 
covale5  covale both ? B DA  5  "O3'" ? ? ? 1_555 B 7DA 6  P  ? ? B DA  217 B 7DA 218 1_555 ? ? ? ? ? ? ?            1.556 ? ? 
covale6  covale both ? B 7DA 6  "O3'" ? ? ? 1_555 B DT  7  P  ? ? B 7DA 218 B DT  219 1_555 ? ? ? ? ? ? ?            1.557 ? ? 
metalc1  metalc ?    ? A DT  7  O2    ? ? ? 1_555 D NA  .  NA ? ? A DT  107 A NA  400 1_555 ? ? ? ? ? ? ?            2.731 ? ? 
metalc2  metalc ?    ? A DT  7  OP1   ? ? ? 1_555 E NA  .  NA ? ? A DT  107 A NA  401 1_555 ? ? ? ? ? ? ?            2.748 ? ? 
metalc3  metalc ?    ? C MG  .  MG    ? ? ? 1_555 H HOH .  O  ? ? A MG  301 A HOH 407 1_555 ? ? ? ? ? ? ?            2.092 ? ? 
metalc4  metalc ?    ? C MG  .  MG    ? ? ? 1_555 H HOH .  O  ? ? A MG  301 A HOH 408 1_555 ? ? ? ? ? ? ?            2.085 ? ? 
metalc5  metalc ?    ? C MG  .  MG    ? ? ? 1_555 H HOH .  O  ? ? A MG  301 A HOH 410 1_555 ? ? ? ? ? ? ?            2.080 ? ? 
metalc6  metalc ?    ? D NA  .  NA    ? ? ? 1_555 B DT  7  O2 ? ? A NA  400 B DT  219 1_555 ? ? ? ? ? ? ?            2.782 ? ? 
metalc7  metalc ?    ? D NA  .  NA    ? ? ? 1_555 I HOH .  O  ? ? A NA  400 B HOH 441 1_555 ? ? ? ? ? ? ?            2.793 ? ? 
metalc8  metalc ?    ? D NA  .  NA    ? ? ? 1_555 I HOH .  O  ? ? A NA  400 B HOH 450 1_555 ? ? ? ? ? ? ?            2.877 ? ? 
metalc9  metalc ?    ? E NA  .  NA    ? ? ? 1_555 H HOH .  O  ? ? A NA  401 A HOH 443 1_555 ? ? ? ? ? ? ?            2.732 ? ? 
metalc10 metalc ?    ? F NA  .  NA    ? ? ? 1_555 H HOH .  O  ? ? A NA  402 A HOH 484 1_555 ? ? ? ? ? ? ?            2.870 ? ? 
metalc11 metalc ?    ? F NA  .  NA    ? ? ? 1_555 H HOH .  O  ? ? A NA  402 A HOH 519 1_555 ? ? ? ? ? ? ?            3.021 ? ? 
metalc12 metalc ?    ? B DC  3  OP1   ? ? ? 1_555 G NA  .  NA ? ? B DC  215 B NA  403 1_555 ? ? ? ? ? ? ?            2.683 ? ? 
metalc13 metalc ?    ? G NA  .  NA    ? ? ? 1_555 I HOH .  O  ? ? B NA  403 B HOH 533 1_555 ? ? ? ? ? ? ?            2.781 ? ? 
hydrog1  hydrog ?    ? A DC  1  N3    ? ? ? 1_555 B DG  12 N1 ? ? A DC  101 B DG  224 1_555 ? ? ? ? ? ? WATSON-CRICK ?     ? ? 
hydrog2  hydrog ?    ? A DC  1  N4    ? ? ? 1_555 B DG  12 O6 ? ? A DC  101 B DG  224 1_555 ? ? ? ? ? ? WATSON-CRICK ?     ? ? 
hydrog3  hydrog ?    ? A DC  1  O2    ? ? ? 1_555 B DG  12 N2 ? ? A DC  101 B DG  224 1_555 ? ? ? ? ? ? WATSON-CRICK ?     ? ? 
hydrog4  hydrog ?    ? A DG  2  N1    ? ? ? 1_555 B DC  11 N3 ? ? A DG  102 B DC  223 1_555 ? ? ? ? ? ? WATSON-CRICK ?     ? ? 
hydrog5  hydrog ?    ? A DG  2  N2    ? ? ? 1_555 B DC  11 O2 ? ? A DG  102 B DC  223 1_555 ? ? ? ? ? ? WATSON-CRICK ?     ? ? 
hydrog6  hydrog ?    ? A DG  2  O6    ? ? ? 1_555 B DC  11 N4 ? ? A DG  102 B DC  223 1_555 ? ? ? ? ? ? WATSON-CRICK ?     ? ? 
hydrog7  hydrog ?    ? A DC  3  N3    ? ? ? 1_555 B DG  10 N1 ? ? A DC  103 B DG  222 1_555 ? ? ? ? ? ? WATSON-CRICK ?     ? ? 
hydrog8  hydrog ?    ? A DC  3  N4    ? ? ? 1_555 B DG  10 O6 ? ? A DC  103 B DG  222 1_555 ? ? ? ? ? ? WATSON-CRICK ?     ? ? 
hydrog9  hydrog ?    ? A DC  3  O2    ? ? ? 1_555 B DG  10 N2 ? ? A DC  103 B DG  222 1_555 ? ? ? ? ? ? WATSON-CRICK ?     ? ? 
hydrog10 hydrog ?    ? A DG  4  N1    A ? ? 1_555 B DC  9  N3 ? ? A DG  104 B DC  221 1_555 ? ? ? ? ? ? WATSON-CRICK ?     ? ? 
hydrog11 hydrog ?    ? A DG  4  N2    A ? ? 1_555 B DC  9  O2 ? ? A DG  104 B DC  221 1_555 ? ? ? ? ? ? WATSON-CRICK ?     ? ? 
hydrog12 hydrog ?    ? A DG  4  O6    A ? ? 1_555 B DC  9  N4 ? ? A DG  104 B DC  221 1_555 ? ? ? ? ? ? WATSON-CRICK ?     ? ? 
hydrog13 hydrog ?    ? A DA  5  N1    A ? ? 1_555 B DT  8  N3 ? ? A DA  105 B DT  220 1_555 ? ? ? ? ? ? WATSON-CRICK ?     ? ? 
hydrog14 hydrog ?    ? A DA  5  N6    A ? ? 1_555 B DT  8  O4 ? ? A DA  105 B DT  220 1_555 ? ? ? ? ? ? WATSON-CRICK ?     ? ? 
hydrog15 hydrog ?    ? A 7DA 6  N1    A ? ? 1_555 B DT  7  N3 ? ? A 7DA 106 B DT  219 1_555 ? ? ? ? ? ? WATSON-CRICK ?     ? ? 
hydrog16 hydrog ?    ? A 7DA 6  N6    A ? ? 1_555 B DT  7  O4 ? ? A 7DA 106 B DT  219 1_555 ? ? ? ? ? ? WATSON-CRICK ?     ? ? 
hydrog17 hydrog ?    ? A DT  7  N3    ? ? ? 1_555 B 7DA 6  N1 ? ? A DT  107 B 7DA 218 1_555 ? ? ? ? ? ? WATSON-CRICK ?     ? ? 
hydrog18 hydrog ?    ? A DT  7  O4    ? ? ? 1_555 B 7DA 6  N6 ? ? A DT  107 B 7DA 218 1_555 ? ? ? ? ? ? WATSON-CRICK ?     ? ? 
hydrog19 hydrog ?    ? A DT  8  N3    ? ? ? 1_555 B DA  5  N1 ? ? A DT  108 B DA  217 1_555 ? ? ? ? ? ? WATSON-CRICK ?     ? ? 
hydrog20 hydrog ?    ? A DT  8  O4    ? ? ? 1_555 B DA  5  N6 ? ? A DT  108 B DA  217 1_555 ? ? ? ? ? ? WATSON-CRICK ?     ? ? 
hydrog21 hydrog ?    ? A DC  9  N3    ? ? ? 1_555 B DG  4  N1 ? ? A DC  109 B DG  216 1_555 ? ? ? ? ? ? WATSON-CRICK ?     ? ? 
hydrog22 hydrog ?    ? A DC  9  N4    ? ? ? 1_555 B DG  4  O6 ? ? A DC  109 B DG  216 1_555 ? ? ? ? ? ? WATSON-CRICK ?     ? ? 
hydrog23 hydrog ?    ? A DC  9  O2    ? ? ? 1_555 B DG  4  N2 ? ? A DC  109 B DG  216 1_555 ? ? ? ? ? ? WATSON-CRICK ?     ? ? 
hydrog24 hydrog ?    ? A DG  10 N1    ? ? ? 1_555 B DC  3  N3 ? ? A DG  110 B DC  215 1_555 ? ? ? ? ? ? WATSON-CRICK ?     ? ? 
hydrog25 hydrog ?    ? A DG  10 N2    ? ? ? 1_555 B DC  3  O2 ? ? A DG  110 B DC  215 1_555 ? ? ? ? ? ? WATSON-CRICK ?     ? ? 
hydrog26 hydrog ?    ? A DG  10 O6    ? ? ? 1_555 B DC  3  N4 ? ? A DG  110 B DC  215 1_555 ? ? ? ? ? ? WATSON-CRICK ?     ? ? 
hydrog27 hydrog ?    ? A DC  11 N3    ? ? ? 1_555 B DG  2  N1 ? ? A DC  111 B DG  214 1_555 ? ? ? ? ? ? WATSON-CRICK ?     ? ? 
hydrog28 hydrog ?    ? A DC  11 N4    ? ? ? 1_555 B DG  2  O6 ? ? A DC  111 B DG  214 1_555 ? ? ? ? ? ? WATSON-CRICK ?     ? ? 
hydrog29 hydrog ?    ? A DC  11 O2    ? ? ? 1_555 B DG  2  N2 ? ? A DC  111 B DG  214 1_555 ? ? ? ? ? ? WATSON-CRICK ?     ? ? 
hydrog30 hydrog ?    ? A DG  12 N1    ? ? ? 1_555 B DC  1  N3 ? ? A DG  112 B DC  213 1_555 ? ? ? ? ? ? WATSON-CRICK ?     ? ? 
hydrog31 hydrog ?    ? A DG  12 N2    ? ? ? 1_555 B DC  1  O2 ? ? A DG  112 B DC  213 1_555 ? ? ? ? ? ? WATSON-CRICK ?     ? ? 
hydrog32 hydrog ?    ? A DG  12 O6    ? ? ? 1_555 B DC  1  N4 ? ? A DG  112 B DC  213 1_555 ? ? ? ? ? ? WATSON-CRICK ?     ? ? 
# 
loop_
_struct_conn_type.id 
_struct_conn_type.criteria 
_struct_conn_type.reference 
covale ? ? 
metalc ? ? 
hydrog ? ? 
# 
loop_
_struct_site.id 
_struct_site.pdbx_evidence_code 
_struct_site.pdbx_auth_asym_id 
_struct_site.pdbx_auth_comp_id 
_struct_site.pdbx_auth_seq_id 
_struct_site.pdbx_auth_ins_code 
_struct_site.pdbx_num_residues 
_struct_site.details 
AC1 Software A MG 301 ? 6 'BINDING SITE FOR RESIDUE MG A 301' 
AC2 Software A NA 400 ? 6 'BINDING SITE FOR RESIDUE NA A 400' 
AC3 Software A NA 401 ? 4 'BINDING SITE FOR RESIDUE NA A 401' 
AC4 Software A NA 402 ? 5 'BINDING SITE FOR RESIDUE NA A 402' 
AC5 Software B NA 403 ? 5 'BINDING SITE FOR RESIDUE NA B 403' 
# 
loop_
_struct_site_gen.id 
_struct_site_gen.site_id 
_struct_site_gen.pdbx_num_res 
_struct_site_gen.label_comp_id 
_struct_site_gen.label_asym_id 
_struct_site_gen.label_seq_id 
_struct_site_gen.pdbx_auth_ins_code 
_struct_site_gen.auth_comp_id 
_struct_site_gen.auth_asym_id 
_struct_site_gen.auth_seq_id 
_struct_site_gen.label_atom_id 
_struct_site_gen.label_alt_id 
_struct_site_gen.symmetry 
_struct_site_gen.details 
1  AC1 6 HOH H .  ? HOH A 406 . ? 3_346 ? 
2  AC1 6 HOH H .  ? HOH A 407 . ? 1_555 ? 
3  AC1 6 HOH H .  ? HOH A 408 . ? 1_555 ? 
4  AC1 6 HOH H .  ? HOH A 409 . ? 3_346 ? 
5  AC1 6 HOH H .  ? HOH A 410 . ? 1_555 ? 
6  AC1 6 HOH I .  ? HOH B 405 . ? 3_346 ? 
7  AC2 6 DT  A 7  ? DT  A 107 . ? 1_555 ? 
8  AC2 6 DT  A 8  ? DT  A 108 . ? 1_555 ? 
9  AC2 6 DT  B 7  ? DT  B 219 . ? 1_555 ? 
10 AC2 6 DT  B 8  ? DT  B 220 . ? 1_555 ? 
11 AC2 6 HOH I .  ? HOH B 441 . ? 1_555 ? 
12 AC2 6 HOH I .  ? HOH B 450 . ? 1_555 ? 
13 AC3 4 DT  A 7  ? DT  A 107 . ? 1_555 ? 
14 AC3 4 HOH H .  ? HOH A 409 . ? 3_346 ? 
15 AC3 4 HOH H .  ? HOH A 419 . ? 3_346 ? 
16 AC3 4 HOH H .  ? HOH A 443 . ? 1_555 ? 
17 AC4 5 DG  A 4  ? DG  A 104 . ? 1_555 ? 
18 AC4 5 DA  A 5  ? DA  A 105 . ? 1_555 ? 
19 AC4 5 DG  A 12 ? DG  A 112 . ? 2_345 ? 
20 AC4 5 HOH H .  ? HOH A 484 . ? 1_555 ? 
21 AC4 5 HOH H .  ? HOH A 519 . ? 1_555 ? 
22 AC5 5 DC  A 1  ? DC  A 101 . ? 2_344 ? 
23 AC5 5 HOH H .  ? HOH A 440 . ? 4_536 ? 
24 AC5 5 DG  B 2  ? DG  B 214 . ? 1_555 ? 
25 AC5 5 DC  B 3  ? DC  B 215 . ? 1_555 ? 
26 AC5 5 HOH I .  ? HOH B 533 . ? 1_555 ? 
# 
_atom_sites.entry_id                    3OPI 
_atom_sites.fract_transf_matrix[1][1]   0.03827395 
_atom_sites.fract_transf_matrix[1][2]   0.00751603 
_atom_sites.fract_transf_matrix[1][3]   0.00056258 
_atom_sites.fract_transf_matrix[2][1]   -0.00283661 
_atom_sites.fract_transf_matrix[2][2]   0.01585707 
_atom_sites.fract_transf_matrix[2][3]   -0.01886648 
_atom_sites.fract_transf_matrix[3][1]   -0.00236237 
_atom_sites.fract_transf_matrix[3][2]   0.01129289 
_atom_sites.fract_transf_matrix[3][3]   0.00984673 
_atom_sites.fract_transf_vector[1]      -0.912613 
_atom_sites.fract_transf_vector[2]      -0.487287 
_atom_sites.fract_transf_vector[3]      0.642400 
# 
loop_
_atom_type.symbol 
C  
MG 
N  
NA 
O  
P  
# 
loop_
_atom_site.group_PDB 
_atom_site.id 
_atom_site.type_symbol 
_atom_site.label_atom_id 
_atom_site.label_alt_id 
_atom_site.label_comp_id 
_atom_site.label_asym_id 
_atom_site.label_entity_id 
_atom_site.label_seq_id 
_atom_site.pdbx_PDB_ins_code 
_atom_site.Cartn_x 
_atom_site.Cartn_y 
_atom_site.Cartn_z 
_atom_site.occupancy 
_atom_site.B_iso_or_equiv 
_atom_site.pdbx_formal_charge 
_atom_site.auth_seq_id 
_atom_site.auth_comp_id 
_atom_site.auth_asym_id 
_atom_site.auth_atom_id 
_atom_site.pdbx_PDB_model_num 
ATOM   1   O  "O5'" . DC  A 1 1  ? 1.651   20.798  -1.540  1.00 16.37 ? 101 DC  A "O5'" 1 
ATOM   2   C  "C5'" . DC  A 1 1  ? 1.044   20.155  -0.444  1.00 14.62 ? 101 DC  A "C5'" 1 
ATOM   3   C  "C4'" . DC  A 1 1  ? 2.118   19.560  0.423   1.00 13.62 ? 101 DC  A "C4'" 1 
ATOM   4   O  "O4'" . DC  A 1 1  ? 1.548   19.125  1.670   1.00 13.28 ? 101 DC  A "O4'" 1 
ATOM   5   C  "C3'" . DC  A 1 1  ? 2.754   18.355  -0.159  1.00 14.17 ? 101 DC  A "C3'" 1 
ATOM   6   O  "O3'" . DC  A 1 1  ? 4.179   18.388  0.158   1.00 15.83 ? 101 DC  A "O3'" 1 
ATOM   7   C  "C2'" . DC  A 1 1  ? 2.028   17.186  0.500   1.00 13.75 ? 101 DC  A "C2'" 1 
ATOM   8   C  "C1'" . DC  A 1 1  ? 1.731   17.731  1.874   1.00 13.14 ? 101 DC  A "C1'" 1 
ATOM   9   N  N1    . DC  A 1 1  ? 0.540   17.249  2.558   1.00 11.24 ? 101 DC  A N1    1 
ATOM   10  C  C2    . DC  A 1 1  ? 0.603   17.003  3.941   1.00 11.67 ? 101 DC  A C2    1 
ATOM   11  O  O2    . DC  A 1 1  ? 1.698   17.140  4.507   1.00 13.17 ? 101 DC  A O2    1 
ATOM   12  N  N3    . DC  A 1 1  ? -0.518  16.624  4.602   1.00 11.19 ? 101 DC  A N3    1 
ATOM   13  C  C4    . DC  A 1 1  ? -1.655  16.495  3.944   1.00 11.57 ? 101 DC  A C4    1 
ATOM   14  N  N4    . DC  A 1 1  ? -2.727  16.149  4.631   1.00 12.75 ? 101 DC  A N4    1 
ATOM   15  C  C5    . DC  A 1 1  ? -1.743  16.741  2.537   1.00 12.50 ? 101 DC  A C5    1 
ATOM   16  C  C6    . DC  A 1 1  ? -0.647  17.130  1.900   1.00 12.47 ? 101 DC  A C6    1 
ATOM   17  P  P     . DG  A 1 2  ? 5.225   17.319  -0.386  1.00 17.24 ? 102 DG  A P     1 
ATOM   18  O  OP1   . DG  A 1 2  ? 6.536   18.023  -0.495  1.00 20.98 ? 102 DG  A OP1   1 
ATOM   19  O  OP2   . DG  A 1 2  ? 4.651   16.647  -1.535  1.00 19.40 ? 102 DG  A OP2   1 
ATOM   20  O  "O5'" . DG  A 1 2  ? 5.322   16.208  0.752   1.00 16.07 ? 102 DG  A "O5'" 1 
ATOM   21  C  "C5'" . DG  A 1 2  ? 5.946   16.517  1.980   1.00 16.33 ? 102 DG  A "C5'" 1 
ATOM   22  C  "C4'" . DG  A 1 2  ? 5.969   15.281  2.808   1.00 15.14 ? 102 DG  A "C4'" 1 
ATOM   23  O  "O4'" . DG  A 1 2  ? 4.647   14.976  3.327   1.00 15.32 ? 102 DG  A "O4'" 1 
ATOM   24  C  "C3'" . DG  A 1 2  ? 6.417   14.023  2.076   1.00 14.75 ? 102 DG  A "C3'" 1 
ATOM   25  O  "O3'" . DG  A 1 2  ? 7.298   13.346  2.997   1.00 19.04 ? 102 DG  A "O3'" 1 
ATOM   26  C  "C2'" . DG  A 1 2  ? 5.115   13.245  1.838   1.00 15.24 ? 102 DG  A "C2'" 1 
ATOM   27  C  "C1'" . DG  A 1 2  ? 4.347   13.632  3.100   1.00 13.35 ? 102 DG  A "C1'" 1 
ATOM   28  N  N9    . DG  A 1 2  ? 2.916   13.542  3.008   1.00 12.32 ? 102 DG  A N9    1 
ATOM   29  C  C8    . DG  A 1 2  ? 2.130   13.771  1.925   1.00 12.33 ? 102 DG  A C8    1 
ATOM   30  N  N7    . DG  A 1 2  ? 0.842   13.657  2.181   1.00 11.64 ? 102 DG  A N7    1 
ATOM   31  C  C5    . DG  A 1 2  ? 0.788   13.367  3.542   1.00 10.83 ? 102 DG  A C5    1 
ATOM   32  C  C6    . DG  A 1 2  ? -0.304  13.130  4.413   1.00 10.52 ? 102 DG  A C6    1 
ATOM   33  O  O6    . DG  A 1 2  ? -1.504  13.144  4.135   1.00 11.09 ? 102 DG  A O6    1 
ATOM   34  N  N1    . DG  A 1 2  ? 0.094   12.851  5.705   1.00 10.36 ? 102 DG  A N1    1 
ATOM   35  C  C2    . DG  A 1 2  ? 1.399   12.809  6.138   1.00 10.55 ? 102 DG  A C2    1 
ATOM   36  N  N2    . DG  A 1 2  ? 1.599   12.528  7.405   1.00 11.50 ? 102 DG  A N2    1 
ATOM   37  N  N3    . DG  A 1 2  ? 2.441   13.043  5.348   1.00 11.47 ? 102 DG  A N3    1 
ATOM   38  C  C4    . DG  A 1 2  ? 2.053   13.296  4.068   1.00 11.46 ? 102 DG  A C4    1 
ATOM   39  P  P     . DC  A 1 3  ? 8.340   12.325  2.652   1.00 17.32 ? 103 DC  A P     1 
ATOM   40  O  OP1   . DC  A 1 3  ? 9.682   12.877  2.691   1.00 27.38 ? 103 DC  A OP1   1 
ATOM   41  O  OP2   . DC  A 1 3  ? 7.934   11.601  1.461   1.00 27.29 ? 103 DC  A OP2   1 
ATOM   42  O  "O5'" . DC  A 1 3  ? 8.250   11.350  3.847   1.00 21.49 ? 103 DC  A "O5'" 1 
ATOM   43  C  "C5'" . DC  A 1 3  ? 8.019   11.736  5.191   1.00 16.57 ? 103 DC  A "C5'" 1 
ATOM   44  C  "C4'" . DC  A 1 3  ? 7.035   10.775  5.789   1.00 14.19 ? 103 DC  A "C4'" 1 
ATOM   45  O  "O4'" . DC  A 1 3  ? 5.757   11.036  5.242   1.00 14.47 ? 103 DC  A "O4'" 1 
ATOM   46  C  "C3'" . DC  A 1 3  ? 7.338   9.313   5.526   1.00 17.55 ? 103 DC  A "C3'" 1 
ATOM   47  O  "O3'" A DC  A 1 3  ? 7.997   8.629   6.515   0.50 24.47 ? 103 DC  A "O3'" 1 
ATOM   48  O  "O3'" B DC  A 1 3  ? 7.943   8.912   6.820   0.50 23.35 ? 103 DC  A "O3'" 1 
ATOM   49  C  "C2'" . DC  A 1 3  ? 5.999   8.710   5.287   1.00 18.73 ? 103 DC  A "C2'" 1 
ATOM   50  C  "C1'" . DC  A 1 3  ? 5.008   9.848   5.457   1.00 15.98 ? 103 DC  A "C1'" 1 
ATOM   51  N  N1    . DC  A 1 3  ? 3.916   9.872   4.480   1.00 14.54 ? 103 DC  A N1    1 
ATOM   52  C  C2    . DC  A 1 3  ? 2.595   9.743   4.870   1.00 12.96 ? 103 DC  A C2    1 
ATOM   53  O  O2    . DC  A 1 3  ? 2.355   9.503   6.033   1.00 13.82 ? 103 DC  A O2    1 
ATOM   54  N  N3    . DC  A 1 3  ? 1.618   9.871   3.925   1.00 12.66 ? 103 DC  A N3    1 
ATOM   55  C  C4    . DC  A 1 3  ? 1.936   10.074  2.658   1.00 13.13 ? 103 DC  A C4    1 
ATOM   56  N  N4    . DC  A 1 3  ? 0.960   10.232  1.790   1.00 13.99 ? 103 DC  A N4    1 
ATOM   57  C  C5    . DC  A 1 3  ? 3.323   10.158  2.223   1.00 14.87 ? 103 DC  A C5    1 
ATOM   58  C  C6    . DC  A 1 3  ? 4.228   10.040  3.172   1.00 14.95 ? 103 DC  A C6    1 
ATOM   59  P  P     A DG  A 1 4  ? 8.377   7.056   6.335   0.50 17.70 ? 104 DG  A P     1 
ATOM   60  P  P     B DG  A 1 4  ? 8.719   7.546   7.077   0.50 16.55 ? 104 DG  A P     1 
ATOM   61  O  OP1   A DG  A 1 4  ? 9.561   6.852   7.191   0.50 20.12 ? 104 DG  A OP1   1 
ATOM   62  O  OP1   B DG  A 1 4  ? 9.564   7.722   8.286   0.50 21.85 ? 104 DG  A OP1   1 
ATOM   63  O  OP2   A DG  A 1 4  ? 8.406   6.673   4.915   0.50 23.65 ? 104 DG  A OP2   1 
ATOM   64  O  OP2   B DG  A 1 4  ? 9.364   7.096   5.815   0.50 17.86 ? 104 DG  A OP2   1 
ATOM   65  O  "O5'" A DG  A 1 4  ? 7.178   6.290   6.968   0.50 16.17 ? 104 DG  A "O5'" 1 
ATOM   66  O  "O5'" B DG  A 1 4  ? 7.491   6.545   7.436   0.50 17.21 ? 104 DG  A "O5'" 1 
ATOM   67  C  "C5'" A DG  A 1 4  ? 6.783   6.548   8.221   0.50 16.38 ? 104 DG  A "C5'" 1 
ATOM   68  C  "C5'" B DG  A 1 4  ? 6.824   6.672   8.723   0.50 18.25 ? 104 DG  A "C5'" 1 
ATOM   69  C  "C4'" A DG  A 1 4  ? 5.592   5.727   8.363   0.50 15.60 ? 104 DG  A "C4'" 1 
ATOM   70  C  "C4'" B DG  A 1 4  ? 5.671   5.692   8.937   0.50 15.60 ? 104 DG  A "C4'" 1 
ATOM   71  O  "O4'" A DG  A 1 4  ? 4.645   6.254   7.407   0.50 12.74 ? 104 DG  A "O4'" 1 
ATOM   72  O  "O4'" B DG  A 1 4  ? 4.509   6.057   8.156   0.50 14.74 ? 104 DG  A "O4'" 1 
ATOM   73  C  "C3'" A DG  A 1 4  ? 5.884   4.259   7.923   0.50 14.83 ? 104 DG  A "C3'" 1 
ATOM   74  C  "C3'" B DG  A 1 4  ? 5.940   4.222   8.653   0.50 16.02 ? 104 DG  A "C3'" 1 
ATOM   75  O  "O3'" A DG  A 1 4  ? 5.013   3.359   8.594   0.50 19.08 ? 104 DG  A "O3'" 1 
ATOM   76  O  "O3'" B DG  A 1 4  ? 5.393   3.486   9.717   0.50 17.69 ? 104 DG  A "O3'" 1 
ATOM   77  C  "C2'" A DG  A 1 4  ? 5.508   4.300   6.478   0.50 16.89 ? 104 DG  A "C2'" 1 
ATOM   78  C  "C2'" B DG  A 1 4  ? 5.177   3.967   7.331   0.50 16.19 ? 104 DG  A "C2'" 1 
ATOM   79  C  "C1'" A DG  A 1 4  ? 4.279   5.189   6.584   0.50 13.58 ? 104 DG  A "C1'" 1 
ATOM   80  C  "C1'" B DG  A 1 4  ? 4.013   4.951   7.404   0.50 14.79 ? 104 DG  A "C1'" 1 
ATOM   81  N  N9    A DG  A 1 4  ? 3.825   5.674   5.340   0.50 12.92 ? 104 DG  A N9    1 
ATOM   82  N  N9    B DG  A 1 4  ? 3.616   5.423   6.072   0.50 12.19 ? 104 DG  A N9    1 
ATOM   83  C  C8    A DG  A 1 4  ? 4.528   5.970   4.204   0.50 14.37 ? 104 DG  A C8    1 
ATOM   84  C  C8    B DG  A 1 4  ? 4.466   5.678   5.022   0.50 12.95 ? 104 DG  A C8    1 
ATOM   85  N  N7    A DG  A 1 4  ? 3.744   6.390   3.243   0.50 14.44 ? 104 DG  A N7    1 
ATOM   86  N  N7    B DG  A 1 4  ? 3.885   6.112   3.941   0.50 12.95 ? 104 DG  A N7    1 
ATOM   87  C  C5    A DG  A 1 4  ? 2.456   6.353   3.870   0.50 15.00 ? 104 DG  A C5    1 
ATOM   88  C  C5    B DG  A 1 4  ? 2.540   6.170   4.250   0.50 13.06 ? 104 DG  A C5    1 
ATOM   89  C  C6    A DG  A 1 4  ? 1.197   6.641   3.398   0.50 14.65 ? 104 DG  A C6    1 
ATOM   90  C  C6    B DG  A 1 4  ? 1.392   6.565   3.395   0.50 14.41 ? 104 DG  A C6    1 
ATOM   91  O  O6    A DG  A 1 4  ? 0.960   7.027   2.300   0.50 14.43 ? 104 DG  A O6    1 
ATOM   92  O  O6    B DG  A 1 4  ? 1.353   6.953   2.216   0.50 14.53 ? 104 DG  A O6    1 
ATOM   93  N  N1    A DG  A 1 4  ? 0.142   6.432   4.377   0.50 13.22 ? 104 DG  A N1    1 
ATOM   94  N  N1    B DG  A 1 4  ? 0.221   6.469   4.059   0.50 14.13 ? 104 DG  A N1    1 
ATOM   95  C  C2    A DG  A 1 4  ? 0.327   5.996   5.638   0.50 15.84 ? 104 DG  A C2    1 
ATOM   96  C  C2    B DG  A 1 4  ? 0.146   6.057   5.372   0.50 12.83 ? 104 DG  A C2    1 
ATOM   97  N  N2    A DG  A 1 4  ? -0.811  5.844   6.449   0.50 13.90 ? 104 DG  A N2    1 
ATOM   98  N  N2    B DG  A 1 4  ? -1.067  5.986   5.904   0.50 11.37 ? 104 DG  A N2    1 
ATOM   99  N  N3    A DG  A 1 4  ? 1.529   5.712   6.083   0.50 15.98 ? 104 DG  A N3    1 
ATOM   100 N  N3    B DG  A 1 4  ? 1.171   5.688   6.171   0.50 14.83 ? 104 DG  A N3    1 
ATOM   101 C  C4    A DG  A 1 4  ? 2.536   5.930   5.127   0.50 13.26 ? 104 DG  A C4    1 
ATOM   102 C  C4    B DG  A 1 4  ? 2.337   5.770   5.562   0.50 15.51 ? 104 DG  A C4    1 
ATOM   103 P  P     A DA  A 1 5  ? 5.330   1.756   8.810   0.50 23.79 ? 105 DA  A P     1 
ATOM   104 P  P     B DA  A 1 5  ? 5.379   1.913   9.740   0.50 21.07 ? 105 DA  A P     1 
ATOM   105 O  OP1   A DA  A 1 5  ? 6.191   1.622   9.998   0.50 26.39 ? 105 DA  A OP1   1 
ATOM   106 O  OP1   B DA  A 1 5  ? 5.542   1.499   11.140  0.50 24.13 ? 105 DA  A OP1   1 
ATOM   107 O  OP2   A DA  A 1 5  ? 5.752   1.133   7.532   0.50 26.49 ? 105 DA  A OP2   1 
ATOM   108 O  OP2   B DA  A 1 5  ? 6.335   1.377   8.702   0.50 22.80 ? 105 DA  A OP2   1 
ATOM   109 O  "O5'" A DA  A 1 5  ? 3.925   1.154   9.148   0.50 19.50 ? 105 DA  A "O5'" 1 
ATOM   110 O  "O5'" B DA  A 1 5  ? 3.863   1.601   9.343   0.50 19.47 ? 105 DA  A "O5'" 1 
ATOM   111 C  "C5'" A DA  A 1 5  ? 3.047   1.834   9.968   0.50 16.47 ? 105 DA  A "C5'" 1 
ATOM   112 C  "C5'" B DA  A 1 5  ? 2.844   2.088   10.264  0.50 18.65 ? 105 DA  A "C5'" 1 
ATOM   113 C  "C4'" A DA  A 1 5  ? 1.711   1.710   9.375   0.50 17.75 ? 105 DA  A "C4'" 1 
ATOM   114 C  "C4'" B DA  A 1 5  ? 1.427   1.752   9.870   0.50 18.86 ? 105 DA  A "C4'" 1 
ATOM   115 O  "O4'" A DA  A 1 5  ? 1.737   2.410   8.107   0.50 18.81 ? 105 DA  A "O4'" 1 
ATOM   116 O  "O4'" B DA  A 1 5  ? 1.042   2.424   8.636   0.50 15.14 ? 105 DA  A "O4'" 1 
ATOM   117 C  "C3'" A DA  A 1 5  ? 1.342   0.264   9.102   0.50 21.23 ? 105 DA  A "C3'" 1 
ATOM   118 C  "C3'" B DA  A 1 5  ? 1.117   0.285   9.701   0.50 16.47 ? 105 DA  A "C3'" 1 
ATOM   119 O  "O3'" A DA  A 1 5  ? 0.113   -0.072  9.712   0.50 27.43 ? 105 DA  A "O3'" 1 
ATOM   120 O  "O3'" B DA  A 1 5  ? -0.159  0.025   10.377  0.50 14.30 ? 105 DA  A "O3'" 1 
ATOM   121 C  "C2'" A DA  A 1 5  ? 1.294   0.197   7.596   0.50 18.28 ? 105 DA  A "C2'" 1 
ATOM   122 C  "C2'" B DA  A 1 5  ? 1.088   0.135   8.151   0.50 14.34 ? 105 DA  A "C2'" 1 
ATOM   123 C  "C1'" A DA  A 1 5  ? 1.032   1.676   7.181   0.50 19.90 ? 105 DA  A "C1'" 1 
ATOM   124 C  "C1'" B DA  A 1 5  ? 0.515   1.469   7.691   0.50 11.70 ? 105 DA  A "C1'" 1 
ATOM   125 N  N9    A DA  A 1 5  ? 1.490   2.113   5.816   0.50 16.94 ? 105 DA  A N9    1 
ATOM   126 N  N9    B DA  A 1 5  ? 0.996   1.913   6.372   0.50 13.22 ? 105 DA  A N9    1 
ATOM   127 C  C8    A DA  A 1 5  ? 2.784   2.131   5.320   0.50 16.83 ? 105 DA  A C8    1 
ATOM   128 C  C8    B DA  A 1 5  ? 2.293   1.930   5.923   0.50 12.79 ? 105 DA  A C8    1 
ATOM   129 N  N7    A DA  A 1 5  ? 2.889   2.573   4.068   0.50 16.13 ? 105 DA  A N7    1 
ATOM   130 N  N7    B DA  A 1 5  ? 2.416   2.394   4.730   0.50 13.54 ? 105 DA  A N7    1 
ATOM   131 C  C5    A DA  A 1 5  ? 1.583   2.866   3.724   0.50 12.36 ? 105 DA  A C5    1 
ATOM   132 C  C5    B DA  A 1 5  ? 1.130   2.693   4.343   0.50 11.06 ? 105 DA  A C5    1 
ATOM   133 C  C6    A DA  A 1 5  ? 0.997   3.367   2.542   0.50 12.87 ? 105 DA  A C6    1 
ATOM   134 C  C6    B DA  A 1 5  ? 0.592   3.211   3.155   0.50 11.74 ? 105 DA  A C6    1 
ATOM   135 N  N6    A DA  A 1 5  ? 1.680   3.686   1.424   0.50 14.06 ? 105 DA  A N6    1 
ATOM   136 N  N6    B DA  A 1 5  ? 1.330   3.561   2.093   0.50 12.91 ? 105 DA  A N6    1 
ATOM   137 N  N1    A DA  A 1 5  ? -0.302  3.515   2.530   0.50 11.96 ? 105 DA  A N1    1 
ATOM   138 N  N1    B DA  A 1 5  ? -0.725  3.355   3.113   0.50 11.36 ? 105 DA  A N1    1 
ATOM   139 C  C2    A DA  A 1 5  ? -1.013  3.216   3.616   0.50 12.45 ? 105 DA  A C2    1 
ATOM   140 C  C2    B DA  A 1 5  ? -1.474  3.048   4.154   0.50 12.45 ? 105 DA  A C2    1 
ATOM   141 N  N3    A DA  A 1 5  ? -0.601  2.773   4.794   0.50 13.52 ? 105 DA  A N3    1 
ATOM   142 N  N3    B DA  A 1 5  ? -1.100  2.564   5.329   0.50 13.28 ? 105 DA  A N3    1 
ATOM   143 C  C4    A DA  A 1 5  ? 0.710   2.601   4.790   0.50 14.01 ? 105 DA  A C4    1 
ATOM   144 C  C4    B DA  A 1 5  ? 0.228   2.401   5.348   0.50 11.84 ? 105 DA  A C4    1 
HETATM 145 P  P     A 7DA A 1 6  ? 0.011   -1.752  9.343   0.50 18.90 ? 106 7DA A P     1 
HETATM 146 P  P     B 7DA A 1 6  ? -0.862  -1.359  10.236  0.50 12.91 ? 106 7DA A P     1 
HETATM 147 O  OP1   A 7DA A 1 6  ? -0.412  -2.125  10.739  0.50 23.28 ? 106 7DA A OP1   1 
HETATM 148 O  OP1   B 7DA A 1 6  ? -1.752  -1.349  11.464  0.50 15.31 ? 106 7DA A OP1   1 
HETATM 149 O  OP2   A 7DA A 1 6  ? 1.007   -2.544  8.559   0.50 25.07 ? 106 7DA A OP2   1 
HETATM 150 O  OP2   B 7DA A 1 6  ? 0.072   -2.564  10.125  0.50 11.78 ? 106 7DA A OP2   1 
HETATM 151 O  "O5'" A 7DA A 1 6  ? -1.225  -1.598  8.381   0.50 15.58 ? 106 7DA A "O5'" 1 
HETATM 152 O  "O5'" B 7DA A 1 6  ? -1.793  -1.349  8.988   0.50 12.74 ? 106 7DA A "O5'" 1 
HETATM 153 N  N9    A 7DA A 1 6  ? -1.637  -0.940  4.548   0.50 11.96 ? 106 7DA A N9    1 
HETATM 154 N  N9    B 7DA A 1 6  ? -1.606  -0.993  4.687   0.50 12.14 ? 106 7DA A N9    1 
HETATM 155 C  C4    A 7DA A 1 6  ? -1.501  -0.372  3.292   0.50 11.58 ? 106 7DA A C4    1 
HETATM 156 C  C4    B 7DA A 1 6  ? -1.569  -0.424  3.418   0.50 11.80 ? 106 7DA A C4    1 
HETATM 157 N  N3    A 7DA A 1 6  ? -2.458  0.082   2.483   0.50 11.44 ? 106 7DA A N3    1 
HETATM 158 N  N3    B 7DA A 1 6  ? -2.598  -0.023  2.670   0.50 11.99 ? 106 7DA A N3    1 
HETATM 159 C  C2    A 7DA A 1 6  ? -1.978  0.543   1.324   0.50 12.83 ? 106 7DA A C2    1 
HETATM 160 C  C2    B 7DA A 1 6  ? -2.226  0.469   1.477   0.50 10.63 ? 106 7DA A C2    1 
HETATM 161 N  N1    A 7DA A 1 6  ? -0.708  0.569   0.917   0.50 11.97 ? 106 7DA A N1    1 
HETATM 162 N  N1    B 7DA A 1 6  ? -0.993  0.585   0.977   0.50 10.71 ? 106 7DA A N1    1 
HETATM 163 C  C6    A 7DA A 1 6  ? 0.211   0.114   1.776   0.50 10.70 ? 106 7DA A C6    1 
HETATM 164 C  C6    B 7DA A 1 6  ? 0.016   0.182   1.777   0.50 12.14 ? 106 7DA A C6    1 
HETATM 165 N  N6    A 7DA A 1 6  ? 1.515   0.214   1.350   0.50 12.33 ? 106 7DA A N6    1 
HETATM 166 N  N6    B 7DA A 1 6  ? 1.288   0.368   1.247   0.50 11.41 ? 106 7DA A N6    1 
HETATM 167 C  C5    A 7DA A 1 6  ? -0.135  -0.406  3.024   0.50 10.81 ? 106 7DA A C5    1 
HETATM 168 C  C5    B 7DA A 1 6  ? -0.221  -0.370  3.065   0.50 12.16 ? 106 7DA A C5    1 
HETATM 169 C  C7    A 7DA A 1 6  ? 0.564   -0.961  4.115   0.50 12.03 ? 106 7DA A C7    1 
HETATM 170 C  C7    B 7DA A 1 6  ? 0.575   -0.890  4.120   0.50 13.42 ? 106 7DA A C7    1 
HETATM 171 C  C8    A 7DA A 1 6  ? -0.418  -1.269  5.035   0.50 11.43 ? 106 7DA A C8    1 
HETATM 172 C  C8    B 7DA A 1 6  ? -0.340  -1.261  5.105   0.50 14.21 ? 106 7DA A C8    1 
HETATM 173 C  "C2'" A 7DA A 1 6  ? -3.186  -2.427  5.816   0.50 10.63 ? 106 7DA A "C2'" 1 
HETATM 174 C  "C2'" B 7DA A 1 6  ? -2.910  -2.519  6.227   0.50 12.11 ? 106 7DA A "C2'" 1 
HETATM 175 C  "C5'" A 7DA A 1 6  ? -2.336  -0.847  8.752   0.50 15.42 ? 106 7DA A "C5'" 1 
HETATM 176 C  "C5'" B 7DA A 1 6  ? -2.871  -0.416  8.878   0.50 12.53 ? 106 7DA A "C5'" 1 
HETATM 177 C  "C4'" A 7DA A 1 6  ? -3.316  -0.809  7.621   0.50 12.56 ? 106 7DA A "C4'" 1 
HETATM 178 C  "C4'" B 7DA A 1 6  ? -3.622  -0.684  7.635   0.50 12.96 ? 106 7DA A "C4'" 1 
HETATM 179 O  "O4'" A 7DA A 1 6  ? -2.657  -0.240  6.505   0.50 12.05 ? 106 7DA A "O4'" 1 
HETATM 180 O  "O4'" B 7DA A 1 6  ? -2.891  -0.182  6.511   0.50 13.72 ? 106 7DA A "O4'" 1 
HETATM 181 C  "C1'" A 7DA A 1 6  ? -2.892  -1.046  5.325   0.50 12.28 ? 106 7DA A "C1'" 1 
HETATM 182 C  "C1'" B 7DA A 1 6  ? -2.849  -1.197  5.495   0.50 12.04 ? 106 7DA A "C1'" 1 
HETATM 183 C  "C3'" A 7DA A 1 6  ? -3.845  -2.189  7.207   0.50 11.15 ? 106 7DA A "C3'" 1 
HETATM 184 C  "C3'" B 7DA A 1 6  ? -3.811  -2.185  7.448   0.50 13.57 ? 106 7DA A "C3'" 1 
HETATM 185 O  "O3'" A 7DA A 1 6  ? -5.312  -2.113  7.155   0.50 12.07 ? 106 7DA A "O3'" 1 
HETATM 186 O  "O3'" B 7DA A 1 6  ? -5.220  -2.367  7.205   0.50 12.72 ? 106 7DA A "O3'" 1 
ATOM   187 P  P     . DT  A 1 7  ? -6.070  -3.540  6.775   1.00 12.51 ? 107 DT  A P     1 
ATOM   188 O  OP1   . DT  A 1 7  ? -7.433  -3.349  7.357   1.00 14.01 ? 107 DT  A OP1   1 
ATOM   189 O  OP2   . DT  A 1 7  ? -5.329  -4.762  7.085   1.00 13.09 ? 107 DT  A OP2   1 
ATOM   190 O  "O5'" . DT  A 1 7  ? -6.151  -3.459  5.188   1.00 12.75 ? 107 DT  A "O5'" 1 
ATOM   191 C  "C5'" . DT  A 1 7  ? -6.747  -2.317  4.579   1.00 14.05 ? 107 DT  A "C5'" 1 
ATOM   192 C  "C4'" . DT  A 1 7  ? -6.540  -2.383  3.103   1.00 13.12 ? 107 DT  A "C4'" 1 
ATOM   193 O  "O4'" . DT  A 1 7  ? -5.148  -2.224  2.820   1.00 12.75 ? 107 DT  A "O4'" 1 
ATOM   194 C  "C3'" . DT  A 1 7  ? -6.968  -3.694  2.469   1.00 12.82 ? 107 DT  A "C3'" 1 
ATOM   195 O  "O3'" . DT  A 1 7  ? -8.131  -3.416  1.687   1.00 14.84 ? 107 DT  A "O3'" 1 
ATOM   196 C  "C2'" . DT  A 1 7  ? -5.756  -4.151  1.654   1.00 13.59 ? 107 DT  A "C2'" 1 
ATOM   197 C  "C1'" . DT  A 1 7  ? -4.919  -2.899  1.571   1.00 12.45 ? 107 DT  A "C1'" 1 
ATOM   198 N  N1    . DT  A 1 7  ? -3.470  -3.093  1.462   1.00 11.24 ? 107 DT  A N1    1 
ATOM   199 C  C2    . DT  A 1 7  ? -2.797  -2.601  0.347   1.00 11.45 ? 107 DT  A C2    1 
ATOM   200 O  O2    . DT  A 1 7  ? -3.391  -2.088  -0.588  1.00 12.28 ? 107 DT  A O2    1 
ATOM   201 N  N3    . DT  A 1 7  ? -1.443  -2.755  0.365   1.00 11.55 ? 107 DT  A N3    1 
ATOM   202 C  C4    . DT  A 1 7  ? -0.704  -3.336  1.343   1.00 11.51 ? 107 DT  A C4    1 
ATOM   203 O  O4    . DT  A 1 7  ? 0.522   -3.391  1.224   1.00 11.91 ? 107 DT  A O4    1 
ATOM   204 C  C5    . DT  A 1 7  ? -1.444  -3.890  2.460   1.00 11.36 ? 107 DT  A C5    1 
ATOM   205 C  C7    . DT  A 1 7  ? -0.717  -4.578  3.560   1.00 13.07 ? 107 DT  A C7    1 
ATOM   206 C  C6    . DT  A 1 7  ? -2.769  -3.722  2.456   1.00 11.50 ? 107 DT  A C6    1 
ATOM   207 P  P     . DT  A 1 8  ? -8.921  -4.477  0.835   1.00 15.73 ? 108 DT  A P     1 
ATOM   208 O  OP1   . DT  A 1 8  ? -10.335 -3.975  0.651   1.00 18.81 ? 108 DT  A OP1   1 
ATOM   209 O  OP2   . DT  A 1 8  ? -8.710  -5.788  1.452   1.00 18.08 ? 108 DT  A OP2   1 
ATOM   210 O  "O5'" . DT  A 1 8  ? -8.173  -4.469  -0.559  1.00 14.67 ? 108 DT  A "O5'" 1 
ATOM   211 C  "C5'" . DT  A 1 8  ? -8.209  -3.307  -1.315  1.00 14.55 ? 108 DT  A "C5'" 1 
ATOM   212 C  "C4'" . DT  A 1 8  ? -7.334  -3.461  -2.527  1.00 14.03 ? 108 DT  A "C4'" 1 
ATOM   213 O  "O4'" . DT  A 1 8  ? -5.967  -3.578  -2.122  1.00 13.54 ? 108 DT  A "O4'" 1 
ATOM   214 C  "C3'" . DT  A 1 8  ? -7.660  -4.677  -3.414  1.00 15.02 ? 108 DT  A "C3'" 1 
ATOM   215 O  "O3'" . DT  A 1 8  ? -8.093  -4.181  -4.649  1.00 15.17 ? 108 DT  A "O3'" 1 
ATOM   216 C  "C2'" . DT  A 1 8  ? -6.325  -5.437  -3.454  1.00 15.06 ? 108 DT  A "C2'" 1 
ATOM   217 C  "C1'" . DT  A 1 8  ? -5.329  -4.398  -3.082  1.00 12.56 ? 108 DT  A "C1'" 1 
ATOM   218 N  N1    . DT  A 1 8  ? -4.084  -4.880  -2.480  1.00 11.93 ? 108 DT  A N1    1 
ATOM   219 C  C2    . DT  A 1 8  ? -2.872  -4.596  -3.058  1.00 11.08 ? 108 DT  A C2    1 
ATOM   220 O  O2    . DT  A 1 8  ? -2.773  -4.015  -4.133  1.00 12.00 ? 108 DT  A O2    1 
ATOM   221 N  N3    . DT  A 1 8  ? -1.773  -5.028  -2.369  1.00 11.01 ? 108 DT  A N3    1 
ATOM   222 C  C4    . DT  A 1 8  ? -1.766  -5.716  -1.177  1.00 10.78 ? 108 DT  A C4    1 
ATOM   223 O  O4    . DT  A 1 8  ? -0.692  -6.007  -0.644  1.00 11.21 ? 108 DT  A O4    1 
ATOM   224 C  C5    . DT  A 1 8  ? -3.049  -6.030  -0.613  1.00 11.40 ? 108 DT  A C5    1 
ATOM   225 C  C7    . DT  A 1 8  ? -3.139  -6.828  0.663   1.00 13.32 ? 108 DT  A C7    1 
ATOM   226 C  C6    . DT  A 1 8  ? -4.135  -5.607  -1.276  1.00 12.22 ? 108 DT  A C6    1 
ATOM   227 P  P     . DC  A 1 9  ? -8.265  -5.069  -5.969  1.00 16.58 ? 109 DC  A P     1 
ATOM   228 O  OP1   . DC  A 1 9  ? -9.308  -4.400  -6.806  1.00 19.72 ? 109 DC  A OP1   1 
ATOM   229 O  OP2   . DC  A 1 9  ? -8.433  -6.495  -5.641  1.00 18.17 ? 109 DC  A OP2   1 
ATOM   230 O  "O5'" . DC  A 1 9  ? -6.857  -4.917  -6.708  1.00 15.21 ? 109 DC  A "O5'" 1 
ATOM   231 C  "C5'" . DC  A 1 9  ? -6.360  -3.622  -7.034  1.00 14.88 ? 109 DC  A "C5'" 1 
ATOM   232 C  "C4'" . DC  A 1 9  ? -5.110  -3.756  -7.851  1.00 13.89 ? 109 DC  A "C4'" 1 
ATOM   233 O  "O4'" . DC  A 1 9  ? -4.067  -4.340  -7.038  1.00 13.59 ? 109 DC  A "O4'" 1 
ATOM   234 C  "C3'" . DC  A 1 9  ? -5.251  -4.686  -9.077  1.00 14.04 ? 109 DC  A "C3'" 1 
ATOM   235 O  "O3'" . DC  A 1 9  ? -4.700  -3.980  -10.181 1.00 15.07 ? 109 DC  A "O3'" 1 
ATOM   236 C  "C2'" . DC  A 1 9  ? -4.470  -5.929  -8.706  1.00 13.36 ? 109 DC  A "C2'" 1 
ATOM   237 C  "C1'" . DC  A 1 9  ? -3.442  -5.429  -7.770  1.00 12.45 ? 109 DC  A "C1'" 1 
ATOM   238 N  N1    . DC  A 1 9  ? -2.954  -6.337  -6.715  1.00 11.68 ? 109 DC  A N1    1 
ATOM   239 C  C2    . DC  A 1 9  ? -1.580  -6.546  -6.544  1.00 11.34 ? 109 DC  A C2    1 
ATOM   240 O  O2    . DC  A 1 9  ? -0.758  -6.116  -7.375  1.00 11.46 ? 109 DC  A O2    1 
ATOM   241 N  N3    . DC  A 1 9  ? -1.158  -7.250  -5.440  1.00 11.10 ? 109 DC  A N3    1 
ATOM   242 C  C4    . DC  A 1 9  ? -2.061  -7.722  -4.562  1.00 10.74 ? 109 DC  A C4    1 
ATOM   243 N  N4    . DC  A 1 9  ? -1.593  -8.342  -3.478  1.00 11.36 ? 109 DC  A N4    1 
ATOM   244 C  C5    . DC  A 1 9  ? -3.455  -7.562  -4.752  1.00 12.50 ? 109 DC  A C5    1 
ATOM   245 C  C6    . DC  A 1 9  ? -3.855  -6.834  -5.821  1.00 12.44 ? 109 DC  A C6    1 
ATOM   246 P  P     . DG  A 1 10 ? -4.960  -4.343  -11.692 1.00 17.10 ? 110 DG  A P     1 
ATOM   247 O  OP1   . DG  A 1 10 ? -4.630  -3.118  -12.485 1.00 20.41 ? 110 DG  A OP1   1 
ATOM   248 O  OP2   . DG  A 1 10 ? -6.259  -4.949  -11.814 1.00 21.17 ? 110 DG  A OP2   1 
ATOM   249 O  "O5'" . DG  A 1 10 ? -3.920  -5.470  -12.011 1.00 15.81 ? 110 DG  A "O5'" 1 
ATOM   250 C  "C5'" . DG  A 1 10 ? -2.594  -5.189  -12.095 1.00 15.43 ? 110 DG  A "C5'" 1 
ATOM   251 C  "C4'" . DG  A 1 10 ? -1.777  -6.441  -12.083 1.00 15.28 ? 110 DG  A "C4'" 1 
ATOM   252 O  "O4'" . DG  A 1 10 ? -1.806  -6.994  -10.746 1.00 14.19 ? 110 DG  A "O4'" 1 
ATOM   253 C  "C3'" . DG  A 1 10 ? -2.268  -7.565  -13.000 1.00 15.90 ? 110 DG  A "C3'" 1 
ATOM   254 O  "O3'" . DG  A 1 10 ? -1.147  -8.167  -13.657 1.00 16.05 ? 110 DG  A "O3'" 1 
ATOM   255 C  "C2'" . DG  A 1 10 ? -2.858  -8.572  -12.044 1.00 15.77 ? 110 DG  A "C2'" 1 
ATOM   256 C  "C1'" . DG  A 1 10 ? -1.871  -8.389  -10.888 1.00 13.79 ? 110 DG  A "C1'" 1 
ATOM   257 N  N9    . DG  A 1 10 ? -2.237  -9.007  -9.615  1.00 13.18 ? 110 DG  A N9    1 
ATOM   258 C  C8    . DG  A 1 10 ? -3.477  -9.293  -9.062  1.00 14.02 ? 110 DG  A C8    1 
ATOM   259 N  N7    . DG  A 1 10 ? -3.395  -9.829  -7.895  1.00 13.01 ? 110 DG  A N7    1 
ATOM   260 C  C5    . DG  A 1 10 ? -2.016  -9.906  -7.625  1.00 12.16 ? 110 DG  A C5    1 
ATOM   261 C  C6    . DG  A 1 10 ? -1.290  -10.438 -6.525  1.00 11.61 ? 110 DG  A C6    1 
ATOM   262 O  O6    . DG  A 1 10 ? -1.709  -10.923 -5.498  1.00 12.64 ? 110 DG  A O6    1 
ATOM   263 N  N1    . DG  A 1 10 ? 0.062   -10.324 -6.709  1.00 11.41 ? 110 DG  A N1    1 
ATOM   264 C  C2    . DG  A 1 10 ? 0.686   -9.780  -7.815  1.00 11.92 ? 110 DG  A C2    1 
ATOM   265 N  N2    . DG  A 1 10 ? 2.014   -9.804  -7.836  1.00 12.09 ? 110 DG  A N2    1 
ATOM   266 N  N3    . DG  A 1 10 ? 0.031   -9.272  -8.842  1.00 11.91 ? 110 DG  A N3    1 
ATOM   267 C  C4    . DG  A 1 10 ? -1.313  -9.395  -8.677  1.00 12.57 ? 110 DG  A C4    1 
ATOM   268 P  P     . DC  A 1 11 ? -0.713  -7.835  -15.111 1.00 17.54 ? 111 DC  A P     1 
ATOM   269 O  OP1   . DC  A 1 11 ? -1.093  -6.450  -15.431 1.00 19.38 ? 111 DC  A OP1   1 
ATOM   270 O  OP2   . DC  A 1 11 ? -1.187  -8.898  -16.009 1.00 21.25 ? 111 DC  A OP2   1 
ATOM   271 O  "O5'" . DC  A 1 11 ? 0.850   -8.022  -15.012 1.00 17.05 ? 111 DC  A "O5'" 1 
ATOM   272 C  "C5'" . DC  A 1 11 ? 1.618   -7.102  -14.358 1.00 16.56 ? 111 DC  A "C5'" 1 
ATOM   273 C  "C4'" . DC  A 1 11 ? 2.806   -7.788  -13.652 1.00 16.13 ? 111 DC  A "C4'" 1 
ATOM   274 O  "O4'" . DC  A 1 11 ? 2.309   -8.595  -12.558 1.00 15.14 ? 111 DC  A "O4'" 1 
ATOM   275 C  "C3'" . DC  A 1 11 ? 3.612   -8.740  -14.511 1.00 16.17 ? 111 DC  A "C3'" 1 
ATOM   276 O  "O3'" . DC  A 1 11 ? 4.946   -8.594  -14.165 1.00 19.33 ? 111 DC  A "O3'" 1 
ATOM   277 C  "C2'" . DC  A 1 11 ? 3.042   -10.122 -14.163 1.00 15.69 ? 111 DC  A "C2'" 1 
ATOM   278 C  "C1'" . DC  A 1 11 ? 2.810   -9.980  -12.682 1.00 14.51 ? 111 DC  A "C1'" 1 
ATOM   279 N  N1    . DC  A 1 11 ? 1.787   -10.797 -12.075 1.00 13.41 ? 111 DC  A N1    1 
ATOM   280 C  C2    . DC  A 1 11 ? 2.068   -11.439 -10.850 1.00 12.22 ? 111 DC  A C2    1 
ATOM   281 O  O2    . DC  A 1 11 ? 3.234   -11.389 -10.411 1.00 12.60 ? 111 DC  A O2    1 
ATOM   282 N  N3    . DC  A 1 11 ? 1.077   -12.075 -10.222 1.00 12.23 ? 111 DC  A N3    1 
ATOM   283 C  C4    . DC  A 1 11 ? -0.175  -12.092 -10.728 1.00 12.52 ? 111 DC  A C4    1 
ATOM   284 N  N4    . DC  A 1 11 ? -1.143  -12.654 -10.033 1.00 13.31 ? 111 DC  A N4    1 
ATOM   285 C  C5    . DC  A 1 11 ? -0.466  -11.465 -11.991 1.00 13.94 ? 111 DC  A C5    1 
ATOM   286 C  C6    . DC  A 1 11 ? 0.533   -10.834 -12.589 1.00 14.25 ? 111 DC  A C6    1 
ATOM   287 P  P     . DG  A 1 12 ? 6.120   -9.246  -15.046 1.00 24.07 ? 112 DG  A P     1 
ATOM   288 O  OP1   . DG  A 1 12 ? 7.212   -8.264  -14.935 1.00 26.16 ? 112 DG  A OP1   1 
ATOM   289 O  OP2   . DG  A 1 12 ? 5.573   -9.606  -16.407 1.00 34.43 ? 112 DG  A OP2   1 
ATOM   290 O  "O5'" . DG  A 1 12 ? 6.460   -10.601 -14.398 1.00 25.37 ? 112 DG  A "O5'" 1 
ATOM   291 C  "C5'" . DG  A 1 12 ? 7.048   -10.656 -13.240 1.00 21.95 ? 112 DG  A "C5'" 1 
ATOM   292 C  "C4'" . DG  A 1 12 ? 7.465   -12.163 -12.953 1.00 14.58 ? 112 DG  A "C4'" 1 
ATOM   293 O  "O4'" . DG  A 1 12 ? 6.484   -12.973 -12.292 1.00 23.20 ? 112 DG  A "O4'" 1 
ATOM   294 C  "C3'" . DG  A 1 12 ? 7.868   -12.916 -14.213 1.00 14.79 ? 112 DG  A "C3'" 1 
ATOM   295 O  "O3'" . DG  A 1 12 ? 9.201   -13.396 -14.097 1.00 15.76 ? 112 DG  A "O3'" 1 
ATOM   296 C  "C2'" . DG  A 1 12 ? 6.857   -14.045 -14.336 1.00 14.77 ? 112 DG  A "C2'" 1 
ATOM   297 C  "C1'" . DG  A 1 12 ? 6.215   -14.171 -12.965 1.00 15.51 ? 112 DG  A "C1'" 1 
ATOM   298 N  N9    . DG  A 1 12 ? 4.766   -14.294 -12.910 1.00 13.09 ? 112 DG  A N9    1 
ATOM   299 C  C8    . DG  A 1 12 ? 3.816   -13.766 -13.772 1.00 14.39 ? 112 DG  A C8    1 
ATOM   300 N  N7    . DG  A 1 12 ? 2.603   -13.981 -13.377 1.00 13.88 ? 112 DG  A N7    1 
ATOM   301 C  C5    . DG  A 1 12 ? 2.733   -14.672 -12.187 1.00 12.47 ? 112 DG  A C5    1 
ATOM   302 C  C6    . DG  A 1 12 ? 1.780   -15.199 -11.279 1.00 12.16 ? 112 DG  A C6    1 
ATOM   303 O  O6    . DG  A 1 12 ? 0.520   -15.136 -11.390 1.00 14.00 ? 112 DG  A O6    1 
ATOM   304 N  N1    . DG  A 1 12 ? 2.345   -15.837 -10.191 1.00 12.42 ? 112 DG  A N1    1 
ATOM   305 C  C2    . DG  A 1 12 ? 3.702   -15.978 -9.977  1.00 11.31 ? 112 DG  A C2    1 
ATOM   306 N  N2    . DG  A 1 12 ? 4.063   -16.669 -8.913  1.00 12.66 ? 112 DG  A N2    1 
ATOM   307 N  N3    . DG  A 1 12 ? 4.612   -15.490 -10.827 1.00 12.58 ? 112 DG  A N3    1 
ATOM   308 C  C4    . DG  A 1 12 ? 4.070   -14.864 -11.887 1.00 12.61 ? 112 DG  A C4    1 
ATOM   309 O  "O5'" . DC  B 1 1  ? -2.516  -20.888 -4.918  1.00 28.15 ? 213 DC  B "O5'" 1 
ATOM   310 C  "C5'" . DC  B 1 1  ? -1.549  -21.910 -4.885  1.00 23.21 ? 213 DC  B "C5'" 1 
ATOM   311 C  "C4'" . DC  B 1 1  ? -0.200  -21.294 -4.632  1.00 18.87 ? 213 DC  B "C4'" 1 
ATOM   312 O  "O4'" . DC  B 1 1  ? 0.184   -20.486 -5.767  1.00 17.22 ? 213 DC  B "O4'" 1 
ATOM   313 C  "C3'" . DC  B 1 1  ? -0.073  -20.403 -3.397  1.00 16.44 ? 213 DC  B "C3'" 1 
ATOM   314 O  "O3'" . DC  B 1 1  ? 1.115   -20.769 -2.691  1.00 18.69 ? 213 DC  B "O3'" 1 
ATOM   315 C  "C2'" . DC  B 1 1  ? -0.025  -18.976 -3.927  1.00 17.83 ? 213 DC  B "C2'" 1 
ATOM   316 C  "C1'" . DC  B 1 1  ? 0.531   -19.177 -5.342  1.00 16.22 ? 213 DC  B "C1'" 1 
ATOM   317 N  N1    . DC  B 1 1  ? 0.002   -18.274 -6.395  1.00 14.88 ? 213 DC  B N1    1 
ATOM   318 C  C2    . DC  B 1 1  ? 0.887   -17.647 -7.315  1.00 14.17 ? 213 DC  B C2    1 
ATOM   319 O  O2    . DC  B 1 1  ? 2.107   -17.787 -7.158  1.00 14.33 ? 213 DC  B O2    1 
ATOM   320 N  N3    . DC  B 1 1  ? 0.374   -16.909 -8.315  1.00 12.52 ? 213 DC  B N3    1 
ATOM   321 C  C4    . DC  B 1 1  ? -0.952  -16.774 -8.423  1.00 13.72 ? 213 DC  B C4    1 
ATOM   322 N  N4    . DC  B 1 1  ? -1.403  -16.035 -9.431  1.00 14.28 ? 213 DC  B N4    1 
ATOM   323 C  C5    . DC  B 1 1  ? -1.853  -17.423 -7.522  1.00 15.61 ? 213 DC  B C5    1 
ATOM   324 C  C6    . DC  B 1 1  ? -1.356  -18.160 -6.550  1.00 16.34 ? 213 DC  B C6    1 
ATOM   325 P  P     . DG  B 1 2  ? 1.480   -20.204 -1.254  1.00 19.44 ? 214 DG  B P     1 
ATOM   326 O  OP1   . DG  B 1 2  ? 2.234   -21.278 -0.562  1.00 21.26 ? 214 DG  B OP1   1 
ATOM   327 O  OP2   . DG  B 1 2  ? 0.274   -19.601 -0.598  1.00 23.06 ? 214 DG  B OP2   1 
ATOM   328 O  "O5'" . DG  B 1 2  ? 2.447   -18.997 -1.628  1.00 16.27 ? 214 DG  B "O5'" 1 
ATOM   329 C  "C5'" . DG  B 1 2  ? 3.655   -19.231 -2.285  1.00 15.54 ? 214 DG  B "C5'" 1 
ATOM   330 C  "C4'" . DG  B 1 2  ? 4.257   -17.965 -2.780  1.00 13.65 ? 214 DG  B "C4'" 1 
ATOM   331 O  "O4'" . DG  B 1 2  ? 3.385   -17.448 -3.792  1.00 13.87 ? 214 DG  B "O4'" 1 
ATOM   332 C  "C3'" . DG  B 1 2  ? 4.361   -16.879 -1.724  1.00 15.20 ? 214 DG  B "C3'" 1 
ATOM   333 O  "O3'" . DG  B 1 2  ? 5.730   -16.706 -1.419  1.00 14.28 ? 214 DG  B "O3'" 1 
ATOM   334 C  "C2'" . DG  B 1 2  ? 3.673   -15.649 -2.335  1.00 14.09 ? 214 DG  B "C2'" 1 
ATOM   335 C  "C1'" . DG  B 1 2  ? 3.550   -16.016 -3.789  1.00 13.61 ? 214 DG  B "C1'" 1 
ATOM   336 N  N9    . DG  B 1 2  ? 2.365   -15.468 -4.444  1.00 12.96 ? 214 DG  B N9    1 
ATOM   337 C  C8    . DG  B 1 2  ? 1.086   -15.594 -3.997  1.00 13.74 ? 214 DG  B C8    1 
ATOM   338 N  N7    . DG  B 1 2  ? 0.208   -15.069 -4.811  1.00 13.20 ? 214 DG  B N7    1 
ATOM   339 C  C5    . DG  B 1 2  ? 0.980   -14.526 -5.848  1.00 12.49 ? 214 DG  B C5    1 
ATOM   340 C  C6    . DG  B 1 2  ? 0.586   -13.805 -6.986  1.00 10.88 ? 214 DG  B C6    1 
ATOM   341 O  O6    . DG  B 1 2  ? -0.564  -13.509 -7.344  1.00 12.35 ? 214 DG  B O6    1 
ATOM   342 N  N1    . DG  B 1 2  ? 1.665   -13.401 -7.751  1.00 11.30 ? 214 DG  B N1    1 
ATOM   343 C  C2    . DG  B 1 2  ? 2.974   -13.685 -7.459  1.00 11.00 ? 214 DG  B C2    1 
ATOM   344 N  N2    . DG  B 1 2  ? 3.892   -13.252 -8.309  1.00 12.26 ? 214 DG  B N2    1 
ATOM   345 N  N3    . DG  B 1 2  ? 3.362   -14.400 -6.389  1.00 11.70 ? 214 DG  B N3    1 
ATOM   346 C  C4    . DG  B 1 2  ? 2.298   -14.744 -5.622  1.00 10.98 ? 214 DG  B C4    1 
ATOM   347 P  P     . DC  B 1 3  ? 6.246   -15.583 -0.402  1.00 14.40 ? 215 DC  B P     1 
ATOM   348 O  OP1   . DC  B 1 3  ? 7.533   -16.115 0.114   1.00 16.51 ? 215 DC  B OP1   1 
ATOM   349 O  OP2   . DC  B 1 3  ? 5.172   -15.264 0.578   1.00 16.98 ? 215 DC  B OP2   1 
ATOM   350 O  "O5'" . DC  B 1 3  ? 6.492   -14.285 -1.312  1.00 13.91 ? 215 DC  B "O5'" 1 
ATOM   351 C  "C5'" . DC  B 1 3  ? 7.418   -14.382 -2.368  1.00 13.82 ? 215 DC  B "C5'" 1 
ATOM   352 C  "C4'" . DC  B 1 3  ? 7.162   -13.247 -3.345  1.00 13.34 ? 215 DC  B "C4'" 1 
ATOM   353 O  "O4'" . DC  B 1 3  ? 5.845   -13.375 -3.836  1.00 13.42 ? 215 DC  B "O4'" 1 
ATOM   354 C  "C3'" . DC  B 1 3  ? 7.176   -11.845 -2.801  1.00 12.86 ? 215 DC  B "C3'" 1 
ATOM   355 O  "O3'" . DC  B 1 3  ? 8.515   -11.411 -2.721  1.00 15.09 ? 215 DC  B "O3'" 1 
ATOM   356 C  "C2'" . DC  B 1 3  ? 6.363   -11.075 -3.860  1.00 16.25 ? 215 DC  B "C2'" 1 
ATOM   357 C  "C1'" . DC  B 1 3  ? 5.424   -12.109 -4.354  1.00 13.55 ? 215 DC  B "C1'" 1 
ATOM   358 N  N1    . DC  B 1 3  ? 4.002   -11.929 -3.976  1.00 12.40 ? 215 DC  B N1    1 
ATOM   359 C  C2    . DC  B 1 3  ? 3.143   -11.380 -4.894  1.00 11.19 ? 215 DC  B C2    1 
ATOM   360 O  O2    . DC  B 1 3  ? 3.645   -10.942 -5.957  1.00 12.76 ? 215 DC  B O2    1 
ATOM   361 N  N3    . DC  B 1 3  ? 1.838   -11.310 -4.654  1.00 11.61 ? 215 DC  B N3    1 
ATOM   362 C  C4    . DC  B 1 3  ? 1.387   -11.696 -3.467  1.00 12.70 ? 215 DC  B C4    1 
ATOM   363 N  N4    . DC  B 1 3  ? 0.075   -11.641 -3.240  1.00 13.44 ? 215 DC  B N4    1 
ATOM   364 C  C5    . DC  B 1 3  ? 2.260   -12.220 -2.433  1.00 14.29 ? 215 DC  B C5    1 
ATOM   365 C  C6    . DC  B 1 3  ? 3.546   -12.328 -2.729  1.00 13.41 ? 215 DC  B C6    1 
ATOM   366 P  P     . DG  B 1 4  ? 8.908   -10.026 -2.000  1.00 16.43 ? 216 DG  B P     1 
ATOM   367 O  OP1   . DG  B 1 4  ? 10.334  -10.121 -1.657  1.00 19.97 ? 216 DG  B OP1   1 
ATOM   368 O  OP2   . DG  B 1 4  ? 7.954   -9.671  -0.894  1.00 17.71 ? 216 DG  B OP2   1 
ATOM   369 O  "O5'" . DG  B 1 4  ? 8.693   -8.924  -3.125  1.00 15.24 ? 216 DG  B "O5'" 1 
ATOM   370 C  "C5'" . DG  B 1 4  ? 9.412   -8.945  -4.326  1.00 16.00 ? 216 DG  B "C5'" 1 
ATOM   371 C  "C4'" . DG  B 1 4  ? 8.908   -7.825  -5.218  1.00 14.60 ? 216 DG  B "C4'" 1 
ATOM   372 O  "O4'" . DG  B 1 4  ? 7.499   -8.004  -5.489  1.00 13.90 ? 216 DG  B "O4'" 1 
ATOM   373 C  "C3'" . DG  B 1 4  ? 9.030   -6.403  -4.653  1.00 16.56 ? 216 DG  B "C3'" 1 
ATOM   374 O  "O3'" . DG  B 1 4  ? 9.283   -5.557  -5.779  1.00 16.89 ? 216 DG  B "O3'" 1 
ATOM   375 C  "C2'" . DG  B 1 4  ? 7.658   -6.174  -3.998  1.00 14.99 ? 216 DG  B "C2'" 1 
ATOM   376 C  "C1'" . DG  B 1 4  ? 6.723   -6.964  -4.909  1.00 13.22 ? 216 DG  B "C1'" 1 
ATOM   377 N  N9    . DG  B 1 4  ? 5.556   -7.468  -4.210  1.00 12.64 ? 216 DG  B N9    1 
ATOM   378 C  C8    . DG  B 1 4  ? 5.463   -7.932  -2.918  1.00 13.84 ? 216 DG  B C8    1 
ATOM   379 N  N7    . DG  B 1 4  ? 4.253   -8.243  -2.557  1.00 13.12 ? 216 DG  B N7    1 
ATOM   380 C  C5    . DG  B 1 4  ? 3.488   -7.932  -3.661  1.00 11.46 ? 216 DG  B C5    1 
ATOM   381 C  C6    . DG  B 1 4  ? 2.096   -8.002  -3.844  1.00 11.15 ? 216 DG  B C6    1 
ATOM   382 O  O6    . DG  B 1 4  ? 1.243   -8.390  -3.044  1.00 11.35 ? 216 DG  B O6    1 
ATOM   383 N  N1    . DG  B 1 4  ? 1.717   -7.525  -5.105  1.00 10.55 ? 216 DG  B N1    1 
ATOM   384 C  C2    . DG  B 1 4  ? 2.593   -7.093  -6.077  1.00 10.97 ? 216 DG  B C2    1 
ATOM   385 N  N2    . DG  B 1 4  ? 2.042   -6.667  -7.223  1.00 11.97 ? 216 DG  B N2    1 
ATOM   386 N  N3    . DG  B 1 4  ? 3.899   -7.088  -5.932  1.00 11.51 ? 216 DG  B N3    1 
ATOM   387 C  C4    . DG  B 1 4  ? 4.289   -7.464  -4.690  1.00 11.54 ? 216 DG  B C4    1 
ATOM   388 P  P     . DA  B 1 5  ? 9.017   -3.967  -5.866  1.00 17.39 ? 217 DA  B P     1 
ATOM   389 O  OP1   . DA  B 1 5  ? 10.097  -3.434  -6.687  1.00 19.74 ? 217 DA  B OP1   1 
ATOM   390 O  OP2   . DA  B 1 5  ? 8.877   -3.389  -4.504  1.00 21.10 ? 217 DA  B OP2   1 
ATOM   391 O  "O5'" . DA  B 1 5  ? 7.592   -3.853  -6.561  1.00 15.83 ? 217 DA  B "O5'" 1 
ATOM   392 C  "C5'" . DA  B 1 5  ? 7.400   -4.443  -7.836  1.00 16.62 ? 217 DA  B "C5'" 1 
ATOM   393 C  "C4'" . DA  B 1 5  ? 6.100   -3.960  -8.434  1.00 14.60 ? 217 DA  B "C4'" 1 
ATOM   394 O  "O4'" . DA  B 1 5  ? 4.979   -4.405  -7.653  1.00 14.45 ? 217 DA  B "O4'" 1 
ATOM   395 C  "C3'" . DA  B 1 5  ? 5.925   -2.432  -8.537  1.00 15.06 ? 217 DA  B "C3'" 1 
ATOM   396 O  "O3'" . DA  B 1 5  ? 5.220   -2.127  -9.717  1.00 15.58 ? 217 DA  B "O3'" 1 
ATOM   397 C  "C2'" . DA  B 1 5  ? 5.151   -2.073  -7.269  1.00 14.34 ? 217 DA  B "C2'" 1 
ATOM   398 C  "C1'" . DA  B 1 5  ? 4.271   -3.258  -7.079  1.00 13.69 ? 217 DA  B "C1'" 1 
ATOM   399 N  N9    . DA  B 1 5  ? 3.987   -3.638  -5.692  1.00 12.12 ? 217 DA  B N9    1 
ATOM   400 C  C8    . DA  B 1 5  ? 4.887   -3.887  -4.714  1.00 13.32 ? 217 DA  B C8    1 
ATOM   401 N  N7    . DA  B 1 5  ? 4.350   -4.315  -3.577  1.00 12.79 ? 217 DA  B N7    1 
ATOM   402 C  C5    . DA  B 1 5  ? 2.988   -4.337  -3.861  1.00 11.67 ? 217 DA  B C5    1 
ATOM   403 C  C6    . DA  B 1 5  ? 1.868   -4.714  -3.082  1.00 10.89 ? 217 DA  B C6    1 
ATOM   404 N  N6    . DA  B 1 5  ? 1.944   -5.161  -1.810  1.00 11.91 ? 217 DA  B N6    1 
ATOM   405 N  N1    . DA  B 1 5  ? 0.670   -4.596  -3.638  1.00 10.81 ? 217 DA  B N1    1 
ATOM   406 C  C2    . DA  B 1 5  ? 0.577   -4.151  -4.903  1.00 10.71 ? 217 DA  B C2    1 
ATOM   407 N  N3    . DA  B 1 5  ? 1.556   -3.803  -5.733  1.00 11.20 ? 217 DA  B N3    1 
ATOM   408 C  C4    . DA  B 1 5  ? 2.736   -3.910  -5.145  1.00 11.25 ? 217 DA  B C4    1 
HETATM 409 P  P     . 7DA B 1 6  ? 4.918   -0.701  -10.259 1.00 17.01 ? 218 7DA B P     1 
HETATM 410 O  OP1   . 7DA B 1 6  ? 4.738   -0.722  -11.739 1.00 20.32 ? 218 7DA B OP1   1 
HETATM 411 O  OP2   . 7DA B 1 6  ? 5.928   0.173   -9.649  1.00 21.21 ? 218 7DA B OP2   1 
HETATM 412 O  "O5'" . 7DA B 1 6  ? 3.565   -0.288  -9.507  1.00 15.70 ? 218 7DA B "O5'" 1 
HETATM 413 N  N9    . 7DA B 1 6  ? 1.449   -0.406  -5.378  1.00 13.51 ? 218 7DA B N9    1 
HETATM 414 C  C4    . 7DA B 1 6  ? 0.741   -0.888  -4.279  1.00 12.25 ? 218 7DA B C4    1 
HETATM 415 N  N3    . 7DA B 1 6  ? -0.561  -1.105  -4.193  1.00 12.07 ? 218 7DA B N3    1 
HETATM 416 C  C2    . 7DA B 1 6  ? -0.906  -1.567  -2.992  1.00 12.20 ? 218 7DA B C2    1 
HETATM 417 N  N1    . 7DA B 1 6  ? -0.141  -1.808  -1.941  1.00 11.42 ? 218 7DA B N1    1 
HETATM 418 C  C6    . 7DA B 1 6  ? 1.171   -1.587  -2.082  1.00 12.13 ? 218 7DA B C6    1 
HETATM 419 N  N6    . 7DA B 1 6  ? 1.954   -1.872  -1.022  1.00 13.12 ? 218 7DA B N6    1 
HETATM 420 C  C5    . 7DA B 1 6  ? 1.680   -1.073  -3.297  1.00 11.69 ? 218 7DA B C5    1 
HETATM 421 C  C7    . 7DA B 1 6  ? 3.000   -0.712  -3.798  1.00 13.50 ? 218 7DA B C7    1 
HETATM 422 C  C8    . 7DA B 1 6  ? 2.743   -0.321  -5.069  1.00 14.50 ? 218 7DA B C8    1 
HETATM 423 C  "C2'" . 7DA B 1 6  ? 1.122   1.256   -7.229  1.00 16.17 ? 218 7DA B "C2'" 1 
HETATM 424 C  "C5'" . 7DA B 1 6  ? 2.384   -0.897  -9.859  1.00 15.37 ? 218 7DA B "C5'" 1 
HETATM 425 C  "C4'" . 7DA B 1 6  ? 1.280   -0.463  -8.930  1.00 13.87 ? 218 7DA B "C4'" 1 
HETATM 426 O  "O4'" . 7DA B 1 6  ? 1.506   -1.015  -7.632  1.00 14.53 ? 218 7DA B "O4'" 1 
HETATM 427 C  "C1'" . 7DA B 1 6  ? 0.878   -0.134  -6.691  1.00 14.69 ? 218 7DA B "C1'" 1 
HETATM 428 C  "C3'" . 7DA B 1 6  ? 1.175   1.061   -8.778  1.00 17.24 ? 218 7DA B "C3'" 1 
HETATM 429 O  "O3'" . 7DA B 1 6  ? -0.006  1.486   -9.432  1.00 17.86 ? 218 7DA B "O3'" 1 
ATOM   430 P  P     . DT  B 1 7  ? -0.765  2.840   -9.307  1.00 19.92 ? 219 DT  B P     1 
ATOM   431 O  OP1   . DT  B 1 7  ? -1.518  3.133   -10.535 1.00 23.06 ? 219 DT  B OP1   1 
ATOM   432 O  OP2   . DT  B 1 7  ? 0.227   3.714   -8.790  1.00 20.37 ? 219 DT  B OP2   1 
ATOM   433 O  "O5'" . DT  B 1 7  ? -1.685  2.670   -8.084  1.00 17.58 ? 219 DT  B "O5'" 1 
ATOM   434 C  "C5'" . DT  B 1 7  ? -2.646  1.683   -8.094  1.00 17.21 ? 219 DT  B "C5'" 1 
ATOM   435 C  "C4'" . DT  B 1 7  ? -3.339  1.674   -6.774  1.00 15.04 ? 219 DT  B "C4'" 1 
ATOM   436 O  "O4'" . DT  B 1 7  ? -2.444  1.332   -5.701  1.00 14.82 ? 219 DT  B "O4'" 1 
ATOM   437 C  "C3'" . DT  B 1 7  ? -4.032  2.978   -6.372  1.00 16.26 ? 219 DT  B "C3'" 1 
ATOM   438 O  "O3'" . DT  B 1 7  ? -5.391  2.676   -6.197  1.00 19.32 ? 219 DT  B "O3'" 1 
ATOM   439 C  "C2'" . DT  B 1 7  ? -3.355  3.368   -5.038  1.00 15.52 ? 219 DT  B "C2'" 1 
ATOM   440 C  "C1'" . DT  B 1 7  ? -2.832  2.054   -4.520  1.00 14.17 ? 219 DT  B "C1'" 1 
ATOM   441 N  N1    . DT  B 1 7  ? -1.667  2.106   -3.639  1.00 12.94 ? 219 DT  B N1    1 
ATOM   442 C  C2    . DT  B 1 7  ? -1.770  1.578   -2.364  1.00 11.88 ? 219 DT  B C2    1 
ATOM   443 O  O2    . DT  B 1 7  ? -2.821  1.160   -1.901  1.00 13.53 ? 219 DT  B O2    1 
ATOM   444 N  N3    . DT  B 1 7  ? -0.629  1.573   -1.660  1.00 11.87 ? 219 DT  B N3    1 
ATOM   445 C  C4    . DT  B 1 7  ? 0.589   1.994   -2.071  1.00 12.35 ? 219 DT  B C4    1 
ATOM   446 O  O4    . DT  B 1 7  ? 1.562   1.879   -1.346  1.00 12.86 ? 219 DT  B O4    1 
ATOM   447 C  C5    . DT  B 1 7  ? 0.637   2.560   -3.418  1.00 13.79 ? 219 DT  B C5    1 
ATOM   448 C  C7    . DT  B 1 7  ? 1.935   3.077   -3.975  1.00 15.98 ? 219 DT  B C7    1 
ATOM   449 C  C6    . DT  B 1 7  ? -0.490  2.571   -4.128  1.00 13.66 ? 219 DT  B C6    1 
ATOM   450 P  P     . DT  B 1 8  ? -6.464  3.750   -5.827  1.00 24.96 ? 220 DT  B P     1 
ATOM   451 O  OP1   . DT  B 1 8  ? -7.744  3.280   -6.355  1.00 30.97 ? 220 DT  B OP1   1 
ATOM   452 O  OP2   . DT  B 1 8  ? -5.922  5.051   -6.189  1.00 23.43 ? 220 DT  B OP2   1 
ATOM   453 O  "O5'" . DT  B 1 8  ? -6.540  3.763   -4.285  1.00 20.51 ? 220 DT  B "O5'" 1 
ATOM   454 C  "C5'" . DT  B 1 8  ? -6.951  2.598   -3.634  1.00 20.95 ? 220 DT  B "C5'" 1 
ATOM   455 C  "C4'" . DT  B 1 8  ? -6.856  2.837   -2.187  1.00 17.77 ? 220 DT  B "C4'" 1 
ATOM   456 O  "O4'" . DT  B 1 8  ? -5.499  2.930   -1.823  1.00 17.43 ? 220 DT  B "O4'" 1 
ATOM   457 C  "C3'" . DT  B 1 8  ? -7.565  4.063   -1.630  1.00 18.85 ? 220 DT  B "C3'" 1 
ATOM   458 O  "O3'" . DT  B 1 8  ? -8.575  3.537   -0.747  1.00 20.41 ? 220 DT  B "O3'" 1 
ATOM   459 C  "C2'" . DT  B 1 8  ? -6.450  4.825   -0.898  1.00 17.66 ? 220 DT  B "C2'" 1 
ATOM   460 C  "C1'" . DT  B 1 8  ? -5.416  3.772   -0.657  1.00 17.13 ? 220 DT  B "C1'" 1 
ATOM   461 N  N1    . DT  B 1 8  ? -4.002  4.197   -0.587  1.00 15.76 ? 220 DT  B N1    1 
ATOM   462 C  C2    . DT  B 1 8  ? -3.280  3.834   0.513   1.00 14.47 ? 220 DT  B C2    1 
ATOM   463 O  O2    . DT  B 1 8  ? -3.772  3.302   1.455   1.00 15.08 ? 220 DT  B O2    1 
ATOM   464 N  N3    . DT  B 1 8  ? -1.971  4.117   0.463   1.00 14.38 ? 220 DT  B N3    1 
ATOM   465 C  C4    . DT  B 1 8  ? -1.291  4.709   -0.580  1.00 16.04 ? 220 DT  B C4    1 
ATOM   466 O  O4    . DT  B 1 8  ? -0.070  4.853   -0.533  1.00 16.50 ? 220 DT  B O4    1 
ATOM   467 C  C5    . DT  B 1 8  ? -2.096  5.146   -1.719  1.00 16.27 ? 220 DT  B C5    1 
ATOM   468 C  C7    . DT  B 1 8  ? -1.456  5.851   -2.910  1.00 19.31 ? 220 DT  B C7    1 
ATOM   469 C  C6    . DT  B 1 8  ? -3.386  4.824   -1.678  1.00 17.07 ? 220 DT  B C6    1 
ATOM   470 P  P     . DC  B 1 9  ? -9.646  4.390   -0.016  1.00 21.67 ? 221 DC  B P     1 
ATOM   471 O  OP1   . DC  B 1 9  ? -10.746 3.476   0.313   1.00 26.94 ? 221 DC  B OP1   1 
ATOM   472 O  OP2   . DC  B 1 9  ? -9.848  5.597   -0.820  1.00 24.40 ? 221 DC  B OP2   1 
ATOM   473 O  "O5'" . DC  B 1 9  ? -8.953  4.898   1.329   1.00 19.22 ? 221 DC  B "O5'" 1 
ATOM   474 C  "C5'" . DC  B 1 9  ? -8.626  3.974   2.230   1.00 19.01 ? 221 DC  B "C5'" 1 
ATOM   475 C  "C4'" . DC  B 1 9  ? -7.747  4.568   3.242   1.00 15.80 ? 221 DC  B "C4'" 1 
ATOM   476 O  "O4'" . DC  B 1 9  ? -6.467  4.880   2.700   1.00 16.58 ? 221 DC  B "O4'" 1 
ATOM   477 C  "C3'" . DC  B 1 9  ? -8.220  5.867   3.847   1.00 16.90 ? 221 DC  B "C3'" 1 
ATOM   478 O  "O3'" . DC  B 1 9  ? -8.864  5.568   5.056   1.00 18.16 ? 221 DC  B "O3'" 1 
ATOM   479 C  "C2'" . DC  B 1 9  ? -6.950  6.755   4.058   1.00 16.61 ? 221 DC  B "C2'" 1 
ATOM   480 C  "C1'" . DC  B 1 9  ? -5.870  5.790   3.627   1.00 15.68 ? 221 DC  B "C1'" 1 
ATOM   481 N  N1    . DC  B 1 9  ? -4.704  6.377   2.937   1.00 15.64 ? 221 DC  B N1    1 
ATOM   482 C  C2    . DC  B 1 9  ? -3.456  6.330   3.520   1.00 14.45 ? 221 DC  B C2    1 
ATOM   483 O  O2    . DC  B 1 9  ? -3.350  5.883   4.649   1.00 16.15 ? 221 DC  B O2    1 
ATOM   484 N  N3    . DC  B 1 9  ? -2.377  6.781   2.811   1.00 14.05 ? 221 DC  B N3    1 
ATOM   485 C  C4    . DC  B 1 9  ? -2.515  7.259   1.608   1.00 13.90 ? 221 DC  B C4    1 
ATOM   486 N  N4    . DC  B 1 9  ? -1.415  7.620   0.949   1.00 14.98 ? 221 DC  B N4    1 
ATOM   487 C  C5    . DC  B 1 9  ? -3.803  7.394   1.008   1.00 15.48 ? 221 DC  B C5    1 
ATOM   488 C  C6    . DC  B 1 9  ? -4.851  6.923   1.707   1.00 16.27 ? 221 DC  B C6    1 
ATOM   489 P  P     . DG  B 1 10 ? -9.687  6.685   5.889   1.00 20.08 ? 222 DG  B P     1 
ATOM   490 O  OP1   . DG  B 1 10 ? -10.604 5.981   6.792   1.00 24.79 ? 222 DG  B OP1   1 
ATOM   491 O  OP2   . DG  B 1 10 ? -10.181 7.718   5.010   1.00 21.72 ? 222 DG  B OP2   1 
ATOM   492 O  "O5'" . DG  B 1 10 ? -8.617  7.426   6.722   1.00 18.81 ? 222 DG  B "O5'" 1 
ATOM   493 C  "C5'" . DG  B 1 10 ? -7.926  6.775   7.739   1.00 19.01 ? 222 DG  B "C5'" 1 
ATOM   494 C  "C4'" . DG  B 1 10 ? -6.842  7.718   8.301   1.00 17.19 ? 222 DG  B "C4'" 1 
ATOM   495 O  "O4'" . DG  B 1 10 ? -5.801  7.905   7.309   1.00 15.46 ? 222 DG  B "O4'" 1 
ATOM   496 C  "C3'" . DG  B 1 10 ? -7.353  9.115   8.659   1.00 16.75 ? 222 DG  B "C3'" 1 
ATOM   497 O  "O3'" . DG  B 1 10 ? -6.672  9.511   9.881   1.00 15.43 ? 222 DG  B "O3'" 1 
ATOM   498 C  "C2'" . DG  B 1 10 ? -6.848  9.972   7.504   1.00 15.01 ? 222 DG  B "C2'" 1 
ATOM   499 C  "C1'" . DG  B 1 10 ? -5.507  9.280   7.247   1.00 14.88 ? 222 DG  B "C1'" 1 
ATOM   500 N  N9    . DG  B 1 10 ? -4.905  9.569   5.979   1.00 13.82 ? 222 DG  B N9    1 
ATOM   501 C  C8    . DG  B 1 10 ? -5.509  9.885   4.792   1.00 14.46 ? 222 DG  B C8    1 
ATOM   502 N  N7    . DG  B 1 10 ? -4.637  10.076  3.828   1.00 14.04 ? 222 DG  B N7    1 
ATOM   503 C  C5    . DG  B 1 10 ? -3.395  9.875   4.416   1.00 12.93 ? 222 DG  B C5    1 
ATOM   504 C  C6    . DG  B 1 10 ? -2.097  9.958   3.873   1.00 12.31 ? 222 DG  B C6    1 
ATOM   505 O  O6    . DG  B 1 10 ? -1.778  10.214  2.727   1.00 13.05 ? 222 DG  B O6    1 
ATOM   506 N  N1    . DG  B 1 10 ? -1.114  9.709   4.852   1.00 12.11 ? 222 DG  B N1    1 
ATOM   507 C  C2    . DG  B 1 10 ? -1.360  9.405   6.141   1.00 12.04 ? 222 DG  B C2    1 
ATOM   508 N  N2    . DG  B 1 10 ? -0.313  9.205   6.970   1.00 13.40 ? 222 DG  B N2    1 
ATOM   509 N  N3    . DG  B 1 10 ? -2.576  9.295   6.635   1.00 12.96 ? 222 DG  B N3    1 
ATOM   510 C  C4    . DG  B 1 10 ? -3.539  9.550   5.719   1.00 12.63 ? 222 DG  B C4    1 
ATOM   511 P  P     . DC  B 1 11 ? -7.391  10.483  10.927  1.00 15.99 ? 223 DC  B P     1 
ATOM   512 O  OP1   . DC  B 1 11 ? -8.378  9.722   11.658  1.00 18.53 ? 223 DC  B OP1   1 
ATOM   513 O  OP2   . DC  B 1 11 ? -7.825  11.690  10.257  1.00 17.48 ? 223 DC  B OP2   1 
ATOM   514 O  "O5'" . DC  B 1 11 ? -6.155  10.853  11.814  1.00 14.87 ? 223 DC  B "O5'" 1 
ATOM   515 C  "C5'" . DC  B 1 11 ? -5.454  9.887   12.541  1.00 15.33 ? 223 DC  B "C5'" 1 
ATOM   516 C  "C4'" . DC  B 1 11 ? -3.959  10.048  12.356  1.00 14.04 ? 223 DC  B "C4'" 1 
ATOM   517 O  "O4'" . DC  B 1 11 ? -3.609  9.833   11.000  1.00 13.67 ? 223 DC  B "O4'" 1 
ATOM   518 C  "C3'" . DC  B 1 11 ? -3.356  11.391  12.698  1.00 13.68 ? 223 DC  B "C3'" 1 
ATOM   519 O  "O3'" . DC  B 1 11 ? -3.185  11.496  14.112  1.00 15.09 ? 223 DC  B "O3'" 1 
ATOM   520 C  "C2'" . DC  B 1 11 ? -2.043  11.327  11.936  1.00 13.49 ? 223 DC  B "C2'" 1 
ATOM   521 C  "C1'" . DC  B 1 11 ? -2.479  10.655  10.711  1.00 13.40 ? 223 DC  B "C1'" 1 
ATOM   522 N  N1    . DC  B 1 11 ? -2.807  11.507  9.549   1.00 11.94 ? 223 DC  B N1    1 
ATOM   523 C  C2    . DC  B 1 11 ? -1.788  11.896  8.704   1.00 11.21 ? 223 DC  B C2    1 
ATOM   524 O  O2    . DC  B 1 11 ? -0.603  11.681  9.069   1.00 12.00 ? 223 DC  B O2    1 
ATOM   525 N  N3    . DC  B 1 11 ? -2.093  12.494  7.544   1.00 10.94 ? 223 DC  B N3    1 
ATOM   526 C  C4    . DC  B 1 11 ? -3.369  12.734  7.262   1.00 10.86 ? 223 DC  B C4    1 
ATOM   527 N  N4    . DC  B 1 11 ? -3.650  13.257  6.071   1.00 12.16 ? 223 DC  B N4    1 
ATOM   528 C  C5    . DC  B 1 11 ? -4.390  12.458  8.159   1.00 12.52 ? 223 DC  B C5    1 
ATOM   529 C  C6    . DC  B 1 11 ? -4.083  11.862  9.274   1.00 12.54 ? 223 DC  B C6    1 
ATOM   530 P  P     . DG  B 1 12 ? -3.043  12.942  14.821  1.00 14.70 ? 224 DG  B P     1 
ATOM   531 O  OP1   . DG  B 1 12 ? -3.116  12.655  16.272  1.00 17.09 ? 224 DG  B OP1   1 
ATOM   532 O  OP2   . DG  B 1 12 ? -4.012  13.882  14.212  1.00 15.80 ? 224 DG  B OP2   1 
ATOM   533 O  "O5'" . DG  B 1 12 ? -1.606  13.492  14.409  1.00 13.37 ? 224 DG  B "O5'" 1 
ATOM   534 C  "C5'" . DG  B 1 12 ? -0.426  12.864  14.861  1.00 13.85 ? 224 DG  B "C5'" 1 
ATOM   535 C  "C4'" . DG  B 1 12 ? 0.780   13.435  14.153  1.00 12.33 ? 224 DG  B "C4'" 1 
ATOM   536 O  "O4'" . DG  B 1 12 ? 0.684   13.123  12.751  1.00 12.38 ? 224 DG  B "O4'" 1 
ATOM   537 C  "C3'" . DG  B 1 12 ? 0.950   14.935  14.211  1.00 13.07 ? 224 DG  B "C3'" 1 
ATOM   538 O  "O3'" . DG  B 1 12 ? 1.627   15.282  15.423  1.00 13.60 ? 224 DG  B "O3'" 1 
ATOM   539 C  "C2'" . DG  B 1 12 ? 1.792   15.209  12.946  1.00 12.94 ? 224 DG  B "C2'" 1 
ATOM   540 C  "C1'" . DG  B 1 12 ? 1.195   14.229  11.980  1.00 12.19 ? 224 DG  B "C1'" 1 
ATOM   541 N  N9    . DG  B 1 12 ? 0.109   14.712  11.140  1.00 11.44 ? 224 DG  B N9    1 
ATOM   542 C  C8    . DG  B 1 12 ? -1.217  14.709  11.455  1.00 12.22 ? 224 DG  B C8    1 
ATOM   543 N  N7    . DG  B 1 12 ? -1.996  15.094  10.460  1.00 11.74 ? 224 DG  B N7    1 
ATOM   544 C  C5    . DG  B 1 12 ? -1.089  15.358  9.440   1.00 10.97 ? 224 DG  B C5    1 
ATOM   545 C  C6    . DG  B 1 12 ? -1.331  15.742  8.108   1.00 10.72 ? 224 DG  B C6    1 
ATOM   546 O  O6    . DG  B 1 12 ? -2.410  15.963  7.551   1.00 11.94 ? 224 DG  B O6    1 
ATOM   547 N  N1    . DG  B 1 12 ? -0.164  15.904  7.396   1.00 11.22 ? 224 DG  B N1    1 
ATOM   548 C  C2    . DG  B 1 12 ? 1.104   15.749  7.881   1.00 10.35 ? 224 DG  B C2    1 
ATOM   549 N  N2    . DG  B 1 12 ? 2.114   15.984  7.068   1.00 11.63 ? 224 DG  B N2    1 
ATOM   550 N  N3    . DG  B 1 12 ? 1.333   15.326  9.137   1.00 10.97 ? 224 DG  B N3    1 
ATOM   551 C  C4    . DG  B 1 12 ? 0.195   15.131  9.843   1.00 10.78 ? 224 DG  B C4    1 
HETATM 552 MG MG    . MG  C 2 .  ? -3.368  -5.185  11.024  1.00 12.50 ? 301 MG  A MG    1 
HETATM 553 NA NA    . NA  D 3 .  ? -5.125  -0.399  -1.853  1.00 16.02 ? 400 NA  A NA    1 
HETATM 554 NA NA    . NA  E 3 .  ? -7.467  -4.009  10.025  1.00 19.11 ? 401 NA  A NA    1 
HETATM 555 NA NA    . NA  F 3 .  ? 0.902   5.652   8.883   1.00 25.53 ? 402 NA  A NA    1 
HETATM 556 NA NA    . NA  G 3 .  ? 8.673   -18.209 -1.118  1.00 23.23 ? 403 NA  B NA    1 
HETATM 557 O  O     . HOH H 4 .  ? -3.979  -5.922  4.857   1.00 15.77 ? 404 HOH A O     1 
HETATM 558 O  O     . HOH H 4 .  ? -3.120  13.491  2.035   1.00 12.76 ? 406 HOH A O     1 
HETATM 559 O  O     . HOH H 4 .  ? -3.343  -5.181  8.932   1.00 13.11 ? 407 HOH A O     1 
HETATM 560 O  O     . HOH H 4 .  ? -1.317  -4.815  10.963  1.00 14.26 ? 408 HOH A O     1 
HETATM 561 O  O     . HOH H 4 .  ? -0.925  13.763  0.048   1.00 14.12 ? 409 HOH A O     1 
HETATM 562 O  O     . HOH H 4 .  ? -3.784  -3.150  11.132  1.00 14.23 ? 410 HOH A O     1 
HETATM 563 O  O     . HOH H 4 .  ? -3.631  -9.649  -1.790  1.00 17.01 ? 411 HOH A O     1 
HETATM 564 O  O     . HOH H 4 .  ? -5.124  1.179   2.692   1.00 16.90 ? 413 HOH A O     1 
HETATM 565 O  O     . HOH H 4 .  ? -3.904  -12.312 -11.322 1.00 18.88 ? 418 HOH A O     1 
HETATM 566 O  O     . HOH H 4 .  ? 3.253   14.287  -1.221  1.00 17.02 ? 419 HOH A O     1 
HETATM 567 O  O     . HOH H 4 .  ? -5.100  15.060  3.150   1.00 18.52 ? 420 HOH A O     1 
HETATM 568 O  O     . HOH H 4 .  ? 3.819   -0.932  2.365   1.00 24.42 ? 422 HOH A O     1 
HETATM 569 O  O     . HOH H 4 .  ? -5.732  -10.268 -6.454  1.00 22.08 ? 424 HOH A O     1 
HETATM 570 O  O     . HOH H 4 .  ? 1.523   -7.342  -10.233 1.00 16.62 ? 426 HOH A O     1 
HETATM 571 O  O     . HOH H 4 .  ? 0.666   -13.380 -15.283 1.00 24.78 ? 427 HOH A O     1 
HETATM 572 O  O     . HOH H 4 .  ? 6.828   20.640  -0.755  0.50 18.69 ? 430 HOH A O     1 
HETATM 573 O  O     . HOH H 4 .  ? -3.062  -1.235  -10.809 1.00 26.67 ? 431 HOH A O     1 
HETATM 574 O  O     . HOH H 4 .  ? -3.009  2.127   6.947   1.00 59.65 ? 432 HOH A O     1 
HETATM 575 O  O     . HOH H 4 .  ? 0.440   -7.528  1.250   1.00 20.33 ? 433 HOH A O     1 
HETATM 576 O  O     . HOH H 4 .  ? 1.944   10.138  -0.950  1.00 25.48 ? 434 HOH A O     1 
HETATM 577 O  O     . HOH H 4 .  ? 0.139   -3.707  -8.240  1.00 13.61 ? 438 HOH A O     1 
HETATM 578 O  O     . HOH H 4 .  ? -5.091  -7.953  3.287   1.00 18.58 ? 440 HOH A O     1 
HETATM 579 O  O     . HOH H 4 .  ? -1.975  -1.842  -8.399  1.00 16.21 ? 442 HOH A O     1 
HETATM 580 O  O     . HOH H 4 .  ? -6.186  -1.990  11.345  1.00 18.41 ? 443 HOH A O     1 
HETATM 581 O  O     . HOH H 4 .  ? 1.469   -4.714  -10.476 1.00 22.48 ? 444 HOH A O     1 
HETATM 582 O  O     . HOH H 4 .  ? -1.996  -7.618  5.421   0.50 15.47 ? 447 HOH A O     1 
HETATM 583 O  O     . HOH H 4 .  ? 2.745   -3.951  2.526   1.00 23.19 ? 449 HOH A O     1 
HETATM 584 O  O     . HOH H 4 .  ? -5.827  1.572   5.371   1.00 28.29 ? 451 HOH A O     1 
HETATM 585 O  O     . HOH H 4 .  ? -6.146  -8.438  -1.535  1.00 23.48 ? 452 HOH A O     1 
HETATM 586 O  O     . HOH H 4 .  ? -0.156  -3.962  -15.002 1.00 27.99 ? 453 HOH A O     1 
HETATM 587 O  O     . HOH H 4 .  ? -1.299  -6.181  7.391   1.00 22.66 ? 456 HOH A O     1 
HETATM 588 O  O     . HOH H 4 .  ? 4.121   11.737  -1.616  1.00 26.01 ? 457 HOH A O     1 
HETATM 589 O  O     . HOH H 4 .  ? -4.026  -11.147 -3.946  1.00 23.42 ? 459 HOH A O     1 
HETATM 590 O  O     . HOH H 4 .  ? 4.512   3.778   0.946   1.00 30.21 ? 460 HOH A O     1 
HETATM 591 O  O     . HOH H 4 .  ? 4.908   -12.268 -16.677 1.00 24.87 ? 461 HOH A O     1 
HETATM 592 O  O     . HOH H 4 .  ? 10.628  -11.169 -14.919 0.50 17.95 ? 462 HOH A O     1 
HETATM 593 O  O     . HOH H 4 .  ? 5.153   2.608   3.193   1.00 30.84 ? 463 HOH A O     1 
HETATM 594 O  O     . HOH H 4 .  ? 0.265   -3.850  7.388   1.00 27.84 ? 465 HOH A O     1 
HETATM 595 O  O     . HOH H 4 .  ? 2.099   19.021  -3.687  1.00 22.23 ? 468 HOH A O     1 
HETATM 596 O  O     . HOH H 4 .  ? -6.736  -7.637  1.130   1.00 27.37 ? 471 HOH A O     1 
HETATM 597 O  O     . HOH H 4 .  ? -8.209  -0.734  8.022   1.00 24.92 ? 474 HOH A O     1 
HETATM 598 O  O     . HOH H 4 .  ? 10.343  15.232  3.029   0.50 22.30 ? 475 HOH A O     1 
HETATM 599 O  O     . HOH H 4 .  ? -0.608  -8.573  3.410   1.00 26.90 ? 478 HOH A O     1 
HETATM 600 O  O     . HOH H 4 .  ? 1.209   -3.409  -12.817 1.00 25.89 ? 479 HOH A O     1 
HETATM 601 O  O     . HOH H 4 .  ? -6.346  0.481   9.988   1.00 26.87 ? 483 HOH A O     1 
HETATM 602 O  O     . HOH H 4 .  ? 2.622   5.153   11.125  0.50 18.78 ? 484 HOH A O     1 
HETATM 603 O  O     . HOH H 4 .  ? 12.438  11.471  3.259   0.50 25.64 ? 486 HOH A O     1 
HETATM 604 O  O     . HOH H 4 .  ? -3.044  -9.681  2.703   1.00 25.48 ? 488 HOH A O     1 
HETATM 605 O  O     . HOH H 4 .  ? 2.729   7.766   -0.100  1.00 23.30 ? 490 HOH A O     1 
HETATM 606 O  O     . HOH H 4 .  ? 8.948   16.779  -0.620  0.50 22.62 ? 491 HOH A O     1 
HETATM 607 O  O     . HOH H 4 .  ? -10.907 -1.605  1.397   1.00 33.28 ? 493 HOH A O     1 
HETATM 608 O  O     . HOH H 4 .  ? -1.544  -11.616 -15.431 1.00 29.39 ? 495 HOH A O     1 
HETATM 609 O  O     . HOH H 4 .  ? -2.652  1.052   12.417  1.00 32.44 ? 496 HOH A O     1 
HETATM 610 O  O     . HOH H 4 .  ? -4.455  -3.260  -15.305 0.50 19.27 ? 498 HOH A O     1 
HETATM 611 O  O     . HOH H 4 .  ? -6.923  -8.026  -6.802  1.00 35.69 ? 499 HOH A O     1 
HETATM 612 O  O     . HOH H 4 .  ? -9.586  -1.582  -6.454  1.00 47.77 ? 505 HOH A O     1 
HETATM 613 O  O     . HOH H 4 .  ? -6.839  -8.406  -10.840 1.00 58.81 ? 508 HOH A O     1 
HETATM 614 O  O     . HOH H 4 .  ? -9.509  -3.916  -9.496  1.00 41.21 ? 509 HOH A O     1 
HETATM 615 O  O     . HOH H 4 .  ? 2.359   -2.747  11.565  1.00 44.52 ? 510 HOH A O     1 
HETATM 616 O  O     . HOH H 4 .  ? 4.974   6.917   1.143   1.00 31.78 ? 511 HOH A O     1 
HETATM 617 O  O     . HOH H 4 .  ? 5.134   21.342  -2.638  1.00 52.38 ? 514 HOH A O     1 
HETATM 618 O  O     . HOH H 4 .  ? 4.459   17.624  -4.004  1.00 30.24 ? 515 HOH A O     1 
HETATM 619 O  O     . HOH H 4 .  ? -10.525 -0.978  9.630   1.00 42.84 ? 518 HOH A O     1 
HETATM 620 O  O     . HOH H 4 .  ? -1.392  3.731   9.297   1.00 35.86 ? 519 HOH A O     1 
HETATM 621 O  O     . HOH H 4 .  ? 1.363   1.089   13.349  1.00 37.47 ? 527 HOH A O     1 
HETATM 622 O  O     . HOH H 4 .  ? 7.656   3.913   4.317   1.00 59.93 ? 528 HOH A O     1 
HETATM 623 O  O     . HOH H 4 .  ? 0.808   -9.866  -17.818 1.00 38.02 ? 529 HOH A O     1 
HETATM 624 O  O     . HOH H 4 .  ? -6.435  -12.800 -7.583  1.00 30.09 ? 531 HOH A O     1 
HETATM 625 O  O     . HOH H 4 .  ? -10.555 -1.380  4.077   1.00 34.30 ? 532 HOH A O     1 
HETATM 626 O  O     . HOH H 4 .  ? -3.719  -11.726 -14.080 1.00 36.14 ? 535 HOH A O     1 
HETATM 627 O  O     . HOH I 4 .  ? -2.627  11.281  0.366   1.00 14.56 ? 405 HOH B O     1 
HETATM 628 O  O     . HOH I 4 .  ? -2.889  -1.727  -5.763  1.00 13.50 ? 412 HOH B O     1 
HETATM 629 O  O     . HOH I 4 .  ? -5.750  10.749  1.329   1.00 16.39 ? 414 HOH B O     1 
HETATM 630 O  O     . HOH I 4 .  ? -2.011  9.223   -1.397  1.00 17.92 ? 415 HOH B O     1 
HETATM 631 O  O     . HOH I 4 .  ? -4.568  14.942  11.704  1.00 16.62 ? 416 HOH B O     1 
HETATM 632 O  O     . HOH I 4 .  ? 4.243   2.098   -1.446  1.00 23.27 ? 417 HOH B O     1 
HETATM 633 O  O     . HOH I 4 .  ? -6.839  14.259  10.170  1.00 20.23 ? 421 HOH B O     1 
HETATM 634 O  O     . HOH I 4 .  ? -0.291  5.149   -6.340  1.00 22.93 ? 423 HOH B O     1 
HETATM 635 O  O     . HOH I 4 .  ? 1.048   -9.420  -0.503  1.00 19.12 ? 425 HOH B O     1 
HETATM 636 O  O     . HOH I 4 .  ? -2.848  7.605   8.894   1.00 19.36 ? 428 HOH B O     1 
HETATM 637 O  O     . HOH I 4 .  ? 2.564   13.390  17.359  0.50 14.69 ? 429 HOH B O     1 
HETATM 638 O  O     . HOH I 4 .  ? -5.018  16.346  8.323   1.00 27.87 ? 435 HOH B O     1 
HETATM 639 O  O     . HOH I 4 .  ? -4.451  -16.423 -9.878  1.00 21.22 ? 436 HOH B O     1 
HETATM 640 O  O     . HOH I 4 .  ? -6.539  13.589  5.460   1.00 21.12 ? 437 HOH B O     1 
HETATM 641 O  O     . HOH I 4 .  ? 3.950   -5.623  0.382   1.00 27.29 ? 439 HOH B O     1 
HETATM 642 O  O     . HOH I 4 .  ? -5.288  -0.817  -4.610  1.00 17.79 ? 441 HOH B O     1 
HETATM 643 O  O     . HOH I 4 .  ? -4.510  8.818   -2.515  0.50 20.95 ? 445 HOH B O     1 
HETATM 644 O  O     . HOH I 4 .  ? 0.015   10.132  -2.882  1.00 25.41 ? 446 HOH B O     1 
HETATM 645 O  O     . HOH I 4 .  ? -5.720  15.272  15.726  0.50 18.79 ? 448 HOH B O     1 
HETATM 646 O  O     . HOH I 4 .  ? -6.634  0.159   0.533   1.00 19.75 ? 450 HOH B O     1 
HETATM 647 O  O     . HOH I 4 .  ? 1.872   6.065   -1.858  1.00 28.32 ? 454 HOH B O     1 
HETATM 648 O  O     . HOH I 4 .  ? -2.663  6.656   -6.488  1.00 30.47 ? 455 HOH B O     1 
HETATM 649 O  O     . HOH I 4 .  ? 4.713   -1.171  -0.495  1.00 29.12 ? 458 HOH B O     1 
HETATM 650 O  O     . HOH I 4 .  ? 6.772   -0.730  -13.545 0.50 20.76 ? 464 HOH B O     1 
HETATM 651 O  O     . HOH I 4 .  ? -2.520  -15.094 -4.264  1.00 27.26 ? 466 HOH B O     1 
HETATM 652 O  O     . HOH I 4 .  ? -0.975  -12.042 -0.720  1.00 73.19 ? 467 HOH B O     1 
HETATM 653 O  O     . HOH I 4 .  ? -9.745  12.258  8.313   1.00 25.97 ? 469 HOH B O     1 
HETATM 654 O  O     . HOH I 4 .  ? -4.289  5.304   7.097   1.00 22.81 ? 470 HOH B O     1 
HETATM 655 O  O     . HOH I 4 .  ? -1.488  12.301  18.504  0.50 18.58 ? 472 HOH B O     1 
HETATM 656 O  O     . HOH I 4 .  ? -3.631  4.719   -10.061 1.00 30.77 ? 473 HOH B O     1 
HETATM 657 O  O     . HOH I 4 .  ? -8.701  9.983   4.221   1.00 25.24 ? 476 HOH B O     1 
HETATM 658 O  O     . HOH I 4 .  ? 3.132   4.071   -8.410  1.00 30.82 ? 477 HOH B O     1 
HETATM 659 O  O     . HOH I 4 .  ? 5.723   -4.292  -1.156  1.00 25.33 ? 480 HOH B O     1 
HETATM 660 O  O     . HOH I 4 .  ? -3.269  -14.029 -6.284  1.00 31.97 ? 481 HOH B O     1 
HETATM 661 O  O     . HOH I 4 .  ? 4.436   -12.524 0.609   1.00 29.42 ? 482 HOH B O     1 
HETATM 662 O  O     . HOH I 4 .  ? 7.040   -1.326  -3.864  1.00 28.43 ? 485 HOH B O     1 
HETATM 663 O  O     . HOH I 4 .  ? -7.218  -0.176  -6.443  1.00 27.29 ? 487 HOH B O     1 
HETATM 664 O  O     . HOH I 4 .  ? -8.788  9.495   14.350  1.00 29.95 ? 489 HOH B O     1 
HETATM 665 O  O     . HOH I 4 .  ? -9.324  0.312   0.294   1.00 26.45 ? 492 HOH B O     1 
HETATM 666 O  O     . HOH I 4 .  ? -8.852  12.239  5.683   1.00 26.35 ? 494 HOH B O     1 
HETATM 667 O  O     . HOH I 4 .  ? -8.686  16.396  9.808   1.00 41.56 ? 497 HOH B O     1 
HETATM 668 O  O     . HOH I 4 .  ? -3.790  -19.220 -9.769  1.00 26.64 ? 500 HOH B O     1 
HETATM 669 O  O     . HOH I 4 .  ? -4.741  6.733   -4.056  1.00 27.29 ? 501 HOH B O     1 
HETATM 670 O  O     . HOH I 4 .  ? 1.672   6.612   -4.941  1.00 32.82 ? 502 HOH B O     1 
HETATM 671 O  O     . HOH I 4 .  ? 5.651   2.677   -3.627  1.00 31.62 ? 503 HOH B O     1 
HETATM 672 O  O     . HOH I 4 .  ? 10.881  -14.358 -2.807  0.50 20.03 ? 504 HOH B O     1 
HETATM 673 O  O     . HOH I 4 .  ? -1.150  -19.394 -10.392 0.50 18.51 ? 506 HOH B O     1 
HETATM 674 O  O     . HOH I 4 .  ? -5.851  -0.160  -9.020  1.00 29.27 ? 507 HOH B O     1 
HETATM 675 O  O     . HOH I 4 .  ? -3.020  -10.845 0.609   1.00 30.77 ? 512 HOH B O     1 
HETATM 676 O  O     . HOH I 4 .  ? 12.604  -10.652 -3.086  1.00 25.64 ? 513 HOH B O     1 
HETATM 677 O  O     . HOH I 4 .  ? -8.850  7.135   11.241  1.00 36.10 ? 516 HOH B O     1 
HETATM 678 O  O     . HOH I 4 .  ? 7.830   -7.075  0.269   1.00 60.10 ? 517 HOH B O     1 
HETATM 679 O  O     . HOH I 4 .  ? -5.204  4.955   9.455   1.00 34.04 ? 520 HOH B O     1 
HETATM 680 O  O     . HOH I 4 .  ? -9.445  0.726   3.623   1.00 38.52 ? 521 HOH B O     1 
HETATM 681 O  O     . HOH I 4 .  ? 0.628   9.108   -5.276  1.00 31.94 ? 522 HOH B O     1 
HETATM 682 O  O     . HOH I 4 .  ? 3.853   1.770   -12.741 0.50 23.50 ? 523 HOH B O     1 
HETATM 683 O  O     . HOH I 4 .  ? -9.112  3.489   7.699   1.00 39.15 ? 524 HOH B O     1 
HETATM 684 O  O     . HOH I 4 .  ? 9.744   -1.068  -8.070  1.00 35.15 ? 525 HOH B O     1 
HETATM 685 O  O     . HOH I 4 .  ? -8.545  13.626  13.408  1.00 54.17 ? 526 HOH B O     1 
HETATM 686 O  O     . HOH I 4 .  ? 7.237   -11.571 1.203   1.00 33.34 ? 530 HOH B O     1 
HETATM 687 O  O     . HOH I 4 .  ? 11.042  -16.842 -1.620  0.50 16.87 ? 533 HOH B O     1 
HETATM 688 O  O     . HOH I 4 .  ? 0.342   -16.585 -0.855  1.00 31.19 ? 534 HOH B O     1 
HETATM 689 O  O     . HOH I 4 .  ? -4.217  -17.732 -4.925  1.00 38.34 ? 536 HOH B O     1 
# 
loop_
_atom_site_anisotrop.id 
_atom_site_anisotrop.type_symbol 
_atom_site_anisotrop.pdbx_label_atom_id 
_atom_site_anisotrop.pdbx_label_alt_id 
_atom_site_anisotrop.pdbx_label_comp_id 
_atom_site_anisotrop.pdbx_label_asym_id 
_atom_site_anisotrop.pdbx_label_seq_id 
_atom_site_anisotrop.pdbx_PDB_ins_code 
_atom_site_anisotrop.U[1][1] 
_atom_site_anisotrop.U[2][2] 
_atom_site_anisotrop.U[3][3] 
_atom_site_anisotrop.U[1][2] 
_atom_site_anisotrop.U[1][3] 
_atom_site_anisotrop.U[2][3] 
_atom_site_anisotrop.pdbx_auth_seq_id 
_atom_site_anisotrop.pdbx_auth_comp_id 
_atom_site_anisotrop.pdbx_auth_asym_id 
_atom_site_anisotrop.pdbx_auth_atom_id 
1   O  "O5'" . DC  A 1  ? 0.1954 0.2103 0.2163 0.0130  -0.0067 0.0540  101 DC  A "O5'" 
2   C  "C5'" . DC  A 1  ? 0.1831 0.2069 0.1652 -0.0001 -0.0113 0.0427  101 DC  A "C5'" 
3   C  "C4'" . DC  A 1  ? 0.1615 0.1879 0.1681 0.0038  -0.0242 0.0200  101 DC  A "C4'" 
4   O  "O4'" . DC  A 1  ? 0.1817 0.1598 0.1631 -0.0062 -0.0044 0.0150  101 DC  A "O4'" 
5   C  "C3'" . DC  A 1  ? 0.1556 0.2160 0.1665 0.0023  -0.0088 0.0083  101 DC  A "C3'" 
6   O  "O3'" . DC  A 1  ? 0.1754 0.2149 0.2110 0.0122  0.0002  0.0076  101 DC  A "O3'" 
7   C  "C2'" . DC  A 1  ? 0.1876 0.1640 0.1707 -0.0135 0.0031  0.0054  101 DC  A "C2'" 
8   C  "C1'" . DC  A 1  ? 0.1800 0.1515 0.1677 0.0013  -0.0051 0.0060  101 DC  A "C1'" 
9   N  N1    . DC  A 1  ? 0.1480 0.1442 0.1345 -0.0003 -0.0193 0.0044  101 DC  A N1    
10  C  C2    . DC  A 1  ? 0.1489 0.1457 0.1488 -0.0055 -0.0228 0.0008  101 DC  A C2    
11  O  O2    . DC  A 1  ? 0.1562 0.1991 0.1449 -0.0053 -0.0160 0.0231  101 DC  A O2    
12  N  N3    . DC  A 1  ? 0.1465 0.1410 0.1375 0.0039  -0.0198 -0.0021 101 DC  A N3    
13  C  C4    . DC  A 1  ? 0.1480 0.1481 0.1433 -0.0026 -0.0101 0.0081  101 DC  A C4    
14  N  N4    . DC  A 1  ? 0.1612 0.1680 0.1550 0.0087  -0.0180 0.0026  101 DC  A N4    
15  C  C5    . DC  A 1  ? 0.1531 0.1673 0.1546 0.0010  -0.0272 -0.0053 101 DC  A C5    
16  C  C6    . DC  A 1  ? 0.1520 0.1600 0.1619 -0.0036 -0.0215 0.0043  101 DC  A C6    
17  P  P     . DG  A 2  ? 0.1919 0.2311 0.2319 0.0025  0.0163  0.0131  102 DG  A P     
18  O  OP1   . DG  A 2  ? 0.1910 0.2798 0.3261 -0.0340 0.0366  0.0295  102 DG  A OP1   
19  O  OP2   . DG  A 2  ? 0.2200 0.2478 0.2693 0.0219  0.0279  0.0093  102 DG  A OP2   
20  O  "O5'" . DG  A 2  ? 0.1862 0.1977 0.2264 0.0082  -0.0217 0.0215  102 DG  A "O5'" 
21  C  "C5'" . DG  A 2  ? 0.1448 0.2308 0.2446 -0.0162 -0.0199 0.0118  102 DG  A "C5'" 
22  C  "C4'" . DG  A 2  ? 0.1264 0.2148 0.2341 -0.0036 0.0142  0.0124  102 DG  A "C4'" 
23  O  "O4'" . DG  A 2  ? 0.1300 0.2140 0.2377 -0.0008 0.0090  -0.0256 102 DG  A "O4'" 
24  C  "C3'" . DG  A 2  ? 0.1441 0.1909 0.2253 0.0197  -0.0117 0.0126  102 DG  A "C3'" 
25  O  "O3'" . DG  A 2  ? 0.1468 0.3207 0.2558 0.0984  0.0009  0.0212  102 DG  A "O3'" 
26  C  "C2'" . DG  A 2  ? 0.1422 0.2096 0.2271 0.0156  0.0311  0.0017  102 DG  A "C2'" 
27  C  "C1'" . DG  A 2  ? 0.1292 0.1887 0.1892 0.0052  -0.0008 0.0045  102 DG  A "C1'" 
28  N  N9    . DG  A 2  ? 0.1300 0.1658 0.1720 0.0085  -0.0040 0.0006  102 DG  A N9    
29  C  C8    . DG  A 2  ? 0.1405 0.1470 0.1808 0.0077  -0.0134 0.0139  102 DG  A C8    
30  N  N7    . DG  A 2  ? 0.1340 0.1410 0.1669 0.0016  0.0039  -0.0016 102 DG  A N7    
31  C  C5    . DG  A 2  ? 0.1309 0.1306 0.1497 0.0035  -0.0149 -0.0001 102 DG  A C5    
32  C  C6    . DG  A 2  ? 0.1249 0.1209 0.1539 -0.0024 -0.0157 -0.0070 102 DG  A C6    
33  O  O6    . DG  A 2  ? 0.1286 0.1389 0.1539 -0.0050 -0.0135 0.0041  102 DG  A O6    
34  N  N1    . DG  A 2  ? 0.1247 0.1162 0.1526 -0.0066 -0.0103 -0.0051 102 DG  A N1    
35  C  C2    . DG  A 2  ? 0.1247 0.1216 0.1545 -0.0079 -0.0107 0.0006  102 DG  A C2    
36  N  N2    . DG  A 2  ? 0.1372 0.1333 0.1665 -0.0063 -0.0126 -0.0042 102 DG  A N2    
37  N  N3    . DG  A 2  ? 0.1349 0.1357 0.1651 -0.0019 -0.0090 -0.0032 102 DG  A N3    
38  C  C4    . DG  A 2  ? 0.1342 0.1405 0.1606 0.0076  -0.0032 0.0123  102 DG  A C4    
39  P  P     . DC  A 3  ? 0.1693 0.2474 0.2411 0.0440  0.0297  0.0185  103 DC  A P     
40  O  OP1   . DC  A 3  ? 0.1987 0.3568 0.4845 0.0277  0.1013  0.0218  103 DC  A OP1   
41  O  OP2   . DC  A 3  ? 0.2847 0.3356 0.4163 0.1215  0.0087  -0.0463 103 DC  A OP2   
42  O  "O5'" . DC  A 3  ? 0.3308 0.2299 0.2557 0.0494  0.0605  0.0120  103 DC  A "O5'" 
43  C  "C5'" . DC  A 3  ? 0.1782 0.2514 0.1999 -0.0026 -0.0061 0.0183  103 DC  A "C5'" 
44  C  "C4'" . DC  A 3  ? 0.1650 0.1744 0.1997 -0.0067 -0.0119 -0.0070 103 DC  A "C4'" 
45  O  "O4'" . DC  A 3  ? 0.1685 0.1474 0.2337 -0.0134 -0.0196 -0.0099 103 DC  A "O4'" 
46  C  "C3'" . DC  A 3  ? 0.2457 0.1927 0.2281 0.0150  -0.0392 0.0024  103 DC  A "C3'" 
47  O  "O3'" A DC  A 3  ? 0.2959 0.2723 0.3612 0.0174  0.0067  0.0306  103 DC  A "O3'" 
48  O  "O3'" B DC  A 3  ? 0.2294 0.2917 0.3661 0.0313  -0.0204 0.0235  103 DC  A "O3'" 
49  C  "C2'" . DC  A 3  ? 0.2240 0.1908 0.2968 0.0115  -0.0306 0.0067  103 DC  A "C2'" 
50  C  "C1'" . DC  A 3  ? 0.1840 0.1778 0.2452 -0.0298 -0.0442 0.0091  103 DC  A "C1'" 
51  N  N1    . DC  A 3  ? 0.1624 0.1641 0.2259 -0.0189 -0.0271 -0.0070 103 DC  A N1    
52  C  C2    . DC  A 3  ? 0.1738 0.1267 0.1918 -0.0029 -0.0130 -0.0128 103 DC  A C2    
53  O  O2    . DC  A 3  ? 0.1742 0.1445 0.2061 -0.0036 -0.0287 -0.0030 103 DC  A O2    
54  N  N3    . DC  A 3  ? 0.1499 0.1254 0.2055 -0.0113 -0.0229 -0.0202 103 DC  A N3    
55  C  C4    . DC  A 3  ? 0.1613 0.1400 0.1976 -0.0018 -0.0114 -0.0154 103 DC  A C4    
56  N  N4    . DC  A 3  ? 0.1793 0.1584 0.1938 -0.0002 -0.0196 -0.0063 103 DC  A N4    
57  C  C5    . DC  A 3  ? 0.1633 0.1829 0.2184 0.0000  -0.0088 -0.0131 103 DC  A C5    
58  C  C6    . DC  A 3  ? 0.1710 0.1623 0.2345 -0.0211 -0.0178 -0.0032 103 DC  A C6    
59  P  P     A DG  A 4  ? 0.2180 0.2034 0.2510 0.0433  0.0223  0.0064  104 DG  A P     
60  P  P     B DG  A 4  ? 0.1551 0.2113 0.2622 0.0167  -0.0393 0.0097  104 DG  A P     
61  O  OP1   A DG  A 4  ? 0.1519 0.2200 0.3922 0.0439  0.0306  0.0505  104 DG  A OP1   
62  O  OP1   B DG  A 4  ? 0.2023 0.2647 0.3631 0.0319  -0.0684 0.0734  104 DG  A OP1   
63  O  OP2   A DG  A 4  ? 0.3019 0.2372 0.3595 0.0849  0.0298  0.0152  104 DG  A OP2   
64  O  OP2   B DG  A 4  ? 0.1404 0.2386 0.2995 0.0124  0.0314  0.0302  104 DG  A OP2   
65  O  "O5'" A DG  A 4  ? 0.2174 0.1673 0.2297 0.0235  -0.0287 -0.0015 104 DG  A "O5'" 
66  O  "O5'" B DG  A 4  ? 0.1990 0.2187 0.2360 0.0321  -0.0418 -0.0102 104 DG  A "O5'" 
67  C  "C5'" A DG  A 4  ? 0.2084 0.2003 0.2134 0.0105  -0.0319 -0.0116 104 DG  A "C5'" 
68  C  "C5'" B DG  A 4  ? 0.2009 0.2368 0.2557 -0.0059 -0.0153 -0.0261 104 DG  A "C5'" 
69  C  "C4'" A DG  A 4  ? 0.1821 0.1818 0.2287 0.0211  0.0148  0.0171  104 DG  A "C4'" 
70  C  "C4'" B DG  A 4  ? 0.1621 0.2180 0.2126 -0.0248 -0.0314 -0.0008 104 DG  A "C4'" 
71  O  "O4'" A DG  A 4  ? 0.1441 0.1610 0.1788 0.0047  0.0033  0.0078  104 DG  A "O4'" 
72  O  "O4'" B DG  A 4  ? 0.1813 0.1996 0.1789 -0.0187 -0.0289 -0.0308 104 DG  A "O4'" 
73  C  "C3'" A DG  A 4  ? 0.1619 0.1827 0.2187 0.0367  0.0070  0.0071  104 DG  A "C3'" 
74  C  "C3'" B DG  A 4  ? 0.1831 0.2247 0.2006 0.0053  -0.0564 -0.0126 104 DG  A "C3'" 
75  O  "O3'" A DG  A 4  ? 0.1915 0.2265 0.3068 0.0432  0.0209  0.0396  104 DG  A "O3'" 
76  O  "O3'" B DG  A 4  ? 0.1792 0.2595 0.2332 -0.0362 -0.0521 0.0100  104 DG  A "O3'" 
77  C  "C2'" A DG  A 4  ? 0.1895 0.2042 0.2480 0.0228  0.0213  0.0082  104 DG  A "C2'" 
78  C  "C2'" B DG  A 4  ? 0.2220 0.1792 0.2138 -0.0077 -0.0278 -0.0239 104 DG  A "C2'" 
79  C  "C1'" A DG  A 4  ? 0.1747 0.1556 0.1853 0.0072  0.0075  0.0018  104 DG  A "C1'" 
80  C  "C1'" B DG  A 4  ? 0.1829 0.1875 0.1913 -0.0043 0.0103  -0.0118 104 DG  A "C1'" 
81  N  N9    A DG  A 4  ? 0.1221 0.1666 0.2018 -0.0074 0.0148  -0.0055 104 DG  A N9    
82  N  N9    B DG  A 4  ? 0.1679 0.1351 0.1601 -0.0254 -0.0007 0.0082  104 DG  A N9    
83  C  C8    A DG  A 4  ? 0.2061 0.1532 0.1865 0.0020  -0.0196 -0.0160 104 DG  A C8    
84  C  C8    B DG  A 4  ? 0.1932 0.1366 0.1621 0.0081  0.0115  -0.0089 104 DG  A C8    
85  N  N7    A DG  A 4  ? 0.1750 0.1622 0.2113 -0.0127 -0.0160 -0.0154 104 DG  A N7    
86  N  N7    B DG  A 4  ? 0.1461 0.1380 0.2080 0.0055  -0.0314 -0.0173 104 DG  A N7    
87  C  C5    A DG  A 4  ? 0.1632 0.1208 0.2858 0.0046  -0.0217 -0.0516 104 DG  A C5    
88  C  C5    B DG  A 4  ? 0.1630 0.1178 0.2154 -0.0081 -0.0149 -0.0170 104 DG  A C5    
89  C  C6    A DG  A 4  ? 0.1713 0.1184 0.2669 -0.0153 0.0039  -0.0420 104 DG  A C6    
90  C  C6    B DG  A 4  ? 0.1609 0.1237 0.2628 -0.0001 -0.0049 -0.0429 104 DG  A C6    
91  O  O6    A DG  A 4  ? 0.1249 0.1469 0.2763 -0.0137 0.0255  -0.0336 104 DG  A O6    
92  O  O6    B DG  A 4  ? 0.1278 0.1419 0.2824 0.0130  0.0319  -0.0363 104 DG  A O6    
93  N  N1    A DG  A 4  ? 0.1443 0.1185 0.2392 -0.0187 0.0079  -0.0274 104 DG  A N1    
94  N  N1    B DG  A 4  ? 0.1511 0.1244 0.2613 -0.0098 0.0083  -0.0273 104 DG  A N1    
95  C  C2    A DG  A 4  ? 0.1891 0.1263 0.2863 0.0167  -0.0267 -0.0316 104 DG  A C2    
96  C  C2    B DG  A 4  ? 0.1568 0.1190 0.2117 0.0047  -0.0250 -0.0183 104 DG  A C2    
97  N  N2    A DG  A 4  ? 0.1750 0.1546 0.1986 -0.0021 -0.0569 -0.0090 104 DG  A N2    
98  N  N2    B DG  A 4  ? 0.1416 0.1309 0.1595 0.0032  -0.0326 0.0089  104 DG  A N2    
99  N  N3    A DG  A 4  ? 0.1766 0.1473 0.2833 -0.0102 -0.0175 -0.0481 104 DG  A N3    
100 N  N3    B DG  A 4  ? 0.1479 0.1352 0.2803 0.0004  -0.0260 -0.0264 104 DG  A N3    
101 C  C4    A DG  A 4  ? 0.1453 0.1233 0.2350 -0.0256 -0.0162 -0.0167 104 DG  A C4    
102 C  C4    B DG  A 4  ? 0.1878 0.1523 0.2489 -0.0182 0.0156  -0.0370 104 DG  A C4    
103 P  P     A DA  A 5  ? 0.2706 0.2689 0.3644 0.0647  0.0233  0.0358  105 DA  A P     
104 P  P     B DA  A 5  ? 0.2773 0.2621 0.2609 0.0799  -0.0693 0.0130  105 DA  A P     
105 O  OP1   A DA  A 5  ? 0.2889 0.3389 0.3747 0.0020  -0.0142 -0.0295 105 DA  A OP1   
106 O  OP1   B DA  A 5  ? 0.2446 0.3708 0.3013 -0.0359 -0.0102 0.0321  105 DA  A OP1   
107 O  OP2   A DA  A 5  ? 0.3302 0.2701 0.4059 -0.0263 -0.0066 0.0290  105 DA  A OP2   
108 O  OP2   B DA  A 5  ? 0.2851 0.2408 0.3403 0.0823  -0.0317 0.0392  105 DA  A OP2   
109 O  "O5'" A DA  A 5  ? 0.2136 0.2164 0.3107 0.0095  0.0146  0.0422  105 DA  A "O5'" 
110 O  "O5'" B DA  A 5  ? 0.2847 0.1697 0.2849 0.0170  0.0306  0.0118  105 DA  A "O5'" 
111 C  "C5'" A DA  A 5  ? 0.1985 0.2082 0.2190 -0.0373 -0.0117 0.0201  105 DA  A "C5'" 
112 C  "C5'" B DA  A 5  ? 0.2200 0.2176 0.2707 -0.0188 -0.0126 -0.0025 105 DA  A "C5'" 
113 C  "C4'" A DA  A 5  ? 0.2222 0.1820 0.2702 -0.0906 -0.0632 0.0383  105 DA  A "C4'" 
114 C  "C4'" B DA  A 5  ? 0.2409 0.2175 0.2582 -0.0139 -0.0067 0.0337  105 DA  A "C4'" 
115 O  "O4'" A DA  A 5  ? 0.2908 0.1747 0.2491 -0.0142 -0.0627 0.0140  105 DA  A "O4'" 
116 O  "O4'" B DA  A 5  ? 0.2012 0.1606 0.2133 -0.0226 -0.0142 -0.0025 105 DA  A "O4'" 
117 C  "C3'" A DA  A 5  ? 0.2932 0.2385 0.2750 -0.0298 -0.0159 -0.0064 105 DA  A "C3'" 
118 C  "C3'" B DA  A 5  ? 0.2150 0.2077 0.2028 -0.0116 0.0134  0.0361  105 DA  A "C3'" 
119 O  "O3'" A DA  A 5  ? 0.4096 0.2986 0.3340 -0.0683 -0.0544 0.1449  105 DA  A "O3'" 
120 O  "O3'" B DA  A 5  ? 0.1773 0.1929 0.1730 -0.0425 -0.0157 -0.0192 105 DA  A "O3'" 
121 C  "C2'" A DA  A 5  ? 0.2967 0.1784 0.2195 -0.0654 0.0142  0.0557  105 DA  A "C2'" 
122 C  "C2'" B DA  A 5  ? 0.2088 0.1939 0.1420 -0.0109 0.0196  0.0170  105 DA  A "C2'" 
123 C  "C1'" A DA  A 5  ? 0.3197 0.2439 0.1926 -0.0078 -0.0302 -0.0022 105 DA  A "C1'" 
124 C  "C1'" B DA  A 5  ? 0.1533 0.1265 0.1644 -0.0333 -0.0025 0.0212  105 DA  A "C1'" 
125 N  N9    A DA  A 5  ? 0.2102 0.2210 0.2123 0.0040  -0.0373 -0.0282 105 DA  A N9    
126 N  N9    B DA  A 5  ? 0.1613 0.1751 0.1655 -0.0057 0.0181  0.0202  105 DA  A N9    
127 C  C8    A DA  A 5  ? 0.2486 0.2260 0.1649 0.0151  -0.0464 -0.0045 105 DA  A C8    
128 C  C8    B DA  A 5  ? 0.1440 0.1847 0.1573 -0.0155 0.0112  0.0029  105 DA  A C8    
129 N  N7    A DA  A 5  ? 0.2367 0.1387 0.2373 0.0057  -0.0460 -0.0341 105 DA  A N7    
130 N  N7    B DA  A 5  ? 0.2014 0.1510 0.1622 0.0110  0.0150  0.0013  105 DA  A N7    
131 C  C5    A DA  A 5  ? 0.1567 0.1286 0.1842 -0.0036 -0.0189 -0.0251 105 DA  A C5    
132 C  C5    B DA  A 5  ? 0.1475 0.1227 0.1498 -0.0247 0.0037  -0.0001 105 DA  A C5    
133 C  C6    A DA  A 5  ? 0.2133 0.1185 0.1570 -0.0020 0.0143  -0.0048 105 DA  A C6    
134 C  C6    B DA  A 5  ? 0.1619 0.1225 0.1616 -0.0115 0.0089  -0.0151 105 DA  A C6    
135 N  N6    A DA  A 5  ? 0.2192 0.1114 0.2035 -0.0205 0.0061  -0.0066 105 DA  A N6    
136 N  N6    B DA  A 5  ? 0.1810 0.1293 0.1802 -0.0005 0.0204  -0.0112 105 DA  A N6    
137 N  N1    A DA  A 5  ? 0.1858 0.1121 0.1564 0.0021  0.0311  -0.0079 105 DA  A N1    
138 N  N1    B DA  A 5  ? 0.1567 0.1230 0.1518 -0.0089 0.0229  0.0004  105 DA  A N1    
139 C  C2    A DA  A 5  ? 0.2132 0.1179 0.1419 -0.0070 0.0051  0.0066  105 DA  A C2    
140 C  C2    B DA  A 5  ? 0.1495 0.1552 0.1683 -0.0110 0.0428  0.0162  105 DA  A C2    
141 N  N3    A DA  A 5  ? 0.1936 0.1619 0.1580 -0.0035 0.0045  -0.0156 105 DA  A N3    
142 N  N3    B DA  A 5  ? 0.1703 0.1606 0.1737 0.0022  0.0250  0.0053  105 DA  A N3    
143 C  C4    A DA  A 5  ? 0.2191 0.1524 0.1607 0.0084  0.0122  0.0031  105 DA  A C4    
144 C  C4    B DA  A 5  ? 0.1501 0.1256 0.1740 -0.0039 -0.0090 -0.0154 105 DA  A C4    
145 P  P     A 7DA A 6  ? 0.2382 0.1925 0.2872 -0.0613 -0.0818 0.0460  106 7DA A P     
146 P  P     B 7DA A 6  ? 0.1659 0.1446 0.1800 -0.0266 -0.0063 0.0102  106 7DA A P     
147 O  OP1   A 7DA A 6  ? 0.3220 0.2920 0.2704 -0.0661 -0.0415 0.0182  106 7DA A OP1   
148 O  OP1   B 7DA A 6  ? 0.1923 0.1241 0.2651 -0.0400 -0.0527 -0.0029 106 7DA A OP1   
149 O  OP2   A 7DA A 6  ? 0.3491 0.2104 0.3930 -0.1015 -0.0698 0.0467  106 7DA A OP2   
150 O  OP2   B 7DA A 6  ? 0.1667 0.1147 0.1659 -0.0370 -0.0169 0.0550  106 7DA A OP2   
151 O  "O5'" A 7DA A 6  ? 0.1956 0.1469 0.2496 -0.0470 -0.0526 0.0153  106 7DA A "O5'" 
152 O  "O5'" B 7DA A 6  ? 0.1537 0.1567 0.1734 -0.0147 0.0231  -0.0144 106 7DA A "O5'" 
153 N  N9    A 7DA A 6  ? 0.1460 0.1434 0.1648 -0.0149 0.0008  -0.0127 106 7DA A N9    
154 N  N9    B 7DA A 6  ? 0.1543 0.1404 0.1663 -0.0149 0.0116  -0.0118 106 7DA A N9    
155 C  C4    A 7DA A 6  ? 0.1597 0.1286 0.1516 -0.0129 0.0082  -0.0070 106 7DA A C4    
156 C  C4    B 7DA A 6  ? 0.1599 0.1270 0.1614 -0.0227 0.0147  -0.0006 106 7DA A C4    
157 N  N3    A 7DA A 6  ? 0.1322 0.1350 0.1674 0.0009  0.0029  -0.0059 106 7DA A N3    
158 N  N3    B 7DA A 6  ? 0.1569 0.1288 0.1696 -0.0079 0.0142  -0.0004 106 7DA A N3    
159 C  C2    A 7DA A 6  ? 0.1737 0.1164 0.1973 -0.0130 0.0170  0.0054  106 7DA A C2    
160 C  C2    B 7DA A 6  ? 0.1343 0.1201 0.1496 -0.0190 0.0221  0.0012  106 7DA A C2    
161 N  N1    A 7DA A 6  ? 0.1584 0.1156 0.1805 -0.0111 0.0215  -0.0057 106 7DA A N1    
162 N  N1    B 7DA A 6  ? 0.1327 0.1094 0.1645 -0.0053 0.0167  -0.0031 106 7DA A N1    
163 C  C6    A 7DA A 6  ? 0.1349 0.1052 0.1664 -0.0086 0.0070  -0.0063 106 7DA A C6    
164 C  C6    B 7DA A 6  ? 0.1586 0.1099 0.1929 -0.0038 0.0085  -0.0127 106 7DA A C6    
165 N  N6    A 7DA A 6  ? 0.1528 0.1217 0.1939 -0.0080 0.0179  -0.0035 106 7DA A N6    
166 N  N6    B 7DA A 6  ? 0.1348 0.0982 0.2004 0.0081  0.0004  -0.0085 106 7DA A N6    
167 C  C5    A 7DA A 6  ? 0.1383 0.1181 0.1540 0.0004  0.0087  -0.0162 106 7DA A C5    
168 C  C5    B 7DA A 6  ? 0.1579 0.1297 0.1741 -0.0048 0.0042  -0.0196 106 7DA A C5    
169 C  C7    A 7DA A 6  ? 0.1542 0.1292 0.1736 -0.0207 -0.0042 -0.0040 106 7DA A C7    
170 C  C7    B 7DA A 6  ? 0.1735 0.1448 0.1915 -0.0146 0.0010  -0.0054 106 7DA A C7    
171 C  C8    A 7DA A 6  ? 0.1425 0.1381 0.1536 -0.0120 -0.0018 -0.0046 106 7DA A C8    
172 C  C8    B 7DA A 6  ? 0.1659 0.1612 0.2126 -0.0065 0.0020  -0.0071 106 7DA A C8    
173 C  "C2'" A 7DA A 6  ? 0.1149 0.1516 0.1370 -0.0008 -0.0021 0.0020  106 7DA A "C2'" 
174 C  "C2'" B 7DA A 6  ? 0.1680 0.1605 0.1313 -0.0492 -0.0073 0.0059  106 7DA A "C2'" 
175 C  "C5'" A 7DA A 6  ? 0.2033 0.1643 0.2181 -0.0288 -0.0048 0.0227  106 7DA A "C5'" 
176 C  "C5'" B 7DA A 6  ? 0.1765 0.1355 0.1638 0.0200  0.0061  -0.0214 106 7DA A "C5'" 
177 C  "C4'" A 7DA A 6  ? 0.1715 0.1580 0.1474 -0.0117 0.0097  -0.0057 106 7DA A "C4'" 
178 C  "C4'" B 7DA A 6  ? 0.1714 0.1545 0.1663 -0.0483 0.0049  -0.0104 106 7DA A "C4'" 
179 O  "O4'" A 7DA A 6  ? 0.1682 0.1346 0.1548 -0.0233 0.0244  -0.0092 106 7DA A "O4'" 
180 O  "O4'" B 7DA A 6  ? 0.2034 0.1348 0.1828 -0.0295 0.0292  -0.0136 106 7DA A "O4'" 
181 C  "C1'" A 7DA A 6  ? 0.1660 0.1377 0.1626 -0.0273 0.0231  -0.0074 106 7DA A "C1'" 
182 C  "C1'" B 7DA A 6  ? 0.1556 0.1430 0.1589 -0.0214 0.0227  -0.0046 106 7DA A "C1'" 
183 C  "C3'" A 7DA A 6  ? 0.1474 0.1455 0.1305 -0.0322 0.0150  0.0010  106 7DA A "C3'" 
184 C  "C3'" B 7DA A 6  ? 0.1603 0.1794 0.1756 -0.0408 0.0234  -0.0204 106 7DA A "C3'" 
185 O  "O3'" A 7DA A 6  ? 0.1657 0.1431 0.1498 -0.0059 0.0119  -0.0053 106 7DA A "O3'" 
186 O  "O3'" B 7DA A 6  ? 0.1752 0.1454 0.1625 -0.0213 0.0010  -0.0023 106 7DA A "O3'" 
187 P  P     . DT  A 7  ? 0.1545 0.1680 0.1525 -0.0160 0.0081  -0.0018 107 DT  A P     
188 O  OP1   . DT  A 7  ? 0.1640 0.2143 0.1538 -0.0154 0.0164  0.0043  107 DT  A OP1   
189 O  OP2   . DT  A 7  ? 0.1683 0.1767 0.1521 -0.0284 0.0028  -0.0071 107 DT  A OP2   
190 O  "O5'" . DT  A 7  ? 0.1656 0.1713 0.1474 -0.0062 0.0088  0.0022  107 DT  A "O5'" 
191 C  "C5'" . DT  A 7  ? 0.1576 0.2086 0.1673 0.0187  0.0135  0.0048  107 DT  A "C5'" 
192 C  "C4'" . DT  A 7  ? 0.1507 0.1963 0.1513 -0.0108 0.0282  -0.0016 107 DT  A "C4'" 
193 O  "O4'" . DT  A 7  ? 0.1551 0.1670 0.1623 -0.0074 0.0202  -0.0056 107 DT  A "O4'" 
194 C  "C3'" . DT  A 7  ? 0.1527 0.1934 0.1408 -0.0116 0.0003  0.0066  107 DT  A "C3'" 
195 O  "O3'" . DT  A 7  ? 0.1585 0.2409 0.1642 -0.0032 0.0110  -0.0013 107 DT  A "O3'" 
196 C  "C2'" . DT  A 7  ? 0.1609 0.1823 0.1733 -0.0023 0.0114  -0.0033 107 DT  A "C2'" 
197 C  "C1'" . DT  A 7  ? 0.1632 0.1670 0.1427 0.0022  0.0158  -0.0078 107 DT  A "C1'" 
198 N  N1    . DT  A 7  ? 0.1453 0.1339 0.1479 -0.0050 0.0078  0.0004  107 DT  A N1    
199 C  C2    . DT  A 7  ? 0.1510 0.1391 0.1449 -0.0081 0.0124  0.0005  107 DT  A C2    
200 O  O2    . DT  A 7  ? 0.1571 0.1541 0.1552 -0.0021 0.0185  0.0164  107 DT  A O2    
201 N  N3    . DT  A 7  ? 0.1601 0.1218 0.1569 0.0015  0.0102  0.0022  107 DT  A N3    
202 C  C4    . DT  A 7  ? 0.1466 0.1283 0.1625 -0.0133 0.0136  -0.0053 107 DT  A C4    
203 O  O4    . DT  A 7  ? 0.1480 0.1423 0.1620 -0.0084 0.0067  -0.0062 107 DT  A O4    
204 C  C5    . DT  A 7  ? 0.1506 0.1267 0.1544 -0.0063 0.0073  0.0042  107 DT  A C5    
205 C  C7    . DT  A 7  ? 0.1676 0.1500 0.1788 -0.0131 0.0065  0.0072  107 DT  A C7    
206 C  C6    . DT  A 7  ? 0.1585 0.1313 0.1469 -0.0120 0.0163  0.0016  107 DT  A C6    
207 P  P     . DT  A 8  ? 0.1680 0.2476 0.1822 -0.0304 -0.0006 0.0102  108 DT  A P     
208 O  OP1   . DT  A 8  ? 0.1544 0.3149 0.2451 -0.0124 -0.0044 0.0246  108 DT  A OP1   
209 O  OP2   . DT  A 8  ? 0.1851 0.2601 0.2415 -0.0425 -0.0352 -0.0198 108 DT  A OP2   
210 O  "O5'" . DT  A 8  ? 0.1833 0.2003 0.1735 -0.0159 0.0024  0.0151  108 DT  A "O5'" 
211 C  "C5'" . DT  A 8  ? 0.1857 0.2069 0.1600 -0.0001 0.0061  0.0036  108 DT  A "C5'" 
212 C  "C4'" . DT  A 8  ? 0.1535 0.2205 0.1591 0.0030  0.0081  -0.0052 108 DT  A "C4'" 
213 O  "O4'" . DT  A 8  ? 0.1498 0.1952 0.1692 0.0026  0.0001  -0.0057 108 DT  A "O4'" 
214 C  "C3'" . DT  A 8  ? 0.1877 0.2202 0.1625 -0.0009 -0.0108 0.0034  108 DT  A "C3'" 
215 O  "O3'" . DT  A 8  ? 0.1690 0.2462 0.1611 0.0116  -0.0094 0.0010  108 DT  A "O3'" 
216 C  "C2'" . DT  A 8  ? 0.1832 0.2001 0.1887 -0.0144 -0.0242 -0.0157 108 DT  A "C2'" 
217 C  "C1'" . DT  A 8  ? 0.1574 0.1568 0.1628 0.0071  0.0224  -0.0022 108 DT  A "C1'" 
218 N  N1    . DT  A 8  ? 0.1553 0.1469 0.1510 -0.0012 0.0117  0.0068  108 DT  A N1    
219 C  C2    . DT  A 8  ? 0.1484 0.1287 0.1438 -0.0123 0.0140  0.0039  108 DT  A C2    
220 O  O2    . DT  A 8  ? 0.1635 0.1482 0.1442 -0.0036 0.0072  0.0128  108 DT  A O2    
221 N  N3    . DT  A 8  ? 0.1528 0.1274 0.1381 -0.0019 0.0129  0.0066  108 DT  A N3    
222 C  C4    . DT  A 8  ? 0.1561 0.1328 0.1205 -0.0125 0.0161  0.0014  108 DT  A C4    
223 O  O4    . DT  A 8  ? 0.1556 0.1313 0.1391 -0.0028 0.0152  0.0125  108 DT  A O4    
224 C  C5    . DT  A 8  ? 0.1578 0.1332 0.1420 -0.0127 0.0105  0.0065  108 DT  A C5    
225 C  C7    . DT  A 8  ? 0.1921 0.1610 0.1530 -0.0250 0.0154  0.0146  108 DT  A C7    
226 C  C6    . DT  A 8  ? 0.1731 0.1513 0.1398 -0.0256 0.0104  0.0062  108 DT  A C6    
227 P  P     . DC  A 9  ? 0.1859 0.2597 0.1842 -0.0005 -0.0156 -0.0082 109 DC  A P     
228 O  OP1   . DC  A 9  ? 0.2038 0.3322 0.2133 0.0084  -0.0358 -0.0076 109 DC  A OP1   
229 O  OP2   . DC  A 9  ? 0.1999 0.2797 0.2105 -0.0319 -0.0247 -0.0175 109 DC  A OP2   
230 O  "O5'" . DC  A 9  ? 0.1810 0.2241 0.1726 0.0018  0.0048  -0.0032 109 DC  A "O5'" 
231 C  "C5'" . DC  A 9  ? 0.1826 0.1912 0.1914 0.0257  0.0035  0.0078  109 DC  A "C5'" 
232 C  "C4'" . DC  A 9  ? 0.1625 0.1945 0.1704 0.0384  -0.0160 0.0146  109 DC  A "C4'" 
233 O  "O4'" . DC  A 9  ? 0.1800 0.1771 0.1592 0.0224  -0.0178 0.0084  109 DC  A "O4'" 
234 C  "C3'" . DC  A 9  ? 0.1907 0.2017 0.1409 0.0259  -0.0026 0.0074  109 DC  A "C3'" 
235 O  "O3'" . DC  A 9  ? 0.1952 0.2169 0.1603 0.0381  -0.0115 0.0239  109 DC  A "O3'" 
236 C  "C2'" . DC  A 9  ? 0.1883 0.1697 0.1496 0.0113  0.0005  0.0133  109 DC  A "C2'" 
237 C  "C1'" . DC  A 9  ? 0.1630 0.1490 0.1609 0.0247  0.0006  0.0101  109 DC  A "C1'" 
238 N  N1    . DC  A 9  ? 0.1507 0.1524 0.1405 0.0032  -0.0014 0.0145  109 DC  A N1    
239 C  C2    . DC  A 9  ? 0.1493 0.1331 0.1485 0.0020  -0.0010 0.0025  109 DC  A C2    
240 O  O2    . DC  A 9  ? 0.1430 0.1529 0.1395 0.0112  0.0050  0.0152  109 DC  A O2    
241 N  N3    . DC  A 9  ? 0.1543 0.1343 0.1328 0.0079  0.0033  0.0085  109 DC  A N3    
242 C  C4    . DC  A 9  ? 0.1475 0.1241 0.1363 -0.0085 0.0031  -0.0017 109 DC  A C4    
243 N  N4    . DC  A 9  ? 0.1598 0.1356 0.1358 -0.0035 0.0107  0.0076  109 DC  A N4    
244 C  C5    . DC  A 9  ? 0.1679 0.1513 0.1557 -0.0104 0.0048  0.0055  109 DC  A C5    
245 C  C6    . DC  A 9  ? 0.1719 0.1505 0.1503 -0.0055 0.0044  0.0118  109 DC  A C6    
246 P  P     . DG  A 10 ? 0.2220 0.2614 0.1664 0.0597  -0.0144 0.0292  110 DG  A P     
247 O  OP1   . DG  A 10 ? 0.3040 0.2701 0.2012 0.1103  0.0052  0.0600  110 DG  A OP1   
248 O  OP2   . DG  A 10 ? 0.2890 0.3440 0.1713 0.0385  -0.0140 -0.0153 110 DG  A OP2   
249 O  "O5'" . DG  A 10 ? 0.1984 0.2396 0.1626 0.0542  -0.0044 0.0136  110 DG  A "O5'" 
250 C  "C5'" . DG  A 10 ? 0.2073 0.2068 0.1719 0.0330  0.0196  0.0451  110 DG  A "C5'" 
251 C  "C4'" . DG  A 10 ? 0.2149 0.2079 0.1576 0.0452  -0.0091 0.0305  110 DG  A "C4'" 
252 O  "O4'" . DG  A 10 ? 0.1895 0.1951 0.1544 0.0193  -0.0061 0.0183  110 DG  A "O4'" 
253 C  "C3'" . DG  A 10 ? 0.2094 0.2281 0.1666 0.0646  0.0096  0.0113  110 DG  A "C3'" 
254 O  "O3'" . DG  A 10 ? 0.2216 0.2528 0.1351 0.0419  -0.0060 0.0200  110 DG  A "O3'" 
255 C  "C2'" . DG  A 10 ? 0.1908 0.2421 0.1661 0.0315  -0.0264 0.0063  110 DG  A "C2'" 
256 C  "C1'" . DG  A 10 ? 0.1838 0.1917 0.1480 0.0268  -0.0167 -0.0005 110 DG  A "C1'" 
257 N  N9    . DG  A 10 ? 0.1719 0.1881 0.1406 0.0202  -0.0160 0.0100  110 DG  A N9    
258 C  C8    . DG  A 10 ? 0.1722 0.1891 0.1713 0.0230  -0.0081 -0.0054 110 DG  A C8    
259 N  N7    . DG  A 10 ? 0.1630 0.1580 0.1731 0.0006  -0.0169 -0.0042 110 DG  A N7    
260 C  C5    . DG  A 10 ? 0.1638 0.1398 0.1581 0.0108  0.0005  -0.0031 110 DG  A C5    
261 C  C6    . DG  A 10 ? 0.1674 0.1272 0.1464 0.0145  0.0018  -0.0006 110 DG  A C6    
262 O  O6    . DG  A 10 ? 0.1691 0.1526 0.1582 0.0137  0.0047  0.0085  110 DG  A O6    
263 N  N1    . DG  A 10 ? 0.1634 0.1336 0.1365 0.0082  0.0012  0.0009  110 DG  A N1    
264 C  C2    . DG  A 10 ? 0.1670 0.1455 0.1403 0.0258  0.0002  0.0070  110 DG  A C2    
265 N  N2    . DG  A 10 ? 0.1571 0.1587 0.1436 0.0133  -0.0041 0.0099  110 DG  A N2    
266 N  N3    . DG  A 10 ? 0.1595 0.1566 0.1365 0.0214  -0.0109 0.0092  110 DG  A N3    
267 C  C4    . DG  A 10 ? 0.1691 0.1539 0.1543 0.0265  -0.0187 0.0097  110 DG  A C4    
268 P  P     . DC  A 11 ? 0.2344 0.2712 0.1608 0.0582  -0.0154 0.0201  111 DC  A P     
269 O  OP1   . DC  A 11 ? 0.2621 0.2723 0.2019 0.0861  -0.0133 0.0580  111 DC  A OP1   
270 O  OP2   . DC  A 11 ? 0.2778 0.3001 0.2292 0.0469  -0.0160 0.0147  111 DC  A OP2   
271 O  "O5'" . DC  A 11 ? 0.2338 0.2507 0.1634 0.0403  0.0093  0.0190  111 DC  A "O5'" 
272 C  "C5'" . DC  A 11 ? 0.1948 0.2231 0.2113 0.0246  0.0126  0.0452  111 DC  A "C5'" 
273 C  "C4'" . DC  A 11 ? 0.2250 0.1909 0.1967 0.0371  0.0161  0.0344  111 DC  A "C4'" 
274 O  "O4'" . DC  A 11 ? 0.2197 0.1824 0.1732 0.0273  0.0151  0.0262  111 DC  A "O4'" 
275 C  "C3'" . DC  A 11 ? 0.1843 0.2058 0.2241 0.0444  0.0175  0.0314  111 DC  A "C3'" 
276 O  "O3'" . DC  A 11 ? 0.2045 0.2292 0.3005 0.0331  0.0236  0.0125  111 DC  A "O3'" 
277 C  "C2'" . DC  A 11 ? 0.2274 0.1972 0.1714 0.0229  0.0267  0.0218  111 DC  A "C2'" 
278 C  "C1'" . DC  A 11 ? 0.2025 0.1679 0.1809 0.0180  0.0111  0.0170  111 DC  A "C1'" 
279 N  N1    . DC  A 11 ? 0.1754 0.1753 0.1586 0.0276  -0.0014 0.0172  111 DC  A N1    
280 C  C2    . DC  A 11 ? 0.1692 0.1493 0.1457 0.0244  -0.0032 0.0031  111 DC  A C2    
281 O  O2    . DC  A 11 ? 0.1611 0.1718 0.1457 0.0124  0.0057  0.0194  111 DC  A O2    
282 N  N3    . DC  A 11 ? 0.1527 0.1566 0.1554 0.0131  -0.0023 0.0007  111 DC  A N3    
283 C  C4    . DC  A 11 ? 0.1612 0.1529 0.1613 0.0215  -0.0194 -0.0110 111 DC  A C4    
284 N  N4    . DC  A 11 ? 0.1665 0.1660 0.1729 0.0170  -0.0071 0.0045  111 DC  A N4    
285 C  C5    . DC  A 11 ? 0.1792 0.1763 0.1740 0.0308  -0.0153 0.0073  111 DC  A C5    
286 C  C6    . DC  A 11 ? 0.1824 0.1843 0.1748 0.0126  -0.0146 0.0046  111 DC  A C6    
287 P  P     . DG  A 12 ? 0.2345 0.3076 0.3726 0.0544  0.0791  0.0739  112 DG  A P     
288 O  OP1   . DG  A 12 ? 0.2342 0.2973 0.4622 0.0484  0.0385  0.1152  112 DG  A OP1   
289 O  OP2   . DG  A 12 ? 0.3845 0.4547 0.4688 0.0820  0.0884  -0.0247 112 DG  A OP2   
290 O  "O5'" . DG  A 12 ? 0.3362 0.2971 0.3308 0.1161  -0.0150 0.0248  112 DG  A "O5'" 
291 C  "C5'" . DG  A 12 ? 0.2923 0.3534 0.1882 0.0707  -0.0650 -0.0210 112 DG  A "C5'" 
292 C  "C4'" . DG  A 12 ? 0.1718 0.1951 0.1870 0.0267  -0.0118 0.0096  112 DG  A "C4'" 
293 O  "O4'" . DG  A 12 ? 0.2060 0.3890 0.2861 -0.0731 0.0702  -0.1028 112 DG  A "O4'" 
294 C  "C3'" . DG  A 12 ? 0.1604 0.2099 0.1915 0.0343  -0.0025 0.0125  112 DG  A "C3'" 
295 O  "O3'" . DG  A 12 ? 0.1632 0.2341 0.2014 0.0233  0.0018  0.0011  112 DG  A "O3'" 
296 C  "C2'" . DG  A 12 ? 0.1802 0.1994 0.1817 0.0298  0.0127  0.0141  112 DG  A "C2'" 
297 C  "C1'" . DG  A 12 ? 0.1669 0.2480 0.1743 0.0084  0.0209  -0.0090 112 DG  A "C1'" 
298 N  N9    . DG  A 12 ? 0.1418 0.1902 0.1651 0.0178  -0.0161 -0.0006 112 DG  A N9    
299 C  C8    . DG  A 12 ? 0.1644 0.2116 0.1708 0.0090  -0.0112 0.0010  112 DG  A C8    
300 N  N7    . DG  A 12 ? 0.1599 0.1820 0.1852 0.0076  -0.0120 0.0034  112 DG  A N7    
301 C  C5    . DG  A 12 ? 0.1514 0.1572 0.1651 0.0201  -0.0210 -0.0011 112 DG  A C5    
302 C  C6    . DG  A 12 ? 0.1244 0.1656 0.1719 0.0079  -0.0066 -0.0086 112 DG  A C6    
303 O  O6    . DG  A 12 ? 0.1408 0.1907 0.2001 0.0189  -0.0252 -0.0064 112 DG  A O6    
304 N  N1    . DG  A 12 ? 0.1435 0.1605 0.1676 0.0139  -0.0122 -0.0126 112 DG  A N1    
305 C  C2    . DG  A 12 ? 0.1142 0.1521 0.1632 0.0152  -0.0063 -0.0097 112 DG  A C2    
306 N  N2    . DG  A 12 ? 0.1400 0.1734 0.1674 0.0093  0.0025  -0.0045 112 DG  A N2    
307 N  N3    . DG  A 12 ? 0.1365 0.1928 0.1487 0.0170  0.0020  -0.0084 112 DG  A N3    
308 C  C4    . DG  A 12 ? 0.1437 0.1835 0.1517 0.0118  0.0126  -0.0108 112 DG  A C4    
309 O  "O5'" . DC  B 1  ? 0.2722 0.3482 0.4492 -0.0629 0.0038  0.0415  213 DC  B "O5'" 
310 C  "C5'" . DC  B 1  ? 0.2585 0.3251 0.2982 -0.0527 0.0248  0.0401  213 DC  B "C5'" 
311 C  "C4'" . DC  B 1  ? 0.2332 0.2476 0.2361 -0.0487 0.0031  0.0241  213 DC  B "C4'" 
312 O  "O4'" . DC  B 1  ? 0.2063 0.2183 0.2295 -0.0133 -0.0089 0.0003  213 DC  B "O4'" 
313 C  "C3'" . DC  B 1  ? 0.1894 0.2350 0.2001 -0.0216 0.0082  0.0287  213 DC  B "C3'" 
314 O  "O3'" . DC  B 1  ? 0.2353 0.2397 0.2350 -0.0010 0.0024  0.0231  213 DC  B "O3'" 
315 C  "C2'" . DC  B 1  ? 0.2200 0.2369 0.2202 -0.0024 0.0473  0.0341  213 DC  B "C2'" 
316 C  "C1'" . DC  B 1  ? 0.1792 0.2086 0.2282 -0.0016 0.0103  0.0068  213 DC  B "C1'" 
317 N  N1    . DC  B 1  ? 0.1539 0.2018 0.2094 -0.0006 0.0144  0.0062  213 DC  B N1    
318 C  C2    . DC  B 1  ? 0.1499 0.1791 0.2093 0.0002  -0.0105 -0.0034 213 DC  B C2    
319 O  O2    . DC  B 1  ? 0.1453 0.2085 0.1906 0.0035  0.0026  0.0045  213 DC  B O2    
320 N  N3    . DC  B 1  ? 0.1231 0.1756 0.1769 -0.0014 -0.0008 -0.0062 213 DC  B N3    
321 C  C4    . DC  B 1  ? 0.1494 0.1753 0.1965 0.0097  -0.0039 -0.0038 213 DC  B C4    
322 N  N4    . DC  B 1  ? 0.1450 0.1964 0.2010 -0.0026 -0.0062 -0.0137 213 DC  B N4    
323 C  C5    . DC  B 1  ? 0.1490 0.2386 0.2056 -0.0044 0.0002  0.0100  213 DC  B C5    
324 C  C6    . DC  B 1  ? 0.1648 0.2137 0.2424 -0.0033 0.0062  0.0100  213 DC  B C6    
325 P  P     . DG  B 2  ? 0.2485 0.2846 0.2053 -0.0140 0.0083  0.0418  214 DG  B P     
326 O  OP1   . DG  B 2  ? 0.2934 0.2658 0.2485 0.0068  -0.0036 0.0596  214 DG  B OP1   
327 O  OP2   . DG  B 2  ? 0.2659 0.3397 0.2705 -0.0166 0.0704  0.0081  214 DG  B OP2   
328 O  "O5'" . DG  B 2  ? 0.1969 0.2313 0.1899 -0.0137 0.0121  0.0310  214 DG  B "O5'" 
329 C  "C5'" . DG  B 2  ? 0.2059 0.1914 0.1931 0.0305  0.0006  0.0338  214 DG  B "C5'" 
330 C  "C4'" . DG  B 2  ? 0.1787 0.1833 0.1566 0.0216  -0.0123 0.0222  214 DG  B "C4'" 
331 O  "O4'" . DG  B 2  ? 0.1681 0.1907 0.1681 0.0222  -0.0099 0.0160  214 DG  B "O4'" 
332 C  "C3'" . DG  B 2  ? 0.1942 0.1819 0.2015 0.0179  -0.0174 0.0280  214 DG  B "C3'" 
333 O  "O3'" . DG  B 2  ? 0.1770 0.2000 0.1654 0.0238  -0.0322 0.0143  214 DG  B "O3'" 
334 C  "C2'" . DG  B 2  ? 0.1838 0.1873 0.1643 0.0359  -0.0158 0.0116  214 DG  B "C2'" 
335 C  "C1'" . DG  B 2  ? 0.1569 0.2063 0.1539 0.0212  -0.0161 0.0183  214 DG  B "C1'" 
336 N  N9    . DG  B 2  ? 0.1484 0.1868 0.1571 0.0079  -0.0003 0.0273  214 DG  B N9    
337 C  C8    . DG  B 2  ? 0.1611 0.1923 0.1685 0.0162  0.0047  0.0297  214 DG  B C8    
338 N  N7    . DG  B 2  ? 0.1637 0.1800 0.1576 0.0067  -0.0008 0.0118  214 DG  B N7    
339 C  C5    . DG  B 2  ? 0.1549 0.1534 0.1663 0.0060  -0.0032 -0.0011 214 DG  B C5    
340 C  C6    . DG  B 2  ? 0.1262 0.1386 0.1485 0.0127  -0.0163 0.0046  214 DG  B C6    
341 O  O6    . DG  B 2  ? 0.1460 0.1539 0.1693 0.0139  -0.0177 0.0014  214 DG  B O6    
342 N  N1    . DG  B 2  ? 0.1390 0.1435 0.1467 0.0180  -0.0122 -0.0023 214 DG  B N1    
343 C  C2    . DG  B 2  ? 0.1339 0.1416 0.1424 0.0199  -0.0024 0.0034  214 DG  B C2    
344 N  N2    . DG  B 2  ? 0.1422 0.1677 0.1558 0.0211  0.0067  0.0027  214 DG  B N2    
345 N  N3    . DG  B 2  ? 0.1339 0.1573 0.1533 0.0159  0.0016  0.0098  214 DG  B N3    
346 C  C4    . DG  B 2  ? 0.1295 0.1494 0.1382 0.0094  -0.0097 0.0198  214 DG  B C4    
347 P  P     . DC  B 3  ? 0.1961 0.1977 0.1531 0.0299  -0.0255 0.0089  215 DC  B P     
348 O  OP1   . DC  B 3  ? 0.2248 0.2052 0.1973 0.0436  -0.0606 0.0165  215 DC  B OP1   
349 O  OP2   . DC  B 3  ? 0.2307 0.2427 0.1716 0.0299  -0.0087 0.0096  215 DC  B OP2   
350 O  "O5'" . DC  B 3  ? 0.1951 0.1817 0.1517 0.0470  -0.0085 0.0090  215 DC  B "O5'" 
351 C  "C5'" . DC  B 3  ? 0.1711 0.1822 0.1715 0.0337  0.0008  0.0093  215 DC  B "C5'" 
352 C  "C4'" . DC  B 3  ? 0.1629 0.1815 0.1622 0.0092  0.0045  -0.0067 215 DC  B "C4'" 
353 O  "O4'" . DC  B 3  ? 0.1753 0.1871 0.1472 0.0198  -0.0226 0.0121  215 DC  B "O4'" 
354 C  "C3'" . DC  B 3  ? 0.1579 0.1668 0.1637 0.0125  -0.0235 -0.0137 215 DC  B "C3'" 
355 O  "O3'" . DC  B 3  ? 0.1875 0.2021 0.1834 0.0240  -0.0225 -0.0049 215 DC  B "O3'" 
356 C  "C2'" . DC  B 3  ? 0.1945 0.2077 0.2148 0.0173  -0.0430 0.0234  215 DC  B "C2'" 
357 C  "C1'" . DC  B 3  ? 0.1792 0.1752 0.1602 0.0290  -0.0165 0.0236  215 DC  B "C1'" 
358 N  N1    . DC  B 3  ? 0.1684 0.1574 0.1453 0.0095  -0.0006 0.0112  215 DC  B N1    
359 C  C2    . DC  B 3  ? 0.1531 0.1417 0.1301 0.0152  -0.0089 0.0106  215 DC  B C2    
360 O  O2    . DC  B 3  ? 0.1661 0.1613 0.1573 0.0133  0.0003  0.0175  215 DC  B O2    
361 N  N3    . DC  B 3  ? 0.1624 0.1424 0.1363 0.0118  0.0005  0.0107  215 DC  B N3    
362 C  C4    . DC  B 3  ? 0.1823 0.1578 0.1424 0.0076  -0.0034 0.0021  215 DC  B C4    
363 N  N4    . DC  B 3  ? 0.1873 0.1731 0.1504 0.0125  0.0133  0.0056  215 DC  B N4    
364 C  C5    . DC  B 3  ? 0.2100 0.1828 0.1499 0.0076  -0.0004 0.0197  215 DC  B C5    
365 C  C6    . DC  B 3  ? 0.1836 0.1854 0.1402 0.0129  -0.0022 0.0079  215 DC  B C6    
366 P  P     . DG  B 4  ? 0.1970 0.2204 0.2066 0.0131  -0.0486 -0.0058 216 DG  B P     
367 O  OP1   . DG  B 4  ? 0.2050 0.2819 0.2715 -0.0035 -0.0413 -0.0035 216 DG  B OP1   
368 O  OP2   . DG  B 4  ? 0.2395 0.2391 0.1944 0.0019  -0.0424 -0.0150 216 DG  B OP2   
369 O  "O5'" . DG  B 4  ? 0.1891 0.1911 0.1988 0.0173  -0.0203 -0.0001 216 DG  B "O5'" 
370 C  "C5'" . DG  B 4  ? 0.1559 0.2232 0.2287 0.0379  0.0071  0.0015  216 DG  B "C5'" 
371 C  "C4'" . DG  B 4  ? 0.1531 0.2032 0.1982 -0.0017 0.0042  -0.0080 216 DG  B "C4'" 
372 O  "O4'" . DG  B 4  ? 0.1528 0.1859 0.1895 0.0188  -0.0013 0.0041  216 DG  B "O4'" 
373 C  "C3'" . DG  B 4  ? 0.2027 0.1979 0.2286 0.0197  0.0003  0.0005  216 DG  B "C3'" 
374 O  "O3'" . DG  B 4  ? 0.1891 0.1857 0.2670 0.0084  0.0193  0.0123  216 DG  B "O3'" 
375 C  "C2'" . DG  B 4  ? 0.1658 0.1991 0.2045 0.0218  0.0011  -0.0082 216 DG  B "C2'" 
376 C  "C1'" . DG  B 4  ? 0.1586 0.1738 0.1698 0.0112  -0.0025 0.0004  216 DG  B "C1'" 
377 N  N9    . DG  B 4  ? 0.1662 0.1565 0.1575 0.0074  0.0101  0.0163  216 DG  B N9    
378 C  C8    . DG  B 4  ? 0.1640 0.1921 0.1698 0.0226  -0.0100 0.0007  216 DG  B C8    
379 N  N7    . DG  B 4  ? 0.1674 0.1798 0.1512 0.0138  0.0008  0.0091  216 DG  B N7    
380 C  C5    . DG  B 4  ? 0.1564 0.1439 0.1349 0.0194  0.0038  0.0050  216 DG  B C5    
381 C  C6    . DG  B 4  ? 0.1498 0.1264 0.1474 0.0188  0.0069  0.0031  216 DG  B C6    
382 O  O6    . DG  B 4  ? 0.1565 0.1381 0.1364 0.0055  0.0073  0.0089  216 DG  B O6    
383 N  N1    . DG  B 4  ? 0.1440 0.1258 0.1310 0.0149  0.0111  0.0114  216 DG  B N1    
384 C  C2    . DG  B 4  ? 0.1458 0.1306 0.1405 0.0124  0.0073  0.0015  216 DG  B C2    
385 N  N2    . DG  B 4  ? 0.1717 0.1447 0.1381 0.0172  0.0119  0.0119  216 DG  B N2    
386 N  N3    . DG  B 4  ? 0.1443 0.1456 0.1472 0.0168  0.0057  0.0176  216 DG  B N3    
387 C  C4    . DG  B 4  ? 0.1284 0.1461 0.1635 0.0206  -0.0070 -0.0029 216 DG  B C4    
388 P  P     . DA  B 5  ? 0.1940 0.1986 0.2680 -0.0184 0.0186  0.0047  217 DA  B P     
389 O  OP1   . DA  B 5  ? 0.1928 0.2307 0.3266 -0.0312 0.0436  0.0138  217 DA  B OP1   
390 O  OP2   . DA  B 5  ? 0.2362 0.2290 0.3363 -0.0410 -0.0119 0.0029  217 DA  B OP2   
391 O  "O5'" . DA  B 5  ? 0.1744 0.1816 0.2454 -0.0070 0.0328  0.0072  217 DA  B "O5'" 
392 C  "C5'" . DA  B 5  ? 0.1932 0.2197 0.2184 0.0078  0.0590  0.0165  217 DA  B "C5'" 
393 C  "C4'" . DA  B 5  ? 0.1699 0.1822 0.2024 0.0062  0.0663  0.0369  217 DA  B "C4'" 
394 O  "O4'" . DA  B 5  ? 0.1862 0.1627 0.2000 0.0131  0.0557  0.0134  217 DA  B "O4'" 
395 C  "C3'" . DA  B 5  ? 0.1827 0.1951 0.1943 0.0024  0.0375  0.0257  217 DA  B "C3'" 
396 O  "O3'" . DA  B 5  ? 0.1879 0.1998 0.2043 -0.0003 0.0510  0.0405  217 DA  B "O3'" 
397 C  "C2'" . DA  B 5  ? 0.1903 0.1653 0.1892 -0.0090 0.0524  0.0278  217 DA  B "C2'" 
398 C  "C1'" . DA  B 5  ? 0.1731 0.1636 0.1834 0.0102  0.0525  0.0234  217 DA  B "C1'" 
399 N  N9    . DA  B 5  ? 0.1497 0.1434 0.1670 0.0058  0.0289  0.0122  217 DA  B N9    
400 C  C8    . DA  B 5  ? 0.1726 0.1508 0.1825 -0.0131 0.0302  0.0146  217 DA  B C8    
401 N  N7    . DA  B 5  ? 0.1742 0.1373 0.1742 0.0012  0.0007  0.0096  217 DA  B N7    
402 C  C5    . DA  B 5  ? 0.1363 0.1342 0.1727 0.0118  0.0064  0.0008  217 DA  B C5    
403 C  C6    . DA  B 5  ? 0.1555 0.1211 0.1368 0.0046  0.0153  0.0038  217 DA  B C6    
404 N  N6    . DA  B 5  ? 0.1626 0.1371 0.1527 0.0040  0.0167  0.0022  217 DA  B N6    
405 N  N1    . DA  B 5  ? 0.1466 0.1188 0.1450 0.0055  0.0172  0.0046  217 DA  B N1    
406 C  C2    . DA  B 5  ? 0.1540 0.1140 0.1386 -0.0065 0.0170  0.0119  217 DA  B C2    
407 N  N3    . DA  B 5  ? 0.1482 0.1259 0.1514 0.0013  0.0320  0.0158  217 DA  B N3    
408 C  C4    . DA  B 5  ? 0.1456 0.1309 0.1507 -0.0047 0.0275  0.0111  217 DA  B C4    
409 P  P     . 7DA B 6  ? 0.2169 0.2106 0.2184 -0.0113 0.0412  0.0465  218 7DA B P     
410 O  OP1   . 7DA B 6  ? 0.2777 0.3033 0.1909 -0.0111 0.0674  0.0624  218 7DA B OP1   
411 O  OP2   . 7DA B 6  ? 0.2770 0.2088 0.3199 0.0083  -0.0124 0.0349  218 7DA B OP2   
412 O  "O5'" . 7DA B 6  ? 0.2092 0.1885 0.1986 0.0122  0.0316  0.0380  218 7DA B "O5'" 
413 N  N9    . 7DA B 6  ? 0.1922 0.1388 0.1822 0.0002  0.0395  0.0185  218 7DA B N9    
414 C  C4    . 7DA B 6  ? 0.1782 0.1091 0.1779 -0.0069 0.0293  0.0122  218 7DA B C4    
415 N  N3    . 7DA B 6  ? 0.1668 0.1285 0.1629 0.0002  0.0279  0.0123  218 7DA B N3    
416 C  C2    . 7DA B 6  ? 0.1779 0.1184 0.1671 0.0060  0.0327  -0.0041 218 7DA B C2    
417 N  N1    . 7DA B 6  ? 0.1581 0.1205 0.1551 -0.0058 0.0244  -0.0031 218 7DA B N1    
418 C  C6    . 7DA B 6  ? 0.1759 0.1041 0.1808 -0.0024 0.0130  -0.0025 218 7DA B C6    
419 N  N6    . 7DA B 6  ? 0.1680 0.1209 0.2093 -0.0100 0.0351  -0.0052 218 7DA B N6    
420 C  C5    . 7DA B 6  ? 0.1621 0.1063 0.1754 -0.0081 0.0390  0.0046  218 7DA B C5    
421 C  C7    . 7DA B 6  ? 0.1745 0.1415 0.1967 -0.0159 0.0330  0.0074  218 7DA B C7    
422 C  C8    . 7DA B 6  ? 0.1998 0.1514 0.1995 -0.0182 0.0360  0.0121  218 7DA B C8    
423 C  "C2'" . 7DA B 6  ? 0.2373 0.1472 0.2297 0.0102  0.0420  0.0550  218 7DA B "C2'" 
424 C  "C5'" . 7DA B 6  ? 0.2077 0.1894 0.1868 0.0147  0.0414  0.0260  218 7DA B "C5'" 
425 C  "C4'" . 7DA B 6  ? 0.1856 0.1727 0.1686 0.0142  0.0458  0.0376  218 7DA B "C4'" 
426 O  "O4'" . 7DA B 6  ? 0.2172 0.1610 0.1737 0.0067  0.0437  0.0354  218 7DA B "O4'" 
427 C  "C1'" . 7DA B 6  ? 0.1872 0.1635 0.2072 0.0086  0.0584  0.0253  218 7DA B "C1'" 
428 C  "C3'" . 7DA B 6  ? 0.2414 0.2009 0.2125 0.0166  0.0648  0.0421  218 7DA B "C3'" 
429 O  "O3'" . 7DA B 6  ? 0.2597 0.2101 0.2087 0.0569  0.0504  0.0501  218 7DA B "O3'" 
430 P  P     . DT  B 7  ? 0.2878 0.2103 0.2585 0.0391  0.0449  0.0619  219 DT  B P     
431 O  OP1   . DT  B 7  ? 0.3608 0.2726 0.2428 0.0926  0.0545  0.1148  219 DT  B OP1   
432 O  OP2   . DT  B 7  ? 0.2687 0.2736 0.2316 0.0858  0.0309  0.0427  219 DT  B OP2   
433 O  "O5'" . DT  B 7  ? 0.2465 0.1871 0.2344 0.0244  0.0596  0.0421  219 DT  B "O5'" 
434 C  "C5'" . DT  B 7  ? 0.2525 0.2129 0.1882 0.0327  0.0256  0.0233  219 DT  B "C5'" 
435 C  "C4'" . DT  B 7  ? 0.2122 0.1851 0.1742 0.0275  0.0218  0.0202  219 DT  B "C4'" 
436 O  "O4'" . DT  B 7  ? 0.2109 0.1678 0.1841 0.0291  0.0007  0.0106  219 DT  B "O4'" 
437 C  "C3'" . DT  B 7  ? 0.1915 0.2221 0.2039 0.0377  0.0020  0.0084  219 DT  B "C3'" 
438 O  "O3'" . DT  B 7  ? 0.2118 0.3031 0.2190 0.0577  0.0034  -0.0244 219 DT  B "O3'" 
439 C  "C2'" . DT  B 7  ? 0.2021 0.1751 0.2123 0.0374  0.0075  0.0073  219 DT  B "C2'" 
440 C  "C1'" . DT  B 7  ? 0.2026 0.1565 0.1789 0.0209  0.0093  0.0089  219 DT  B "C1'" 
441 N  N1    . DT  B 7  ? 0.1770 0.1328 0.1818 0.0010  0.0306  0.0086  219 DT  B N1    
442 C  C2    . DT  B 7  ? 0.1626 0.1187 0.1699 0.0067  0.0069  0.0037  219 DT  B C2    
443 O  O2    . DT  B 7  ? 0.1673 0.1650 0.1816 0.0039  0.0152  0.0092  219 DT  B O2    
444 N  N3    . DT  B 7  ? 0.1601 0.1136 0.1773 -0.0062 0.0169  0.0004  219 DT  B N3    
445 C  C4    . DT  B 7  ? 0.1688 0.1129 0.1873 -0.0045 0.0065  0.0003  219 DT  B C4    
446 O  O4    . DT  B 7  ? 0.1642 0.1285 0.1959 -0.0150 0.0150  0.0059  219 DT  B O4    
447 C  C5    . DT  B 7  ? 0.1901 0.1201 0.2138 -0.0130 0.0189  0.0099  219 DT  B C5    
448 C  C7    . DT  B 7  ? 0.2146 0.1676 0.2248 -0.0353 0.0337  0.0251  219 DT  B C7    
449 C  C6    . DT  B 7  ? 0.1906 0.1260 0.2023 0.0007  0.0292  0.0082  219 DT  B C6    
450 P  P     . DT  B 8  ? 0.2638 0.4339 0.2505 0.1143  -0.0319 -0.0118 220 DT  B P     
451 O  OP1   . DT  B 8  ? 0.2977 0.6048 0.2740 0.0644  -0.0375 -0.1145 220 DT  B OP1   
452 O  OP2   . DT  B 8  ? 0.2704 0.3737 0.2461 0.1476  -0.0182 -0.0213 220 DT  B OP2   
453 O  "O5'" . DT  B 8  ? 0.2394 0.3096 0.2303 0.0750  0.0049  -0.0293 220 DT  B "O5'" 
454 C  "C5'" . DT  B 8  ? 0.2094 0.2923 0.2940 0.0368  -0.0069 -0.0444 220 DT  B "C5'" 
455 C  "C4'" . DT  B 8  ? 0.1838 0.2607 0.2304 0.0407  0.0115  -0.0359 220 DT  B "C4'" 
456 O  "O4'" . DT  B 8  ? 0.2091 0.2043 0.2488 0.0350  -0.0285 -0.0273 220 DT  B "O4'" 
457 C  "C3'" . DT  B 8  ? 0.2428 0.2707 0.2024 0.0493  -0.0234 -0.0132 220 DT  B "C3'" 
458 O  "O3'" . DT  B 8  ? 0.1992 0.3344 0.2416 0.0339  0.0253  -0.0511 220 DT  B "O3'" 
459 C  "C2'" . DT  B 8  ? 0.2313 0.2057 0.2339 0.0633  0.0023  -0.0142 220 DT  B "C2'" 
460 C  "C1'" . DT  B 8  ? 0.2313 0.1877 0.2317 0.0257  -0.0287 -0.0387 220 DT  B "C1'" 
461 N  N1    . DT  B 8  ? 0.2238 0.1539 0.2210 0.0336  -0.0275 -0.0203 220 DT  B N1    
462 C  C2    . DT  B 8  ? 0.2030 0.1270 0.2197 0.0136  -0.0222 -0.0072 220 DT  B C2    
463 O  O2    . DT  B 8  ? 0.2040 0.1508 0.2179 0.0224  -0.0185 -0.0002 220 DT  B O2    
464 N  N3    . DT  B 8  ? 0.1957 0.1310 0.2194 0.0230  -0.0162 -0.0176 220 DT  B N3    
465 C  C4    . DT  B 8  ? 0.2303 0.1214 0.2577 0.0286  -0.0159 -0.0254 220 DT  B C4    
466 O  O4    . DT  B 8  ? 0.2307 0.1348 0.2612 0.0178  -0.0167 -0.0161 220 DT  B O4    
467 C  C5    . DT  B 8  ? 0.2676 0.1216 0.2289 0.0450  -0.0166 -0.0010 220 DT  B C5    
468 C  C7    . DT  B 8  ? 0.2860 0.1599 0.2877 0.0526  -0.0182 -0.0123 220 DT  B C7    
469 C  C6    . DT  B 8  ? 0.2622 0.1529 0.2334 0.0331  -0.0106 -0.0088 220 DT  B C6    
470 P  P     . DC  B 9  ? 0.2326 0.3407 0.2497 -0.0040 0.0032  -0.0464 221 DC  B P     
471 O  OP1   . DC  B 9  ? 0.3057 0.4481 0.2698 -0.0890 0.0630  -0.0695 221 DC  B OP1   
472 O  OP2   . DC  B 9  ? 0.3078 0.3437 0.2755 0.0489  0.0462  -0.0719 221 DC  B OP2   
473 O  "O5'" . DC  B 9  ? 0.2105 0.2979 0.2219 0.0435  0.0086  -0.0363 221 DC  B "O5'" 
474 C  "C5'" . DC  B 9  ? 0.2210 0.2839 0.2175 -0.0197 -0.0277 -0.0352 221 DC  B "C5'" 
475 C  "C4'" . DC  B 9  ? 0.1779 0.2065 0.2157 -0.0252 0.0014  -0.0089 221 DC  B "C4'" 
476 O  "O4'" . DC  B 9  ? 0.1732 0.2066 0.2501 -0.0105 -0.0013 -0.0144 221 DC  B "O4'" 
477 C  "C3'" . DC  B 9  ? 0.2106 0.2271 0.2043 -0.0375 0.0074  -0.0290 221 DC  B "C3'" 
478 O  "O3'" . DC  B 9  ? 0.2024 0.2597 0.2278 -0.0562 0.0114  -0.0430 221 DC  B "O3'" 
479 C  "C2'" . DC  B 9  ? 0.1991 0.2061 0.2257 -0.0187 0.0050  -0.0262 221 DC  B "C2'" 
480 C  "C1'" . DC  B 9  ? 0.1799 0.1941 0.2214 -0.0204 -0.0190 -0.0208 221 DC  B "C1'" 
481 N  N1    . DC  B 9  ? 0.1636 0.1888 0.2415 -0.0118 0.0052  -0.0211 221 DC  B N1    
482 C  C2    . DC  B 9  ? 0.1735 0.1535 0.2219 0.0003  -0.0099 -0.0154 221 DC  B C2    
483 O  O2    . DC  B 9  ? 0.1591 0.2221 0.2324 -0.0423 -0.0069 -0.0173 221 DC  B O2    
484 N  N3    . DC  B 9  ? 0.1631 0.1488 0.2219 -0.0173 0.0040  -0.0178 221 DC  B N3    
485 C  C4    . DC  B 9  ? 0.1814 0.1279 0.2189 0.0058  0.0082  -0.0196 221 DC  B C4    
486 N  N4    . DC  B 9  ? 0.1891 0.1337 0.2461 0.0041  0.0125  -0.0299 221 DC  B N4    
487 C  C5    . DC  B 9  ? 0.2028 0.1461 0.2393 0.0024  0.0016  -0.0255 221 DC  B C5    
488 C  C6    . DC  B 9  ? 0.1983 0.1697 0.2500 0.0135  0.0085  -0.0009 221 DC  B C6    
489 P  P     . DG  B 10 ? 0.1908 0.3257 0.2464 -0.0497 0.0197  -0.0616 222 DG  B P     
490 O  OP1   . DG  B 10 ? 0.2303 0.3732 0.3382 -0.1141 0.0262  -0.1054 222 DG  B OP1   
491 O  OP2   . DG  B 10 ? 0.2248 0.2901 0.3104 -0.0282 0.0699  -0.0972 222 DG  B OP2   
492 O  "O5'" . DG  B 10 ? 0.1794 0.2828 0.2522 -0.0609 -0.0292 -0.0397 222 DG  B "O5'" 
493 C  "C5'" . DG  B 10 ? 0.2234 0.2501 0.2486 -0.0770 0.0072  0.0095  222 DG  B "C5'" 
494 C  "C4'" . DG  B 10 ? 0.1892 0.2281 0.2357 -0.0523 -0.0223 -0.0202 222 DG  B "C4'" 
495 O  "O4'" . DG  B 10 ? 0.1881 0.1936 0.2056 -0.0448 -0.0015 -0.0030 222 DG  B "O4'" 
496 C  "C3'" . DG  B 10 ? 0.1884 0.2435 0.2044 -0.0407 -0.0234 -0.0232 222 DG  B "C3'" 
497 O  "O3'" . DG  B 10 ? 0.1686 0.2205 0.1972 -0.0269 -0.0143 -0.0163 222 DG  B "O3'" 
498 C  "C2'" . DG  B 10 ? 0.1534 0.2157 0.2010 -0.0321 -0.0240 -0.0013 222 DG  B "C2'" 
499 C  "C1'" . DG  B 10 ? 0.1799 0.1762 0.2089 -0.0281 -0.0343 -0.0112 222 DG  B "C1'" 
500 N  N9    . DG  B 10 ? 0.1759 0.1767 0.1723 -0.0046 -0.0153 -0.0050 222 DG  B N9    
501 C  C8    . DG  B 10 ? 0.1827 0.1707 0.1958 -0.0148 -0.0243 0.0070  222 DG  B C8    
502 N  N7    . DG  B 10 ? 0.1647 0.1738 0.1948 -0.0035 -0.0222 -0.0099 222 DG  B N7    
503 C  C5    . DG  B 10 ? 0.1657 0.1462 0.1794 -0.0049 -0.0378 -0.0073 222 DG  B C5    
504 C  C6    . DG  B 10 ? 0.1566 0.1254 0.1855 -0.0027 -0.0047 -0.0122 222 DG  B C6    
505 O  O6    . DG  B 10 ? 0.1666 0.1436 0.1855 -0.0067 -0.0219 -0.0053 222 DG  B O6    
506 N  N1    . DG  B 10 ? 0.1665 0.1253 0.1681 0.0021  -0.0256 -0.0046 222 DG  B N1    
507 C  C2    . DG  B 10 ? 0.1508 0.1301 0.1764 -0.0079 -0.0169 -0.0125 222 DG  B C2    
508 N  N2    . DG  B 10 ? 0.1722 0.1428 0.1939 0.0039  -0.0261 -0.0182 222 DG  B N2    
509 N  N3    . DG  B 10 ? 0.1700 0.1409 0.1811 -0.0099 -0.0157 -0.0111 222 DG  B N3    
510 C  C4    . DG  B 10 ? 0.1459 0.1463 0.1876 -0.0237 -0.0139 -0.0067 222 DG  B C4    
511 P  P     . DC  B 11 ? 0.1674 0.2443 0.1955 -0.0335 -0.0082 0.0002  223 DC  B P     
512 O  OP1   . DC  B 11 ? 0.1625 0.3045 0.2368 -0.0533 0.0142  -0.0073 223 DC  B OP1   
513 O  OP2   . DC  B 11 ? 0.1809 0.2720 0.2112 -0.0191 -0.0189 -0.0214 223 DC  B OP2   
514 O  "O5'" . DC  B 11 ? 0.1581 0.2204 0.1861 -0.0274 -0.0201 0.0011  223 DC  B "O5'" 
515 C  "C5'" . DC  B 11 ? 0.1710 0.2069 0.2045 -0.0405 -0.0083 -0.0024 223 DC  B "C5'" 
516 C  "C4'" . DC  B 11 ? 0.1701 0.1774 0.1857 -0.0299 -0.0123 0.0050  223 DC  B "C4'" 
517 O  "O4'" . DC  B 11 ? 0.1731 0.1692 0.1768 -0.0382 0.0012  0.0119  223 DC  B "O4'" 
518 C  "C3'" . DC  B 11 ? 0.1867 0.1881 0.1446 -0.0362 -0.0124 0.0051  223 DC  B "C3'" 
519 O  "O3'" . DC  B 11 ? 0.2035 0.2046 0.1652 -0.0506 -0.0106 0.0164  223 DC  B "O3'" 
520 C  "C2'" . DC  B 11 ? 0.1761 0.1746 0.1615 -0.0270 -0.0063 -0.0019 223 DC  B "C2'" 
521 C  "C1'" . DC  B 11 ? 0.1547 0.1712 0.1832 -0.0342 -0.0118 -0.0033 223 DC  B "C1'" 
522 N  N1    . DC  B 11 ? 0.1495 0.1530 0.1508 -0.0137 -0.0138 0.0063  223 DC  B N1    
523 C  C2    . DC  B 11 ? 0.1248 0.1492 0.1518 -0.0068 -0.0185 -0.0017 223 DC  B C2    
524 O  O2    . DC  B 11 ? 0.1427 0.1547 0.1583 -0.0092 -0.0160 0.0081  223 DC  B O2    
525 N  N3    . DC  B 11 ? 0.1307 0.1330 0.1520 -0.0112 -0.0164 -0.0070 223 DC  B N3    
526 C  C4    . DC  B 11 ? 0.1233 0.1455 0.1436 -0.0121 -0.0076 -0.0039 223 DC  B C4    
527 N  N4    . DC  B 11 ? 0.1336 0.1689 0.1594 -0.0110 -0.0070 0.0023  223 DC  B N4    
528 C  C5    . DC  B 11 ? 0.1298 0.1918 0.1541 -0.0031 -0.0102 -0.0005 223 DC  B C5    
529 C  C6    . DC  B 11 ? 0.1444 0.1592 0.1727 -0.0164 -0.0101 0.0092  223 DC  B C6    
530 P  P     . DG  B 12 ? 0.1977 0.2043 0.1565 -0.0373 -0.0009 0.0056  224 DG  B P     
531 O  OP1   . DG  B 12 ? 0.2225 0.2646 0.1619 -0.0479 -0.0025 0.0086  224 DG  B OP1   
532 O  OP2   . DG  B 12 ? 0.1915 0.2194 0.1894 -0.0312 0.0050  -0.0250 224 DG  B OP2   
533 O  "O5'" . DG  B 12 ? 0.1752 0.1718 0.1609 -0.0336 -0.0132 0.0164  224 DG  B "O5'" 
534 C  "C5'" . DG  B 12 ? 0.1978 0.1747 0.1537 -0.0368 -0.0219 0.0105  224 DG  B "C5'" 
535 C  "C4'" . DG  B 12 ? 0.1771 0.1508 0.1403 -0.0325 -0.0145 0.0134  224 DG  B "C4'" 
536 O  "O4'" . DG  B 12 ? 0.1782 0.1438 0.1482 -0.0196 -0.0133 0.0146  224 DG  B "O4'" 
537 C  "C3'" . DG  B 12 ? 0.1918 0.1635 0.1410 -0.0211 -0.0369 0.0069  224 DG  B "C3'" 
538 O  "O3'" . DG  B 12 ? 0.2021 0.1692 0.1454 -0.0189 -0.0315 0.0110  224 DG  B "O3'" 
539 C  "C2'" . DG  B 12 ? 0.1857 0.1578 0.1482 -0.0280 -0.0291 0.0140  224 DG  B "C2'" 
540 C  "C1'" . DG  B 12 ? 0.1649 0.1496 0.1484 -0.0122 -0.0183 0.0184  224 DG  B "C1'" 
541 N  N9    . DG  B 12 ? 0.1414 0.1474 0.1457 -0.0137 -0.0252 0.0003  224 DG  B N9    
542 C  C8    . DG  B 12 ? 0.1541 0.1483 0.1619 -0.0143 -0.0082 0.0110  224 DG  B C8    
543 N  N7    . DG  B 12 ? 0.1399 0.1508 0.1551 -0.0123 -0.0192 -0.0002 224 DG  B N7    
544 C  C5    . DG  B 12 ? 0.1364 0.1360 0.1444 -0.0127 -0.0105 0.0082  224 DG  B C5    
545 C  C6    . DG  B 12 ? 0.1326 0.1344 0.1398 0.0018  -0.0282 0.0014  224 DG  B C6    
546 O  O6    . DG  B 12 ? 0.1376 0.1606 0.1555 0.0009  -0.0178 -0.0010 224 DG  B O6    
547 N  N1    . DG  B 12 ? 0.1423 0.1437 0.1404 -0.0013 -0.0078 -0.0027 224 DG  B N1    
548 C  C2    . DG  B 12 ? 0.1360 0.1275 0.1294 -0.0081 -0.0167 0.0024  224 DG  B C2    
549 N  N2    . DG  B 12 ? 0.1445 0.1514 0.1461 -0.0107 -0.0143 0.0062  224 DG  B N2    
550 N  N3    . DG  B 12 ? 0.1405 0.1374 0.1386 -0.0081 -0.0136 0.0045  224 DG  B N3    
551 C  C4    . DG  B 12 ? 0.1406 0.1377 0.1311 -0.0084 -0.0223 0.0052  224 DG  B C4    
552 MG MG    . MG  C .  ? 0.1620 0.1492 0.1635 -0.0247 0.0043  0.0040  301 MG  A MG    
553 NA NA    . NA  D .  ? 0.1833 0.2181 0.2073 -0.0023 0.0106  0.0107  400 NA  A NA    
554 NA NA    . NA  E .  ? 0.2300 0.2573 0.2388 0.0110  0.0284  0.0052  401 NA  A NA    
555 NA NA    . NA  F .  ? 0.3202 0.2544 0.3953 -0.0269 -0.0463 -0.0191 402 NA  A NA    
556 NA NA    . NA  G .  ? 0.2861 0.3133 0.2832 0.0605  -0.0428 -0.0045 403 NA  B NA    
557 O  O     . HOH H .  ? 0.2008 0.1744 0.2237 0.0004  0.0554  0.0318  404 HOH A O     
558 O  O     . HOH H .  ? 0.1478 0.1758 0.1611 -0.0019 -0.0324 -0.0001 406 HOH A O     
559 O  O     . HOH H .  ? 0.1654 0.1614 0.1710 -0.0358 0.0048  0.0097  407 HOH A O     
560 O  O     . HOH H .  ? 0.1792 0.1604 0.2020 -0.0319 -0.0029 0.0101  408 HOH A O     
561 O  O     . HOH H .  ? 0.1576 0.2114 0.1675 0.0004  -0.0261 -0.0106 409 HOH A O     
562 O  O     . HOH H .  ? 0.1910 0.1565 0.1928 -0.0207 0.0074  -0.0010 410 HOH A O     
563 O  O     . HOH H .  ? 0.2427 0.2161 0.1872 -0.0445 0.0319  0.0189  411 HOH A O     
564 O  O     . HOH H .  ? 0.1750 0.2403 0.2265 0.0236  0.0215  0.0036  413 HOH A O     
565 O  O     . HOH H .  ? 0.1877 0.2660 0.2635 -0.0234 -0.0345 0.0063  418 HOH A O     
566 O  O     . HOH H .  ? 0.1858 0.2500 0.2106 0.0314  0.0038  0.0049  419 HOH A O     
567 O  O     . HOH H .  ? 0.1923 0.2651 0.2460 0.0222  -0.0241 -0.0239 420 HOH A O     
568 O  O     . HOH H .  ? 0.2318 0.3426 0.3535 0.0583  -0.0113 0.0099  422 HOH A O     
569 O  O     . HOH H .  ? 0.2727 0.2664 0.2998 -0.0461 0.0239  -0.0154 424 HOH A O     
570 O  O     . HOH H .  ? 0.2210 0.2367 0.1737 0.0197  0.0252  0.0101  426 HOH A O     
571 O  O     . HOH H .  ? 0.2504 0.4390 0.2518 0.0541  -0.1012 -0.0101 427 HOH A O     
572 O  O     . HOH H .  ? 0.2284 0.2252 0.2565 -0.0248 -0.0069 0.0389  430 HOH A O     
573 O  O     . HOH H .  ? 0.4086 0.2977 0.3070 0.0110  -0.1465 0.1308  431 HOH A O     
574 O  O     . HOH H .  ? 0.8949 0.7340 0.6375 0.2220  0.0994  -0.0660 432 HOH A O     
575 O  O     . HOH H .  ? 0.3241 0.2439 0.2043 0.0636  0.0061  0.0173  433 HOH A O     
576 O  O     . HOH H .  ? 0.2819 0.4400 0.2460 0.0600  0.0334  -0.0181 434 HOH A O     
577 O  O     . HOH H .  ? 0.1901 0.1633 0.1635 0.0237  0.0201  0.0271  438 HOH A O     
578 O  O     . HOH H .  ? 0.2710 0.2155 0.2192 -0.0392 0.0804  0.0283  440 HOH A O     
579 O  O     . HOH H .  ? 0.2301 0.2034 0.1824 0.0267  0.0266  0.0432  442 HOH A O     
580 O  O     . HOH H .  ? 0.2205 0.2291 0.2498 0.0185  -0.0002 -0.0290 443 HOH A O     
581 O  O     . HOH H .  ? 0.3561 0.2964 0.2013 -0.0299 0.0737  0.0249  444 HOH A O     
582 O  O     . HOH H .  ? 0.2003 0.1826 0.2047 0.0326  0.0408  0.0279  447 HOH A O     
583 O  O     . HOH H .  ? 0.2152 0.3825 0.2833 0.0348  -0.0308 0.0237  449 HOH A O     
584 O  O     . HOH H .  ? 0.4048 0.3841 0.2859 0.0223  0.0648  -0.0166 451 HOH A O     
585 O  O     . HOH H .  ? 0.3067 0.2647 0.3205 0.0190  -0.0143 0.0494  452 HOH A O     
586 O  O     . HOH H .  ? 0.4372 0.2883 0.3379 0.0315  -0.0576 0.0714  453 HOH A O     
587 O  O     . HOH H .  ? 0.3127 0.2436 0.3045 -0.0427 0.1205  -0.0179 456 HOH A O     
588 O  O     . HOH H .  ? 0.3396 0.3213 0.3273 0.0200  0.0236  -0.0409 457 HOH A O     
589 O  O     . HOH H .  ? 0.3029 0.2913 0.2955 -0.0545 0.0596  -0.0197 459 HOH A O     
590 O  O     . HOH H .  ? 0.3551 0.3939 0.3984 0.0042  -0.0200 -0.0231 460 HOH A O     
591 O  O     . HOH H .  ? 0.3239 0.3194 0.3015 0.0371  -0.0018 0.0715  461 HOH A O     
592 O  O     . HOH H .  ? 0.2181 0.2270 0.2368 0.0066  0.0030  0.0310  462 HOH A O     
593 O  O     . HOH H .  ? 0.3588 0.3907 0.4222 0.0886  0.0119  0.0176  463 HOH A O     
594 O  O     . HOH H .  ? 0.3603 0.3424 0.3550 0.0071  0.0196  0.0552  465 HOH A O     
595 O  O     . HOH H .  ? 0.2735 0.3026 0.2682 -0.0089 -0.0203 0.0303  468 HOH A O     
596 O  O     . HOH H .  ? 0.2420 0.3993 0.3986 0.0393  0.0082  -0.0976 471 HOH A O     
597 O  O     . HOH H .  ? 0.3527 0.2763 0.3178 0.0676  0.0354  -0.0210 474 HOH A O     
598 O  O     . HOH H .  ? 0.1749 0.3056 0.3666 0.0454  -0.0345 -0.0168 475 HOH A O     
599 O  O     . HOH H .  ? 0.4469 0.2925 0.2824 0.0526  0.0446  0.0800  478 HOH A O     
600 O  O     . HOH H .  ? 0.3702 0.3447 0.2685 -0.0363 0.0064  0.0810  479 HOH A O     
601 O  O     . HOH H .  ? 0.4124 0.2649 0.3433 0.0140  0.0071  -0.0103 483 HOH A O     
602 O  O     . HOH H .  ? 0.2900 0.1652 0.2584 0.0181  -0.0261 0.0411  484 HOH A O     
603 O  O     . HOH H .  ? 0.1862 0.4129 0.3750 0.1154  -0.0196 0.0033  486 HOH A O     
604 O  O     . HOH H .  ? 0.3413 0.3025 0.3243 0.0592  0.0058  0.0579  488 HOH A O     
605 O  O     . HOH H .  ? 0.2717 0.2783 0.3349 -0.0316 0.0468  -0.0347 490 HOH A O     
606 O  O     . HOH H .  ? 0.2163 0.3021 0.3410 0.0261  0.0409  0.0085  491 HOH A O     
607 O  O     . HOH H .  ? 0.1986 0.4712 0.5944 0.0374  0.0313  -0.0104 493 HOH A O     
608 O  O     . HOH H .  ? 0.4025 0.4299 0.2840 0.0389  -0.0956 0.0130  495 HOH A O     
609 O  O     . HOH H .  ? 0.5235 0.3694 0.3397 -0.0639 0.1290  -0.1076 496 HOH A O     
610 O  O     . HOH H .  ? 0.2411 0.3000 0.1908 0.0733  -0.0586 0.0371  498 HOH A O     
611 O  O     . HOH H .  ? 0.3712 0.4010 0.5836 0.0153  -0.0079 0.1318  499 HOH A O     
612 O  O     . HOH H .  ? 0.6180 0.5548 0.6422 -0.1580 -0.0314 -0.0446 505 HOH A O     
613 O  O     . HOH H .  ? 0.5028 0.5168 1.2146 0.1701  -0.0731 -0.0006 508 HOH A O     
614 O  O     . HOH H .  ? 0.4402 0.7712 0.3541 0.0380  -0.1010 0.0055  509 HOH A O     
615 O  O     . HOH H .  ? 0.4999 0.5241 0.6675 -0.0769 0.0349  0.1957  510 HOH A O     
616 O  O     . HOH H .  ? 0.3841 0.3688 0.4543 0.0748  -0.0171 -0.0476 511 HOH A O     
617 O  O     . HOH H .  ? 0.4888 0.7873 0.7138 -0.0033 -0.1288 0.0031  514 HOH A O     
618 O  O     . HOH H .  ? 0.3060 0.5209 0.3218 0.0442  0.0230  0.0862  515 HOH A O     
619 O  O     . HOH H .  ? 0.4619 0.3990 0.7668 0.0656  0.1794  -0.0033 518 HOH A O     
620 O  O     . HOH H .  ? 0.4132 0.5284 0.4210 -0.1039 -0.0003 0.0260  519 HOH A O     
621 O  O     . HOH H .  ? 0.4385 0.4330 0.5523 -0.1244 0.0579  -0.0390 527 HOH A O     
622 O  O     . HOH H .  ? 0.5650 1.0616 0.6504 -0.2307 0.0116  -0.0972 528 HOH A O     
623 O  O     . HOH H .  ? 0.5318 0.6251 0.2874 -0.0264 0.1096  -0.0689 529 HOH A O     
624 O  O     . HOH H .  ? 0.4251 0.2899 0.4282 -0.0956 0.0637  -0.0501 531 HOH A O     
625 O  O     . HOH H .  ? 0.4183 0.4108 0.4738 0.1352  -0.0342 0.1219  532 HOH A O     
626 O  O     . HOH H .  ? 0.4919 0.5454 0.3358 -0.1056 -0.0642 -0.0139 535 HOH A O     
627 O  O     . HOH I .  ? 0.1935 0.1759 0.1838 0.0066  -0.0227 -0.0119 405 HOH B O     
628 O  O     . HOH I .  ? 0.1854 0.1544 0.1728 0.0171  0.0132  0.0226  412 HOH B O     
629 O  O     . HOH I .  ? 0.1740 0.2121 0.2364 -0.0267 -0.0340 0.0156  414 HOH B O     
630 O  O     . HOH I .  ? 0.2350 0.1869 0.2588 0.0187  0.0067  -0.0110 415 HOH B O     
631 O  O     . HOH I .  ? 0.1962 0.2109 0.2244 -0.0162 0.0146  0.0056  416 HOH B O     
632 O  O     . HOH I .  ? 0.2450 0.3337 0.3054 -0.0351 0.0001  -0.0041 417 HOH B O     
633 O  O     . HOH I .  ? 0.2150 0.2702 0.2834 0.0303  0.0051  0.0051  421 HOH B O     
634 O  O     . HOH I .  ? 0.3537 0.2187 0.2987 -0.0122 0.0561  0.0609  423 HOH B O     
635 O  O     . HOH I .  ? 0.3001 0.2607 0.1656 0.0214  0.0137  0.0212  425 HOH B O     
636 O  O     . HOH I .  ? 0.2445 0.2291 0.2618 -0.0239 -0.0429 0.0373  428 HOH B O     
637 O  O     . HOH I .  ? 0.1869 0.2148 0.1564 0.0193  -0.0220 0.0409  429 HOH B O     
638 O  O     . HOH I .  ? 0.1874 0.4912 0.3801 0.0844  -0.0298 -0.0915 435 HOH B O     
639 O  O     . HOH I .  ? 0.1809 0.2877 0.3377 0.0189  -0.0055 0.0110  436 HOH B O     
640 O  O     . HOH I .  ? 0.1905 0.3406 0.2711 0.0610  -0.0312 0.0138  437 HOH B O     
641 O  O     . HOH I .  ? 0.2947 0.4820 0.2600 0.0140  0.0024  0.0363  439 HOH B O     
642 O  O     . HOH I .  ? 0.2080 0.2453 0.2225 0.0330  0.0020  0.0107  441 HOH B O     
643 O  O     . HOH I .  ? 0.2684 0.2478 0.2795 -0.0453 -0.0609 -0.0412 445 HOH B O     
644 O  O     . HOH I .  ? 0.3158 0.3529 0.2965 -0.0080 0.0011  -0.0078 446 HOH B O     
645 O  O     . HOH I .  ? 0.1712 0.3102 0.2325 -0.0526 0.0070  -0.0562 448 HOH B O     
646 O  O     . HOH I .  ? 0.2377 0.2655 0.2471 0.0183  0.0201  0.0101  450 HOH B O     
647 O  O     . HOH I .  ? 0.3563 0.3642 0.3553 -0.0721 0.0378  0.0389  454 HOH B O     
648 O  O     . HOH I .  ? 0.4266 0.2677 0.4634 0.0514  0.0728  0.0376  455 HOH B O     
649 O  O     . HOH I .  ? 0.2734 0.5227 0.3102 -0.0810 -0.0125 0.0204  458 HOH B O     
650 O  O     . HOH I .  ? 0.2866 0.2077 0.2944 -0.0381 0.1378  0.0417  464 HOH B O     
651 O  O     . HOH I .  ? 0.2411 0.3926 0.4018 0.0091  0.0439  0.0297  466 HOH B O     
652 O  O     . HOH I .  ? 0.8821 1.1620 0.7367 -0.1167 -0.3329 0.1106  467 HOH B O     
653 O  O     . HOH I .  ? 0.2907 0.4017 0.2944 -0.0190 -0.0382 -0.0184 469 HOH B O     
654 O  O     . HOH I .  ? 0.2553 0.2468 0.3644 0.0350  0.0307  0.0543  470 HOH B O     
655 O  O     . HOH I .  ? 0.2822 0.2321 0.1915 -0.0720 -0.0189 0.0239  472 HOH B O     
656 O  O     . HOH I .  ? 0.4751 0.3784 0.3155 0.0951  0.0069  0.1184  473 HOH B O     
657 O  O     . HOH I .  ? 0.2122 0.4001 0.3465 0.0346  -0.0306 -0.0381 476 HOH B O     
658 O  O     . HOH I .  ? 0.3658 0.3042 0.5006 0.0160  0.0724  -0.0457 477 HOH B O     
659 O  O     . HOH I .  ? 0.2979 0.4286 0.2359 -0.0028 -0.0162 0.0234  480 HOH B O     
660 O  O     . HOH I .  ? 0.2918 0.4054 0.5174 0.0646  0.0824  -0.0100 481 HOH B O     
661 O  O     . HOH I .  ? 0.4301 0.3828 0.3046 0.1288  0.0101  0.0150  482 HOH B O     
662 O  O     . HOH I .  ? 0.3345 0.3559 0.3895 0.0098  0.0332  -0.0363 485 HOH B O     
663 O  O     . HOH I .  ? 0.3344 0.3258 0.3768 0.0539  -0.1043 0.0048  487 HOH B O     
664 O  O     . HOH I .  ? 0.3876 0.4528 0.2975 0.0243  0.0747  0.0293  489 HOH B O     
665 O  O     . HOH I .  ? 0.2263 0.3721 0.4062 0.0104  0.0238  0.0085  492 HOH B O     
666 O  O     . HOH I .  ? 0.2240 0.4482 0.3287 -0.0098 -0.0251 -0.0069 494 HOH B O     
667 O  O     . HOH I .  ? 0.4439 0.4285 0.7067 0.0702  0.1161  0.1576  497 HOH B O     
668 O  O     . HOH I .  ? 0.2363 0.3112 0.4647 -0.0364 -0.0446 -0.0249 500 HOH B O     
669 O  O     . HOH I .  ? 0.4105 0.2735 0.3528 0.0499  -0.0940 0.0541  501 HOH B O     
670 O  O     . HOH I .  ? 0.4475 0.2524 0.5468 0.0241  0.0134  0.0184  502 HOH B O     
671 O  O     . HOH I .  ? 0.2971 0.4191 0.4849 -0.0942 0.0377  0.0095  503 HOH B O     
672 O  O     . HOH I .  ? 0.2511 0.2880 0.2217 0.0129  -0.0271 -0.0145 504 HOH B O     
673 O  O     . HOH I .  ? 0.1846 0.2604 0.2582 -0.0303 0.0143  -0.0281 506 HOH B O     
674 O  O     . HOH I .  ? 0.3965 0.3871 0.3283 0.0430  -0.0690 -0.0084 507 HOH B O     
675 O  O     . HOH I .  ? 0.4096 0.3090 0.4506 0.0765  0.0259  0.0561  512 HOH B O     
676 O  O     . HOH I .  ? 0.2748 0.3278 0.3715 -0.0045 0.0217  -0.0160 513 HOH B O     
677 O  O     . HOH I .  ? 0.5567 0.3383 0.4766 -0.1070 0.1321  -0.0019 516 HOH B O     
678 O  O     . HOH I .  ? 0.6956 0.8827 0.7052 0.3102  0.0082  -0.3808 517 HOH B O     
679 O  O     . HOH I .  ? 0.5804 0.3933 0.3195 -0.0382 0.0486  -0.0743 520 HOH B O     
680 O  O     . HOH I .  ? 0.3777 0.4657 0.6201 0.0600  0.0970  0.1052  521 HOH B O     
681 O  O     . HOH I .  ? 0.5011 0.4183 0.2940 0.0814  0.0007  -0.0684 522 HOH B O     
682 O  O     . HOH I .  ? 0.3069 0.3167 0.2692 0.0548  0.0729  0.1227  523 HOH B O     
683 O  O     . HOH I .  ? 0.4632 0.3780 0.6463 -0.0193 0.0670  -0.1304 524 HOH B O     
684 O  O     . HOH I .  ? 0.2975 0.4453 0.5925 -0.0312 0.1010  0.1530  525 HOH B O     
685 O  O     . HOH I .  ? 0.9956 0.6890 0.3734 0.0985  0.2298  0.0075  526 HOH B O     
686 O  O     . HOH I .  ? 0.4523 0.4801 0.3340 0.0342  -0.0665 -0.0483 530 HOH B O     
687 O  O     . HOH I .  ? 0.2297 0.2252 0.1860 -0.0105 -0.0313 0.0055  533 HOH B O     
688 O  O     . HOH I .  ? 0.3626 0.5240 0.2984 0.0999  0.0961  0.0908  534 HOH B O     
689 O  O     . HOH I .  ? 0.3204 0.4034 0.7326 -0.0609 0.1702  0.0198  536 HOH B O     
# 
loop_
_pdbx_poly_seq_scheme.asym_id 
_pdbx_poly_seq_scheme.entity_id 
_pdbx_poly_seq_scheme.seq_id 
_pdbx_poly_seq_scheme.mon_id 
_pdbx_poly_seq_scheme.ndb_seq_num 
_pdbx_poly_seq_scheme.pdb_seq_num 
_pdbx_poly_seq_scheme.auth_seq_num 
_pdbx_poly_seq_scheme.pdb_mon_id 
_pdbx_poly_seq_scheme.auth_mon_id 
_pdbx_poly_seq_scheme.pdb_strand_id 
_pdbx_poly_seq_scheme.pdb_ins_code 
_pdbx_poly_seq_scheme.hetero 
A 1 1  DC  1  101 101 DC  DC  A . n 
A 1 2  DG  2  102 102 DG  DG  A . n 
A 1 3  DC  3  103 103 DC  DC  A . n 
A 1 4  DG  4  104 104 DG  DG  A . n 
A 1 5  DA  5  105 105 DA  DA  A . n 
A 1 6  7DA 6  106 106 7DA 7DA A . n 
A 1 7  DT  7  107 107 DT  DT  A . n 
A 1 8  DT  8  108 108 DT  DT  A . n 
A 1 9  DC  9  109 109 DC  DC  A . n 
A 1 10 DG  10 110 110 DG  DG  A . n 
A 1 11 DC  11 111 111 DC  DC  A . n 
A 1 12 DG  12 112 112 DG  DG  A . n 
B 1 1  DC  1  213 213 DC  DC  B . n 
B 1 2  DG  2  214 214 DG  DG  B . n 
B 1 3  DC  3  215 215 DC  DC  B . n 
B 1 4  DG  4  216 216 DG  DG  B . n 
B 1 5  DA  5  217 217 DA  DA  B . n 
B 1 6  7DA 6  218 218 7DA 7DA B . n 
B 1 7  DT  7  219 219 DT  DT  B . n 
B 1 8  DT  8  220 220 DT  DT  B . n 
B 1 9  DC  9  221 221 DC  DC  B . n 
B 1 10 DG  10 222 222 DG  DG  B . n 
B 1 11 DC  11 223 223 DC  DC  B . n 
B 1 12 DG  12 224 224 DG  DG  B . n 
# 
loop_
_pdbx_nonpoly_scheme.asym_id 
_pdbx_nonpoly_scheme.entity_id 
_pdbx_nonpoly_scheme.mon_id 
_pdbx_nonpoly_scheme.ndb_seq_num 
_pdbx_nonpoly_scheme.pdb_seq_num 
_pdbx_nonpoly_scheme.auth_seq_num 
_pdbx_nonpoly_scheme.pdb_mon_id 
_pdbx_nonpoly_scheme.auth_mon_id 
_pdbx_nonpoly_scheme.pdb_strand_id 
_pdbx_nonpoly_scheme.pdb_ins_code 
C 2 MG  1  301 301 MG  MG  A . 
D 3 NA  1  400 400 NA  NA  A . 
E 3 NA  1  401 401 NA  NA  A . 
F 3 NA  1  402 402 NA  NA  A . 
G 3 NA  1  403 403 NA  NA  B . 
H 4 HOH 1  404 404 HOH HOH A . 
H 4 HOH 2  406 406 HOH HOH A . 
H 4 HOH 3  407 407 HOH HOH A . 
H 4 HOH 4  408 408 HOH HOH A . 
H 4 HOH 5  409 409 HOH HOH A . 
H 4 HOH 6  410 410 HOH HOH A . 
H 4 HOH 7  411 411 HOH HOH A . 
H 4 HOH 8  413 413 HOH HOH A . 
H 4 HOH 9  418 418 HOH HOH A . 
H 4 HOH 10 419 419 HOH HOH A . 
H 4 HOH 11 420 420 HOH HOH A . 
H 4 HOH 12 422 422 HOH HOH A . 
H 4 HOH 13 424 424 HOH HOH A . 
H 4 HOH 14 426 426 HOH HOH A . 
H 4 HOH 15 427 427 HOH HOH A . 
H 4 HOH 16 430 430 HOH HOH A . 
H 4 HOH 17 431 431 HOH HOH A . 
H 4 HOH 18 432 432 HOH HOH A . 
H 4 HOH 19 433 433 HOH HOH A . 
H 4 HOH 20 434 434 HOH HOH A . 
H 4 HOH 21 438 438 HOH HOH A . 
H 4 HOH 22 440 440 HOH HOH A . 
H 4 HOH 23 442 442 HOH HOH A . 
H 4 HOH 24 443 443 HOH HOH A . 
H 4 HOH 25 444 444 HOH HOH A . 
H 4 HOH 26 447 447 HOH HOH A . 
H 4 HOH 27 449 449 HOH HOH A . 
H 4 HOH 28 451 451 HOH HOH A . 
H 4 HOH 29 452 452 HOH HOH A . 
H 4 HOH 30 453 453 HOH HOH A . 
H 4 HOH 31 456 456 HOH HOH A . 
H 4 HOH 32 457 457 HOH HOH A . 
H 4 HOH 33 459 459 HOH HOH A . 
H 4 HOH 34 460 460 HOH HOH A . 
H 4 HOH 35 461 461 HOH HOH A . 
H 4 HOH 36 462 462 HOH HOH A . 
H 4 HOH 37 463 463 HOH HOH A . 
H 4 HOH 38 465 465 HOH HOH A . 
H 4 HOH 39 468 468 HOH HOH A . 
H 4 HOH 40 471 471 HOH HOH A . 
H 4 HOH 41 474 474 HOH HOH A . 
H 4 HOH 42 475 475 HOH HOH A . 
H 4 HOH 43 478 478 HOH HOH A . 
H 4 HOH 44 479 479 HOH HOH A . 
H 4 HOH 45 483 483 HOH HOH A . 
H 4 HOH 46 484 484 HOH HOH A . 
H 4 HOH 47 486 486 HOH HOH A . 
H 4 HOH 48 488 488 HOH HOH A . 
H 4 HOH 49 490 490 HOH HOH A . 
H 4 HOH 50 491 491 HOH HOH A . 
H 4 HOH 51 493 493 HOH HOH A . 
H 4 HOH 52 495 495 HOH HOH A . 
H 4 HOH 53 496 496 HOH HOH A . 
H 4 HOH 54 498 498 HOH HOH A . 
H 4 HOH 55 499 499 HOH HOH A . 
H 4 HOH 56 505 505 HOH HOH A . 
H 4 HOH 57 508 508 HOH HOH A . 
H 4 HOH 58 509 509 HOH HOH A . 
H 4 HOH 59 510 510 HOH HOH A . 
H 4 HOH 60 511 511 HOH HOH A . 
H 4 HOH 61 514 514 HOH HOH A . 
H 4 HOH 62 515 515 HOH HOH A . 
H 4 HOH 63 518 518 HOH HOH A . 
H 4 HOH 64 519 519 HOH HOH A . 
H 4 HOH 65 527 527 HOH HOH A . 
H 4 HOH 66 528 528 HOH HOH A . 
H 4 HOH 67 529 529 HOH HOH A . 
H 4 HOH 68 531 531 HOH HOH A . 
H 4 HOH 69 532 532 HOH HOH A . 
H 4 HOH 70 535 535 HOH HOH A . 
I 4 HOH 1  405 405 HOH HOH B . 
I 4 HOH 2  412 412 HOH HOH B . 
I 4 HOH 3  414 414 HOH HOH B . 
I 4 HOH 4  415 415 HOH HOH B . 
I 4 HOH 5  416 416 HOH HOH B . 
I 4 HOH 6  417 417 HOH HOH B . 
I 4 HOH 7  421 421 HOH HOH B . 
I 4 HOH 8  423 423 HOH HOH B . 
I 4 HOH 9  425 425 HOH HOH B . 
I 4 HOH 10 428 428 HOH HOH B . 
I 4 HOH 11 429 429 HOH HOH B . 
I 4 HOH 12 435 435 HOH HOH B . 
I 4 HOH 13 436 436 HOH HOH B . 
I 4 HOH 14 437 437 HOH HOH B . 
I 4 HOH 15 439 439 HOH HOH B . 
I 4 HOH 16 441 441 HOH HOH B . 
I 4 HOH 17 445 445 HOH HOH B . 
I 4 HOH 18 446 446 HOH HOH B . 
I 4 HOH 19 448 448 HOH HOH B . 
I 4 HOH 20 450 450 HOH HOH B . 
I 4 HOH 21 454 454 HOH HOH B . 
I 4 HOH 22 455 455 HOH HOH B . 
I 4 HOH 23 458 458 HOH HOH B . 
I 4 HOH 24 464 464 HOH HOH B . 
I 4 HOH 25 466 466 HOH HOH B . 
I 4 HOH 26 467 467 HOH HOH B . 
I 4 HOH 27 469 469 HOH HOH B . 
I 4 HOH 28 470 470 HOH HOH B . 
I 4 HOH 29 472 472 HOH HOH B . 
I 4 HOH 30 473 473 HOH HOH B . 
I 4 HOH 31 476 476 HOH HOH B . 
I 4 HOH 32 477 477 HOH HOH B . 
I 4 HOH 33 480 480 HOH HOH B . 
I 4 HOH 34 481 481 HOH HOH B . 
I 4 HOH 35 482 482 HOH HOH B . 
I 4 HOH 36 485 485 HOH HOH B . 
I 4 HOH 37 487 487 HOH HOH B . 
I 4 HOH 38 489 489 HOH HOH B . 
I 4 HOH 39 492 492 HOH HOH B . 
I 4 HOH 40 494 494 HOH HOH B . 
I 4 HOH 41 497 497 HOH HOH B . 
I 4 HOH 42 500 500 HOH HOH B . 
I 4 HOH 43 501 501 HOH HOH B . 
I 4 HOH 44 502 502 HOH HOH B . 
I 4 HOH 45 503 503 HOH HOH B . 
I 4 HOH 46 504 504 HOH HOH B . 
I 4 HOH 47 506 506 HOH HOH B . 
I 4 HOH 48 507 507 HOH HOH B . 
I 4 HOH 49 512 512 HOH HOH B . 
I 4 HOH 50 513 513 HOH HOH B . 
I 4 HOH 51 516 516 HOH HOH B . 
I 4 HOH 52 517 517 HOH HOH B . 
I 4 HOH 53 520 520 HOH HOH B . 
I 4 HOH 54 521 521 HOH HOH B . 
I 4 HOH 55 522 522 HOH HOH B . 
I 4 HOH 56 523 523 HOH HOH B . 
I 4 HOH 57 524 524 HOH HOH B . 
I 4 HOH 58 525 525 HOH HOH B . 
I 4 HOH 59 526 526 HOH HOH B . 
I 4 HOH 60 530 530 HOH HOH B . 
I 4 HOH 61 533 533 HOH HOH B . 
I 4 HOH 62 534 534 HOH HOH B . 
I 4 HOH 63 536 536 HOH HOH B . 
# 
loop_
_pdbx_struct_mod_residue.id 
_pdbx_struct_mod_residue.label_asym_id 
_pdbx_struct_mod_residue.label_comp_id 
_pdbx_struct_mod_residue.label_seq_id 
_pdbx_struct_mod_residue.auth_asym_id 
_pdbx_struct_mod_residue.auth_comp_id 
_pdbx_struct_mod_residue.auth_seq_id 
_pdbx_struct_mod_residue.PDB_ins_code 
_pdbx_struct_mod_residue.parent_comp_id 
_pdbx_struct_mod_residue.details 
1 A 7DA 6 A 7DA 106 ? DA ? 
2 B 7DA 6 B 7DA 218 ? DA ? 
# 
_pdbx_struct_assembly.id                   1 
_pdbx_struct_assembly.details              author_and_software_defined_assembly 
_pdbx_struct_assembly.method_details       PISA 
_pdbx_struct_assembly.oligomeric_details   dimeric 
_pdbx_struct_assembly.oligomeric_count     2 
# 
_pdbx_struct_assembly_gen.assembly_id       1 
_pdbx_struct_assembly_gen.oper_expression   1 
_pdbx_struct_assembly_gen.asym_id_list      A,B,C,D,E,F,G,H,I 
# 
loop_
_pdbx_struct_assembly_prop.biol_id 
_pdbx_struct_assembly_prop.type 
_pdbx_struct_assembly_prop.value 
_pdbx_struct_assembly_prop.details 
1 'ABSA (A^2)' 3090 ? 
1 MORE         -30  ? 
1 'SSA (A^2)'  4150 ? 
# 
_pdbx_struct_oper_list.id                   1 
_pdbx_struct_oper_list.type                 'identity operation' 
_pdbx_struct_oper_list.name                 1_555 
_pdbx_struct_oper_list.symmetry_operation   x,y,z 
_pdbx_struct_oper_list.matrix[1][1]         1.0000000000 
_pdbx_struct_oper_list.matrix[1][2]         0.0000000000 
_pdbx_struct_oper_list.matrix[1][3]         0.0000000000 
_pdbx_struct_oper_list.vector[1]            0.0000000000 
_pdbx_struct_oper_list.matrix[2][1]         0.0000000000 
_pdbx_struct_oper_list.matrix[2][2]         1.0000000000 
_pdbx_struct_oper_list.matrix[2][3]         0.0000000000 
_pdbx_struct_oper_list.vector[2]            0.0000000000 
_pdbx_struct_oper_list.matrix[3][1]         0.0000000000 
_pdbx_struct_oper_list.matrix[3][2]         0.0000000000 
_pdbx_struct_oper_list.matrix[3][3]         1.0000000000 
_pdbx_struct_oper_list.vector[3]            0.0000000000 
# 
loop_
_pdbx_struct_conn_angle.id 
_pdbx_struct_conn_angle.ptnr1_label_atom_id 
_pdbx_struct_conn_angle.ptnr1_label_alt_id 
_pdbx_struct_conn_angle.ptnr1_label_asym_id 
_pdbx_struct_conn_angle.ptnr1_label_comp_id 
_pdbx_struct_conn_angle.ptnr1_label_seq_id 
_pdbx_struct_conn_angle.ptnr1_auth_atom_id 
_pdbx_struct_conn_angle.ptnr1_auth_asym_id 
_pdbx_struct_conn_angle.ptnr1_auth_comp_id 
_pdbx_struct_conn_angle.ptnr1_auth_seq_id 
_pdbx_struct_conn_angle.ptnr1_PDB_ins_code 
_pdbx_struct_conn_angle.ptnr1_symmetry 
_pdbx_struct_conn_angle.ptnr2_label_atom_id 
_pdbx_struct_conn_angle.ptnr2_label_alt_id 
_pdbx_struct_conn_angle.ptnr2_label_asym_id 
_pdbx_struct_conn_angle.ptnr2_label_comp_id 
_pdbx_struct_conn_angle.ptnr2_label_seq_id 
_pdbx_struct_conn_angle.ptnr2_auth_atom_id 
_pdbx_struct_conn_angle.ptnr2_auth_asym_id 
_pdbx_struct_conn_angle.ptnr2_auth_comp_id 
_pdbx_struct_conn_angle.ptnr2_auth_seq_id 
_pdbx_struct_conn_angle.ptnr2_PDB_ins_code 
_pdbx_struct_conn_angle.ptnr2_symmetry 
_pdbx_struct_conn_angle.ptnr3_label_atom_id 
_pdbx_struct_conn_angle.ptnr3_label_alt_id 
_pdbx_struct_conn_angle.ptnr3_label_asym_id 
_pdbx_struct_conn_angle.ptnr3_label_comp_id 
_pdbx_struct_conn_angle.ptnr3_label_seq_id 
_pdbx_struct_conn_angle.ptnr3_auth_atom_id 
_pdbx_struct_conn_angle.ptnr3_auth_asym_id 
_pdbx_struct_conn_angle.ptnr3_auth_comp_id 
_pdbx_struct_conn_angle.ptnr3_auth_seq_id 
_pdbx_struct_conn_angle.ptnr3_PDB_ins_code 
_pdbx_struct_conn_angle.ptnr3_symmetry 
_pdbx_struct_conn_angle.value 
_pdbx_struct_conn_angle.value_esd 
1  O2  ? A DT  7 ? A DT  107 ? 1_555 NA ? D NA . ? A NA 400 ? 1_555 O2 ? B DT  7 ? B DT  219 ? 1_555 80.1  ? 
2  O2  ? A DT  7 ? A DT  107 ? 1_555 NA ? D NA . ? A NA 400 ? 1_555 O  ? I HOH . ? B HOH 441 ? 1_555 113.7 ? 
3  O2  ? B DT  7 ? B DT  219 ? 1_555 NA ? D NA . ? A NA 400 ? 1_555 O  ? I HOH . ? B HOH 441 ? 1_555 96.6  ? 
4  O2  ? A DT  7 ? A DT  107 ? 1_555 NA ? D NA . ? A NA 400 ? 1_555 O  ? I HOH . ? B HOH 450 ? 1_555 94.0  ? 
5  O2  ? B DT  7 ? B DT  219 ? 1_555 NA ? D NA . ? A NA 400 ? 1_555 O  ? I HOH . ? B HOH 450 ? 1_555 109.9 ? 
6  O   ? I HOH . ? B HOH 441 ? 1_555 NA ? D NA . ? A NA 400 ? 1_555 O  ? I HOH . ? B HOH 450 ? 1_555 144.8 ? 
7  OP1 ? A DT  7 ? A DT  107 ? 1_555 NA ? E NA . ? A NA 401 ? 1_555 O  ? H HOH . ? A HOH 443 ? 1_555 106.6 ? 
8  O   ? H HOH . ? A HOH 407 ? 1_555 MG ? C MG . ? A MG 301 ? 1_555 O  ? H HOH . ? A HOH 408 ? 1_555 87.6  ? 
9  O   ? H HOH . ? A HOH 407 ? 1_555 MG ? C MG . ? A MG 301 ? 1_555 O  ? H HOH . ? A HOH 410 ? 1_555 93.0  ? 
10 O   ? H HOH . ? A HOH 408 ? 1_555 MG ? C MG . ? A MG 301 ? 1_555 O  ? H HOH . ? A HOH 410 ? 1_555 91.4  ? 
11 O   ? H HOH . ? A HOH 484 ? 1_555 NA ? F NA . ? A NA 402 ? 1_555 O  ? H HOH . ? A HOH 519 ? 1_555 103.7 ? 
12 OP1 ? B DC  3 ? B DC  215 ? 1_555 NA ? G NA . ? B NA 403 ? 1_555 O  ? I HOH . ? B HOH 533 ? 1_555 93.5  ? 
# 
loop_
_pdbx_audit_revision_history.ordinal 
_pdbx_audit_revision_history.data_content_type 
_pdbx_audit_revision_history.major_revision 
_pdbx_audit_revision_history.minor_revision 
_pdbx_audit_revision_history.revision_date 
1 'Structure model' 1 0 2011-08-31 
2 'Structure model' 1 1 2011-12-28 
3 'Structure model' 1 2 2017-11-08 
4 'Structure model' 1 3 2023-09-06 
# 
_pdbx_audit_revision_details.ordinal             1 
_pdbx_audit_revision_details.revision_ordinal    1 
_pdbx_audit_revision_details.data_content_type   'Structure model' 
_pdbx_audit_revision_details.provider            repository 
_pdbx_audit_revision_details.type                'Initial release' 
_pdbx_audit_revision_details.description         ? 
_pdbx_audit_revision_details.details             ? 
# 
loop_
_pdbx_audit_revision_group.ordinal 
_pdbx_audit_revision_group.revision_ordinal 
_pdbx_audit_revision_group.data_content_type 
_pdbx_audit_revision_group.group 
1 2 'Structure model' 'Database references'    
2 3 'Structure model' 'Refinement description' 
3 4 'Structure model' 'Data collection'        
4 4 'Structure model' 'Database references'    
5 4 'Structure model' 'Derived calculations'   
6 4 'Structure model' 'Refinement description' 
# 
loop_
_pdbx_audit_revision_category.ordinal 
_pdbx_audit_revision_category.revision_ordinal 
_pdbx_audit_revision_category.data_content_type 
_pdbx_audit_revision_category.category 
1 3 'Structure model' software                      
2 4 'Structure model' chem_comp_atom                
3 4 'Structure model' chem_comp_bond                
4 4 'Structure model' database_2                    
5 4 'Structure model' pdbx_initial_refinement_model 
6 4 'Structure model' pdbx_struct_conn_angle        
7 4 'Structure model' struct_conn                   
8 4 'Structure model' struct_site                   
# 
loop_
_pdbx_audit_revision_item.ordinal 
_pdbx_audit_revision_item.revision_ordinal 
_pdbx_audit_revision_item.data_content_type 
_pdbx_audit_revision_item.item 
1  4 'Structure model' '_database_2.pdbx_DOI'                        
2  4 'Structure model' '_database_2.pdbx_database_accession'         
3  4 'Structure model' '_pdbx_struct_conn_angle.ptnr1_auth_asym_id'  
4  4 'Structure model' '_pdbx_struct_conn_angle.ptnr1_auth_comp_id'  
5  4 'Structure model' '_pdbx_struct_conn_angle.ptnr1_auth_seq_id'   
6  4 'Structure model' '_pdbx_struct_conn_angle.ptnr1_label_asym_id' 
7  4 'Structure model' '_pdbx_struct_conn_angle.ptnr1_label_atom_id' 
8  4 'Structure model' '_pdbx_struct_conn_angle.ptnr1_label_comp_id' 
9  4 'Structure model' '_pdbx_struct_conn_angle.ptnr1_label_seq_id'  
10 4 'Structure model' '_pdbx_struct_conn_angle.ptnr2_auth_asym_id'  
11 4 'Structure model' '_pdbx_struct_conn_angle.ptnr2_auth_comp_id'  
12 4 'Structure model' '_pdbx_struct_conn_angle.ptnr2_auth_seq_id'   
13 4 'Structure model' '_pdbx_struct_conn_angle.ptnr2_label_asym_id' 
14 4 'Structure model' '_pdbx_struct_conn_angle.ptnr2_label_atom_id' 
15 4 'Structure model' '_pdbx_struct_conn_angle.ptnr2_label_comp_id' 
16 4 'Structure model' '_pdbx_struct_conn_angle.ptnr3_auth_asym_id'  
17 4 'Structure model' '_pdbx_struct_conn_angle.ptnr3_auth_comp_id'  
18 4 'Structure model' '_pdbx_struct_conn_angle.ptnr3_auth_seq_id'   
19 4 'Structure model' '_pdbx_struct_conn_angle.ptnr3_label_asym_id' 
20 4 'Structure model' '_pdbx_struct_conn_angle.ptnr3_label_atom_id' 
21 4 'Structure model' '_pdbx_struct_conn_angle.ptnr3_label_comp_id' 
22 4 'Structure model' '_pdbx_struct_conn_angle.ptnr3_label_seq_id'  
23 4 'Structure model' '_pdbx_struct_conn_angle.value'               
24 4 'Structure model' '_struct_conn.pdbx_dist_value'                
25 4 'Structure model' '_struct_conn.pdbx_leaving_atom_flag'         
26 4 'Structure model' '_struct_conn.ptnr1_auth_asym_id'             
27 4 'Structure model' '_struct_conn.ptnr1_auth_comp_id'             
28 4 'Structure model' '_struct_conn.ptnr1_auth_seq_id'              
29 4 'Structure model' '_struct_conn.ptnr1_label_asym_id'            
30 4 'Structure model' '_struct_conn.ptnr1_label_atom_id'            
31 4 'Structure model' '_struct_conn.ptnr1_label_comp_id'            
32 4 'Structure model' '_struct_conn.ptnr1_label_seq_id'             
33 4 'Structure model' '_struct_conn.ptnr2_auth_asym_id'             
34 4 'Structure model' '_struct_conn.ptnr2_auth_comp_id'             
35 4 'Structure model' '_struct_conn.ptnr2_auth_seq_id'              
36 4 'Structure model' '_struct_conn.ptnr2_label_asym_id'            
37 4 'Structure model' '_struct_conn.ptnr2_label_atom_id'            
38 4 'Structure model' '_struct_conn.ptnr2_label_comp_id'            
39 4 'Structure model' '_struct_conn.ptnr2_label_seq_id'             
40 4 'Structure model' '_struct_site.pdbx_auth_asym_id'              
41 4 'Structure model' '_struct_site.pdbx_auth_comp_id'              
42 4 'Structure model' '_struct_site.pdbx_auth_seq_id'               
# 
loop_
_software.name 
_software.classification 
_software.version 
_software.citation_id 
_software.pdbx_ordinal 
MAR345dtb 'data collection' .   ? 1 
MOLREP    phasing           .   ? 2 
REFMAC    refinement        5.0 ? 3 
HKL-2000  'data reduction'  .   ? 4 
HKL-2000  'data scaling'    .   ? 5 
# 
_pdbx_validate_close_contact.id               1 
_pdbx_validate_close_contact.PDB_model_num    1 
_pdbx_validate_close_contact.auth_atom_id_1   OP2 
_pdbx_validate_close_contact.auth_asym_id_1   A 
_pdbx_validate_close_contact.auth_comp_id_1   7DA 
_pdbx_validate_close_contact.auth_seq_id_1    106 
_pdbx_validate_close_contact.PDB_ins_code_1   ? 
_pdbx_validate_close_contact.label_alt_id_1   A 
_pdbx_validate_close_contact.auth_atom_id_2   O 
_pdbx_validate_close_contact.auth_asym_id_2   A 
_pdbx_validate_close_contact.auth_comp_id_2   HOH 
_pdbx_validate_close_contact.auth_seq_id_2    465 
_pdbx_validate_close_contact.PDB_ins_code_2   ? 
_pdbx_validate_close_contact.label_alt_id_2   ? 
_pdbx_validate_close_contact.dist             1.90 
# 
loop_
_pdbx_validate_rmsd_bond.id 
_pdbx_validate_rmsd_bond.PDB_model_num 
_pdbx_validate_rmsd_bond.auth_atom_id_1 
_pdbx_validate_rmsd_bond.auth_asym_id_1 
_pdbx_validate_rmsd_bond.auth_comp_id_1 
_pdbx_validate_rmsd_bond.auth_seq_id_1 
_pdbx_validate_rmsd_bond.PDB_ins_code_1 
_pdbx_validate_rmsd_bond.label_alt_id_1 
_pdbx_validate_rmsd_bond.auth_atom_id_2 
_pdbx_validate_rmsd_bond.auth_asym_id_2 
_pdbx_validate_rmsd_bond.auth_comp_id_2 
_pdbx_validate_rmsd_bond.auth_seq_id_2 
_pdbx_validate_rmsd_bond.PDB_ins_code_2 
_pdbx_validate_rmsd_bond.label_alt_id_2 
_pdbx_validate_rmsd_bond.bond_value 
_pdbx_validate_rmsd_bond.bond_target_value 
_pdbx_validate_rmsd_bond.bond_deviation 
_pdbx_validate_rmsd_bond.bond_standard_deviation 
_pdbx_validate_rmsd_bond.linker_flag 
1  1 "O3'" A DG  102 ? ? P     A DC  103 ? ? 1.500 1.607 -0.107 0.012 Y 
2  1 "O3'" A DC  103 ? A "C3'" A DC  103 ? ? 1.371 1.419 -0.048 0.006 N 
3  1 N3    A DG  104 ? A C4    A DG  104 ? A 1.405 1.350 0.055  0.007 N 
4  1 C4    A DG  104 ? A C5    A DG  104 ? A 1.328 1.379 -0.051 0.007 N 
5  1 C5    A DG  104 ? B C6    A DG  104 ? B 1.485 1.419 0.066  0.010 N 
6  1 C6    A DG  104 ? A N1    A DG  104 ? A 1.454 1.391 0.063  0.007 N 
7  1 C5    A DG  104 ? A N7    A DG  104 ? A 1.433 1.388 0.045  0.006 N 
8  1 C2    A DG  104 ? A N2    A DG  104 ? A 1.406 1.341 0.065  0.010 N 
9  1 C6    A DA  105 ? A N1    A DA  105 ? A 1.307 1.351 -0.044 0.007 N 
10 1 "O3'" A DA  105 ? A P     A 7DA 106 ? A 1.723 1.607 0.116  0.012 Y 
11 1 "O3'" A 7DA 106 ? B P     A DT  107 ? ? 1.511 1.607 -0.096 0.012 Y 
12 1 "C5'" A DG  112 ? ? "C4'" A DG  112 ? ? 1.591 1.512 0.079  0.007 N 
# 
loop_
_pdbx_validate_rmsd_angle.id 
_pdbx_validate_rmsd_angle.PDB_model_num 
_pdbx_validate_rmsd_angle.auth_atom_id_1 
_pdbx_validate_rmsd_angle.auth_asym_id_1 
_pdbx_validate_rmsd_angle.auth_comp_id_1 
_pdbx_validate_rmsd_angle.auth_seq_id_1 
_pdbx_validate_rmsd_angle.PDB_ins_code_1 
_pdbx_validate_rmsd_angle.label_alt_id_1 
_pdbx_validate_rmsd_angle.auth_atom_id_2 
_pdbx_validate_rmsd_angle.auth_asym_id_2 
_pdbx_validate_rmsd_angle.auth_comp_id_2 
_pdbx_validate_rmsd_angle.auth_seq_id_2 
_pdbx_validate_rmsd_angle.PDB_ins_code_2 
_pdbx_validate_rmsd_angle.label_alt_id_2 
_pdbx_validate_rmsd_angle.auth_atom_id_3 
_pdbx_validate_rmsd_angle.auth_asym_id_3 
_pdbx_validate_rmsd_angle.auth_comp_id_3 
_pdbx_validate_rmsd_angle.auth_seq_id_3 
_pdbx_validate_rmsd_angle.PDB_ins_code_3 
_pdbx_validate_rmsd_angle.label_alt_id_3 
_pdbx_validate_rmsd_angle.angle_value 
_pdbx_validate_rmsd_angle.angle_target_value 
_pdbx_validate_rmsd_angle.angle_deviation 
_pdbx_validate_rmsd_angle.angle_standard_deviation 
_pdbx_validate_rmsd_angle.linker_flag 
1  1 "O5'" A DG  104 ? A "C5'" A DG  104 ? A "C4'" A DG  104 ? A 102.95 109.40 -6.45  0.80 N 
2  1 C8    A DG  104 ? A N9    A DG  104 ? A C4    A DG  104 ? A 108.85 106.40 2.45   0.40 N 
3  1 C8    A DG  104 ? B N9    A DG  104 ? B C4    A DG  104 ? B 103.72 106.40 -2.68  0.40 N 
4  1 C5    A DG  104 ? A C6    A DG  104 ? A O6    A DG  104 ? A 124.65 128.60 -3.95  0.60 N 
5  1 "C3'" A DA  105 ? A "O3'" A DA  105 ? A P     A 7DA 106 ? A 101.02 119.70 -18.68 1.20 Y 
6  1 "O3'" A DA  105 ? A P     A 7DA 106 ? A OP2   A 7DA 106 ? A 126.13 110.50 15.63  1.10 Y 
7  1 "C3'" A 7DA 106 ? B "O3'" A 7DA 106 ? B P     A DT  107 ? ? 134.12 119.70 14.42  1.20 Y 
8  1 "O4'" A DG  110 ? ? "C1'" A DG  110 ? ? N9    A DG  110 ? ? 110.13 108.30 1.83   0.30 N 
9  1 "O4'" B DG  216 ? ? "C1'" B DG  216 ? ? N9    B DG  216 ? ? 112.39 108.30 4.09   0.30 N 
10 1 "C3'" B 7DA 218 ? ? "O3'" B 7DA 218 ? ? P     B DT  219 ? ? 129.12 119.70 9.42   1.20 Y 
# 
loop_
_pdbx_validate_planes.id 
_pdbx_validate_planes.PDB_model_num 
_pdbx_validate_planes.auth_comp_id 
_pdbx_validate_planes.auth_asym_id 
_pdbx_validate_planes.auth_seq_id 
_pdbx_validate_planes.PDB_ins_code 
_pdbx_validate_planes.label_alt_id 
_pdbx_validate_planes.rmsd 
_pdbx_validate_planes.type 
1 1 DC A 109 ? ? 0.063 'SIDE CHAIN' 
2 1 DC B 223 ? ? 0.092 'SIDE CHAIN' 
# 
loop_
_chem_comp_atom.comp_id 
_chem_comp_atom.atom_id 
_chem_comp_atom.type_symbol 
_chem_comp_atom.pdbx_aromatic_flag 
_chem_comp_atom.pdbx_stereo_config 
_chem_comp_atom.pdbx_ordinal 
7DA P      P  N N 1   
7DA OP1    O  N N 2   
7DA OP2    O  N N 3   
7DA "O5'"  O  N N 4   
7DA N9     N  Y N 5   
7DA C4     C  Y N 6   
7DA N3     N  Y N 7   
7DA C2     C  Y N 8   
7DA N1     N  Y N 9   
7DA C6     C  Y N 10  
7DA N6     N  N N 11  
7DA C5     C  Y N 12  
7DA C7     C  Y N 13  
7DA C8     C  Y N 14  
7DA "C2'"  C  N N 15  
7DA "C5'"  C  N N 16  
7DA "C4'"  C  N R 17  
7DA "O4'"  O  N N 18  
7DA "C1'"  C  N R 19  
7DA "C3'"  C  N S 20  
7DA "O3'"  O  N N 21  
7DA OP3    O  N N 22  
7DA HOP2   H  N N 23  
7DA H2     H  N N 24  
7DA HN61   H  N N 25  
7DA HN62   H  N N 26  
7DA H7     H  N N 27  
7DA H8     H  N N 28  
7DA "H2'"  H  N N 29  
7DA "H2''" H  N N 30  
7DA "H5'"  H  N N 31  
7DA "H5''" H  N N 32  
7DA "H4'"  H  N N 33  
7DA "H1'"  H  N N 34  
7DA H1     H  N N 35  
7DA "HO3'" H  N N 36  
7DA HOP3   H  N N 37  
DA  OP3    O  N N 38  
DA  P      P  N N 39  
DA  OP1    O  N N 40  
DA  OP2    O  N N 41  
DA  "O5'"  O  N N 42  
DA  "C5'"  C  N N 43  
DA  "C4'"  C  N R 44  
DA  "O4'"  O  N N 45  
DA  "C3'"  C  N S 46  
DA  "O3'"  O  N N 47  
DA  "C2'"  C  N N 48  
DA  "C1'"  C  N R 49  
DA  N9     N  Y N 50  
DA  C8     C  Y N 51  
DA  N7     N  Y N 52  
DA  C5     C  Y N 53  
DA  C6     C  Y N 54  
DA  N6     N  N N 55  
DA  N1     N  Y N 56  
DA  C2     C  Y N 57  
DA  N3     N  Y N 58  
DA  C4     C  Y N 59  
DA  HOP3   H  N N 60  
DA  HOP2   H  N N 61  
DA  "H5'"  H  N N 62  
DA  "H5''" H  N N 63  
DA  "H4'"  H  N N 64  
DA  "H3'"  H  N N 65  
DA  "HO3'" H  N N 66  
DA  "H2'"  H  N N 67  
DA  "H2''" H  N N 68  
DA  "H1'"  H  N N 69  
DA  H8     H  N N 70  
DA  H61    H  N N 71  
DA  H62    H  N N 72  
DA  H2     H  N N 73  
DC  OP3    O  N N 74  
DC  P      P  N N 75  
DC  OP1    O  N N 76  
DC  OP2    O  N N 77  
DC  "O5'"  O  N N 78  
DC  "C5'"  C  N N 79  
DC  "C4'"  C  N R 80  
DC  "O4'"  O  N N 81  
DC  "C3'"  C  N S 82  
DC  "O3'"  O  N N 83  
DC  "C2'"  C  N N 84  
DC  "C1'"  C  N R 85  
DC  N1     N  N N 86  
DC  C2     C  N N 87  
DC  O2     O  N N 88  
DC  N3     N  N N 89  
DC  C4     C  N N 90  
DC  N4     N  N N 91  
DC  C5     C  N N 92  
DC  C6     C  N N 93  
DC  HOP3   H  N N 94  
DC  HOP2   H  N N 95  
DC  "H5'"  H  N N 96  
DC  "H5''" H  N N 97  
DC  "H4'"  H  N N 98  
DC  "H3'"  H  N N 99  
DC  "HO3'" H  N N 100 
DC  "H2'"  H  N N 101 
DC  "H2''" H  N N 102 
DC  "H1'"  H  N N 103 
DC  H41    H  N N 104 
DC  H42    H  N N 105 
DC  H5     H  N N 106 
DC  H6     H  N N 107 
DG  OP3    O  N N 108 
DG  P      P  N N 109 
DG  OP1    O  N N 110 
DG  OP2    O  N N 111 
DG  "O5'"  O  N N 112 
DG  "C5'"  C  N N 113 
DG  "C4'"  C  N R 114 
DG  "O4'"  O  N N 115 
DG  "C3'"  C  N S 116 
DG  "O3'"  O  N N 117 
DG  "C2'"  C  N N 118 
DG  "C1'"  C  N R 119 
DG  N9     N  Y N 120 
DG  C8     C  Y N 121 
DG  N7     N  Y N 122 
DG  C5     C  Y N 123 
DG  C6     C  N N 124 
DG  O6     O  N N 125 
DG  N1     N  N N 126 
DG  C2     C  N N 127 
DG  N2     N  N N 128 
DG  N3     N  N N 129 
DG  C4     C  Y N 130 
DG  HOP3   H  N N 131 
DG  HOP2   H  N N 132 
DG  "H5'"  H  N N 133 
DG  "H5''" H  N N 134 
DG  "H4'"  H  N N 135 
DG  "H3'"  H  N N 136 
DG  "HO3'" H  N N 137 
DG  "H2'"  H  N N 138 
DG  "H2''" H  N N 139 
DG  "H1'"  H  N N 140 
DG  H8     H  N N 141 
DG  H1     H  N N 142 
DG  H21    H  N N 143 
DG  H22    H  N N 144 
DT  OP3    O  N N 145 
DT  P      P  N N 146 
DT  OP1    O  N N 147 
DT  OP2    O  N N 148 
DT  "O5'"  O  N N 149 
DT  "C5'"  C  N N 150 
DT  "C4'"  C  N R 151 
DT  "O4'"  O  N N 152 
DT  "C3'"  C  N S 153 
DT  "O3'"  O  N N 154 
DT  "C2'"  C  N N 155 
DT  "C1'"  C  N R 156 
DT  N1     N  N N 157 
DT  C2     C  N N 158 
DT  O2     O  N N 159 
DT  N3     N  N N 160 
DT  C4     C  N N 161 
DT  O4     O  N N 162 
DT  C5     C  N N 163 
DT  C7     C  N N 164 
DT  C6     C  N N 165 
DT  HOP3   H  N N 166 
DT  HOP2   H  N N 167 
DT  "H5'"  H  N N 168 
DT  "H5''" H  N N 169 
DT  "H4'"  H  N N 170 
DT  "H3'"  H  N N 171 
DT  "HO3'" H  N N 172 
DT  "H2'"  H  N N 173 
DT  "H2''" H  N N 174 
DT  "H1'"  H  N N 175 
DT  H3     H  N N 176 
DT  H71    H  N N 177 
DT  H72    H  N N 178 
DT  H73    H  N N 179 
DT  H6     H  N N 180 
HOH O      O  N N 181 
HOH H1     H  N N 182 
HOH H2     H  N N 183 
MG  MG     MG N N 184 
NA  NA     NA N N 185 
# 
loop_
_chem_comp_bond.comp_id 
_chem_comp_bond.atom_id_1 
_chem_comp_bond.atom_id_2 
_chem_comp_bond.value_order 
_chem_comp_bond.pdbx_aromatic_flag 
_chem_comp_bond.pdbx_stereo_config 
_chem_comp_bond.pdbx_ordinal 
7DA P     OP1    doub N N 1   
7DA P     OP2    sing N N 2   
7DA P     "O5'"  sing N N 3   
7DA P     OP3    sing N N 4   
7DA OP2   HOP2   sing N N 5   
7DA "O5'" "C5'"  sing N N 6   
7DA N9    C4     sing Y N 7   
7DA N9    C8     sing Y N 8   
7DA N9    "C1'"  sing N N 9   
7DA C4    N3     sing Y N 10  
7DA C4    C5     doub Y N 11  
7DA N3    C2     doub Y N 12  
7DA C2    N1     sing Y N 13  
7DA C2    H2     sing N N 14  
7DA N1    C6     doub Y N 15  
7DA C6    N6     sing N N 16  
7DA C6    C5     sing Y N 17  
7DA N6    HN61   sing N N 18  
7DA N6    HN62   sing N N 19  
7DA C5    C7     sing Y N 20  
7DA C7    C8     doub Y N 21  
7DA C7    H7     sing N N 22  
7DA C8    H8     sing N N 23  
7DA "C2'" "C1'"  sing N N 24  
7DA "C2'" "C3'"  sing N N 25  
7DA "C2'" "H2'"  sing N N 26  
7DA "C2'" "H2''" sing N N 27  
7DA "C5'" "C4'"  sing N N 28  
7DA "C5'" "H5'"  sing N N 29  
7DA "C5'" "H5''" sing N N 30  
7DA "C4'" "O4'"  sing N N 31  
7DA "C4'" "C3'"  sing N N 32  
7DA "C4'" "H4'"  sing N N 33  
7DA "O4'" "C1'"  sing N N 34  
7DA "C1'" "H1'"  sing N N 35  
7DA "C3'" "O3'"  sing N N 36  
7DA "C3'" H1     sing N N 37  
7DA "O3'" "HO3'" sing N N 38  
7DA OP3   HOP3   sing N N 39  
DA  OP3   P      sing N N 40  
DA  OP3   HOP3   sing N N 41  
DA  P     OP1    doub N N 42  
DA  P     OP2    sing N N 43  
DA  P     "O5'"  sing N N 44  
DA  OP2   HOP2   sing N N 45  
DA  "O5'" "C5'"  sing N N 46  
DA  "C5'" "C4'"  sing N N 47  
DA  "C5'" "H5'"  sing N N 48  
DA  "C5'" "H5''" sing N N 49  
DA  "C4'" "O4'"  sing N N 50  
DA  "C4'" "C3'"  sing N N 51  
DA  "C4'" "H4'"  sing N N 52  
DA  "O4'" "C1'"  sing N N 53  
DA  "C3'" "O3'"  sing N N 54  
DA  "C3'" "C2'"  sing N N 55  
DA  "C3'" "H3'"  sing N N 56  
DA  "O3'" "HO3'" sing N N 57  
DA  "C2'" "C1'"  sing N N 58  
DA  "C2'" "H2'"  sing N N 59  
DA  "C2'" "H2''" sing N N 60  
DA  "C1'" N9     sing N N 61  
DA  "C1'" "H1'"  sing N N 62  
DA  N9    C8     sing Y N 63  
DA  N9    C4     sing Y N 64  
DA  C8    N7     doub Y N 65  
DA  C8    H8     sing N N 66  
DA  N7    C5     sing Y N 67  
DA  C5    C6     sing Y N 68  
DA  C5    C4     doub Y N 69  
DA  C6    N6     sing N N 70  
DA  C6    N1     doub Y N 71  
DA  N6    H61    sing N N 72  
DA  N6    H62    sing N N 73  
DA  N1    C2     sing Y N 74  
DA  C2    N3     doub Y N 75  
DA  C2    H2     sing N N 76  
DA  N3    C4     sing Y N 77  
DC  OP3   P      sing N N 78  
DC  OP3   HOP3   sing N N 79  
DC  P     OP1    doub N N 80  
DC  P     OP2    sing N N 81  
DC  P     "O5'"  sing N N 82  
DC  OP2   HOP2   sing N N 83  
DC  "O5'" "C5'"  sing N N 84  
DC  "C5'" "C4'"  sing N N 85  
DC  "C5'" "H5'"  sing N N 86  
DC  "C5'" "H5''" sing N N 87  
DC  "C4'" "O4'"  sing N N 88  
DC  "C4'" "C3'"  sing N N 89  
DC  "C4'" "H4'"  sing N N 90  
DC  "O4'" "C1'"  sing N N 91  
DC  "C3'" "O3'"  sing N N 92  
DC  "C3'" "C2'"  sing N N 93  
DC  "C3'" "H3'"  sing N N 94  
DC  "O3'" "HO3'" sing N N 95  
DC  "C2'" "C1'"  sing N N 96  
DC  "C2'" "H2'"  sing N N 97  
DC  "C2'" "H2''" sing N N 98  
DC  "C1'" N1     sing N N 99  
DC  "C1'" "H1'"  sing N N 100 
DC  N1    C2     sing N N 101 
DC  N1    C6     sing N N 102 
DC  C2    O2     doub N N 103 
DC  C2    N3     sing N N 104 
DC  N3    C4     doub N N 105 
DC  C4    N4     sing N N 106 
DC  C4    C5     sing N N 107 
DC  N4    H41    sing N N 108 
DC  N4    H42    sing N N 109 
DC  C5    C6     doub N N 110 
DC  C5    H5     sing N N 111 
DC  C6    H6     sing N N 112 
DG  OP3   P      sing N N 113 
DG  OP3   HOP3   sing N N 114 
DG  P     OP1    doub N N 115 
DG  P     OP2    sing N N 116 
DG  P     "O5'"  sing N N 117 
DG  OP2   HOP2   sing N N 118 
DG  "O5'" "C5'"  sing N N 119 
DG  "C5'" "C4'"  sing N N 120 
DG  "C5'" "H5'"  sing N N 121 
DG  "C5'" "H5''" sing N N 122 
DG  "C4'" "O4'"  sing N N 123 
DG  "C4'" "C3'"  sing N N 124 
DG  "C4'" "H4'"  sing N N 125 
DG  "O4'" "C1'"  sing N N 126 
DG  "C3'" "O3'"  sing N N 127 
DG  "C3'" "C2'"  sing N N 128 
DG  "C3'" "H3'"  sing N N 129 
DG  "O3'" "HO3'" sing N N 130 
DG  "C2'" "C1'"  sing N N 131 
DG  "C2'" "H2'"  sing N N 132 
DG  "C2'" "H2''" sing N N 133 
DG  "C1'" N9     sing N N 134 
DG  "C1'" "H1'"  sing N N 135 
DG  N9    C8     sing Y N 136 
DG  N9    C4     sing Y N 137 
DG  C8    N7     doub Y N 138 
DG  C8    H8     sing N N 139 
DG  N7    C5     sing Y N 140 
DG  C5    C6     sing N N 141 
DG  C5    C4     doub Y N 142 
DG  C6    O6     doub N N 143 
DG  C6    N1     sing N N 144 
DG  N1    C2     sing N N 145 
DG  N1    H1     sing N N 146 
DG  C2    N2     sing N N 147 
DG  C2    N3     doub N N 148 
DG  N2    H21    sing N N 149 
DG  N2    H22    sing N N 150 
DG  N3    C4     sing N N 151 
DT  OP3   P      sing N N 152 
DT  OP3   HOP3   sing N N 153 
DT  P     OP1    doub N N 154 
DT  P     OP2    sing N N 155 
DT  P     "O5'"  sing N N 156 
DT  OP2   HOP2   sing N N 157 
DT  "O5'" "C5'"  sing N N 158 
DT  "C5'" "C4'"  sing N N 159 
DT  "C5'" "H5'"  sing N N 160 
DT  "C5'" "H5''" sing N N 161 
DT  "C4'" "O4'"  sing N N 162 
DT  "C4'" "C3'"  sing N N 163 
DT  "C4'" "H4'"  sing N N 164 
DT  "O4'" "C1'"  sing N N 165 
DT  "C3'" "O3'"  sing N N 166 
DT  "C3'" "C2'"  sing N N 167 
DT  "C3'" "H3'"  sing N N 168 
DT  "O3'" "HO3'" sing N N 169 
DT  "C2'" "C1'"  sing N N 170 
DT  "C2'" "H2'"  sing N N 171 
DT  "C2'" "H2''" sing N N 172 
DT  "C1'" N1     sing N N 173 
DT  "C1'" "H1'"  sing N N 174 
DT  N1    C2     sing N N 175 
DT  N1    C6     sing N N 176 
DT  C2    O2     doub N N 177 
DT  C2    N3     sing N N 178 
DT  N3    C4     sing N N 179 
DT  N3    H3     sing N N 180 
DT  C4    O4     doub N N 181 
DT  C4    C5     sing N N 182 
DT  C5    C7     sing N N 183 
DT  C5    C6     doub N N 184 
DT  C7    H71    sing N N 185 
DT  C7    H72    sing N N 186 
DT  C7    H73    sing N N 187 
DT  C6    H6     sing N N 188 
HOH O     H1     sing N N 189 
HOH O     H2     sing N N 190 
# 
_ndb_struct_conf_na.entry_id   3OPI 
_ndb_struct_conf_na.feature    'b-form double helix' 
# 
loop_
_ndb_struct_na_base_pair.model_number 
_ndb_struct_na_base_pair.i_label_asym_id 
_ndb_struct_na_base_pair.i_label_comp_id 
_ndb_struct_na_base_pair.i_label_seq_id 
_ndb_struct_na_base_pair.i_symmetry 
_ndb_struct_na_base_pair.j_label_asym_id 
_ndb_struct_na_base_pair.j_label_comp_id 
_ndb_struct_na_base_pair.j_label_seq_id 
_ndb_struct_na_base_pair.j_symmetry 
_ndb_struct_na_base_pair.shear 
_ndb_struct_na_base_pair.stretch 
_ndb_struct_na_base_pair.stagger 
_ndb_struct_na_base_pair.buckle 
_ndb_struct_na_base_pair.propeller 
_ndb_struct_na_base_pair.opening 
_ndb_struct_na_base_pair.pair_number 
_ndb_struct_na_base_pair.pair_name 
_ndb_struct_na_base_pair.i_auth_asym_id 
_ndb_struct_na_base_pair.i_auth_seq_id 
_ndb_struct_na_base_pair.i_PDB_ins_code 
_ndb_struct_na_base_pair.j_auth_asym_id 
_ndb_struct_na_base_pair.j_auth_seq_id 
_ndb_struct_na_base_pair.j_PDB_ins_code 
_ndb_struct_na_base_pair.hbond_type_28 
_ndb_struct_na_base_pair.hbond_type_12 
1 A DC  1  1_555 B DG  12 1_555 0.274  -0.145 0.059  5.118   -15.612 -0.284 1  A_DC101:DG224_B  A 101 ? B 224 ? 19 1 
1 A DG  2  1_555 B DC  11 1_555 -0.233 -0.200 0.420  6.356   -15.185 -2.205 2  A_DG102:DC223_B  A 102 ? B 223 ? 19 1 
1 A DC  3  1_555 B DG  10 1_555 0.175  -0.149 0.087  -2.709  -5.941  -0.342 3  A_DC103:DG222_B  A 103 ? B 222 ? 19 1 
1 A DG  4  1_555 B DC  9  1_555 -0.477 -0.227 0.010  12.007  -8.337  -6.251 4  A_DG104:DC221_B  A 104 ? B 221 ? 19 1 
1 A DA  5  1_555 B DT  8  1_555 0.322  -0.223 0.046  5.961   -16.855 2.905  5  A_DA105:DT220_B  A 105 ? B 220 ? 20 1 
1 A 7DA 6  1_555 B DT  7  1_555 0.223  -0.077 0.116  1.973   -17.651 7.957  6  A_7DA106:DT219_B A 106 ? B 219 ? 20 1 
1 A DT  7  1_555 B 7DA 6  1_555 -0.031 -0.078 0.060  0.245   -16.383 4.319  7  A_DT107:7DA218_B A 107 ? B 218 ? 20 1 
1 A DT  8  1_555 B DA  5  1_555 -0.041 -0.144 -0.079 -0.650  -12.674 3.991  8  A_DT108:DA217_B  A 108 ? B 217 ? 20 1 
1 A DC  9  1_555 B DG  4  1_555 0.216  -0.132 0.049  -12.123 -8.447  -1.583 9  A_DC109:DG216_B  A 109 ? B 216 ? 19 1 
1 A DG  10 1_555 B DC  3  1_555 -0.108 -0.105 0.188  4.237   -9.776  1.917  10 A_DG110:DC215_B  A 110 ? B 215 ? 19 1 
1 A DC  11 1_555 B DG  2  1_555 0.143  -0.182 0.175  1.597   -16.986 -2.036 11 A_DC111:DG214_B  A 111 ? B 214 ? 19 1 
1 A DG  12 1_555 B DC  1  1_555 -0.305 -0.126 0.209  4.882   -3.400  -1.467 12 A_DG112:DC213_B  A 112 ? B 213 ? 19 1 
# 
loop_
_ndb_struct_na_base_pair_step.model_number 
_ndb_struct_na_base_pair_step.i_label_asym_id_1 
_ndb_struct_na_base_pair_step.i_label_comp_id_1 
_ndb_struct_na_base_pair_step.i_label_seq_id_1 
_ndb_struct_na_base_pair_step.i_symmetry_1 
_ndb_struct_na_base_pair_step.j_label_asym_id_1 
_ndb_struct_na_base_pair_step.j_label_comp_id_1 
_ndb_struct_na_base_pair_step.j_label_seq_id_1 
_ndb_struct_na_base_pair_step.j_symmetry_1 
_ndb_struct_na_base_pair_step.i_label_asym_id_2 
_ndb_struct_na_base_pair_step.i_label_comp_id_2 
_ndb_struct_na_base_pair_step.i_label_seq_id_2 
_ndb_struct_na_base_pair_step.i_symmetry_2 
_ndb_struct_na_base_pair_step.j_label_asym_id_2 
_ndb_struct_na_base_pair_step.j_label_comp_id_2 
_ndb_struct_na_base_pair_step.j_label_seq_id_2 
_ndb_struct_na_base_pair_step.j_symmetry_2 
_ndb_struct_na_base_pair_step.shift 
_ndb_struct_na_base_pair_step.slide 
_ndb_struct_na_base_pair_step.rise 
_ndb_struct_na_base_pair_step.tilt 
_ndb_struct_na_base_pair_step.roll 
_ndb_struct_na_base_pair_step.twist 
_ndb_struct_na_base_pair_step.x_displacement 
_ndb_struct_na_base_pair_step.y_displacement 
_ndb_struct_na_base_pair_step.helical_rise 
_ndb_struct_na_base_pair_step.inclination 
_ndb_struct_na_base_pair_step.tip 
_ndb_struct_na_base_pair_step.helical_twist 
_ndb_struct_na_base_pair_step.step_number 
_ndb_struct_na_base_pair_step.step_name 
_ndb_struct_na_base_pair_step.i_auth_asym_id_1 
_ndb_struct_na_base_pair_step.i_auth_seq_id_1 
_ndb_struct_na_base_pair_step.i_PDB_ins_code_1 
_ndb_struct_na_base_pair_step.j_auth_asym_id_1 
_ndb_struct_na_base_pair_step.j_auth_seq_id_1 
_ndb_struct_na_base_pair_step.j_PDB_ins_code_1 
_ndb_struct_na_base_pair_step.i_auth_asym_id_2 
_ndb_struct_na_base_pair_step.i_auth_seq_id_2 
_ndb_struct_na_base_pair_step.i_PDB_ins_code_2 
_ndb_struct_na_base_pair_step.j_auth_asym_id_2 
_ndb_struct_na_base_pair_step.j_auth_seq_id_2 
_ndb_struct_na_base_pair_step.j_PDB_ins_code_2 
1 A DC  1  1_555 B DG  12 1_555 A DG  2  1_555 B DC  11 1_555 0.063  0.122  3.240 -2.474 8.174   33.709 -1.039 -0.482 3.170 13.822 
4.183  34.744 1  AA_DC101DG102:DC223DG224_BB   A 101 ? B 224 ? A 102 ? B 223 ? 
1 A DG  2  1_555 B DC  11 1_555 A DC  3  1_555 B DG  10 1_555 0.583  0.649  3.555 2.921  -8.130  43.464 1.677  -0.481 3.416 
-10.850 -3.898 44.273 2  AA_DG102DC103:DG222DC223_BB   A 102 ? B 223 ? A 103 ? B 222 ? 
1 A DC  3  1_555 B DG  10 1_555 A DG  4  1_555 B DC  9  1_555 -0.248 0.494  3.040 -0.251 10.071  21.779 -1.958 0.519  2.973 25.004 
0.623  23.971 3  AA_DC103DG104:DC221DG222_BB   A 103 ? B 222 ? A 104 ? B 221 ? 
1 A DG  4  1_555 B DC  9  1_555 A DA  5  1_555 B DT  8  1_555 0.160  -0.147 3.436 -0.346 1.872   39.251 -0.452 -0.281 3.424 2.785 
0.515  39.295 4  AA_DG104DA105:DT220DC221_BB   A 104 ? B 221 ? A 105 ? B 220 ? 
1 A DA  5  1_555 B DT  8  1_555 A 7DA 6  1_555 B DT  7  1_555 -0.042 -0.135 3.299 -0.224 1.611   38.649 -0.403 0.035  3.292 2.433 
0.338  38.682 5  AA_DA1057DA106:DT219DT220_BB  A 105 ? B 220 ? A 106 ? B 219 ? 
1 A 7DA 6  1_555 B DT  7  1_555 A DT  7  1_555 B 7DA 6  1_555 -0.005 -0.563 3.254 0.127  -2.287  32.485 -0.605 0.030  3.285 -4.082 
-0.227 32.563 6  AA_7DA106DT107:7DA218DT219_BB A 106 ? B 219 ? A 107 ? B 218 ? 
1 A DT  7  1_555 B 7DA 6  1_555 A DT  8  1_555 B DA  5  1_555 -0.116 -0.441 3.227 1.057  -0.770  33.123 -0.646 0.379  3.231 -1.350 
-1.852 33.148 7  AA_DT107DT108:DA2177DA218_BB  A 107 ? B 218 ? A 108 ? B 217 ? 
1 A DT  8  1_555 B DA  5  1_555 A DC  9  1_555 B DG  4  1_555 -0.275 -0.306 3.503 -0.078 -1.140  43.049 -0.296 0.366  3.510 -1.553 
0.106  43.064 8  AA_DT108DC109:DG216DA217_BB   A 108 ? B 217 ? A 109 ? B 216 ? 
1 A DC  9  1_555 B DG  4  1_555 A DG  10 1_555 B DC  3  1_555 0.566  0.695  3.022 -2.834 4.695   24.943 0.321  -2.035 3.018 10.705 
6.461  25.529 9  AA_DC109DG110:DC215DG216_BB   A 109 ? B 216 ? A 110 ? B 215 ? 
1 A DG  10 1_555 B DC  3  1_555 A DC  11 1_555 B DG  2  1_555 -1.243 0.544  3.380 -3.151 -10.243 42.816 1.718  1.351  3.252 
-13.775 4.237  44.075 10 AA_DG110DC111:DG214DC215_BB   A 110 ? B 215 ? A 111 ? B 214 ? 
1 A DC  11 1_555 B DG  2  1_555 A DG  12 1_555 B DC  1  1_555 -0.281 0.255  3.175 -1.291 5.853   32.752 -0.511 0.280  3.180 10.272 
2.267  33.281 11 AA_DC111DG112:DC213DG214_BB   A 111 ? B 214 ? A 112 ? B 213 ? 
# 
loop_
_pdbx_entity_nonpoly.entity_id 
_pdbx_entity_nonpoly.name 
_pdbx_entity_nonpoly.comp_id 
2 'MAGNESIUM ION' MG  
3 'SODIUM ION'    NA  
4 water           HOH 
# 
_pdbx_initial_refinement_model.id               1 
_pdbx_initial_refinement_model.entity_id_list   ? 
_pdbx_initial_refinement_model.type             'experimental model' 
_pdbx_initial_refinement_model.source_name      PDB 
_pdbx_initial_refinement_model.accession_code   355D 
_pdbx_initial_refinement_model.details          'PDB ENTRY 355D' 
# 
